data_4J2S
# 
_entry.id   4J2S 
# 
_audit_conform.dict_name       mmcif_pdbx.dic 
_audit_conform.dict_version    5.379 
_audit_conform.dict_location   http://mmcif.pdb.org/dictionaries/ascii/mmcif_pdbx.dic 
# 
loop_
_database_2.database_id 
_database_2.database_code 
_database_2.pdbx_database_accession 
_database_2.pdbx_DOI 
PDB   4J2S         pdb_00004j2s 10.2210/pdb4j2s/pdb 
RCSB  RCSB077523   ?            ?                   
WWPDB D_1000077523 ?            ?                   
# 
loop_
_pdbx_database_related.db_name 
_pdbx_database_related.db_id 
_pdbx_database_related.details 
_pdbx_database_related.content_type 
PDB 4ION 'Same protein, different crystal form'                      unspecified 
PDB 4IYB 'Same protein, different crystal form, soak with galactose' unspecified 
PDB 4IZX 'Same protein, cocrystallization with lactose'              unspecified 
# 
_pdbx_database_status.entry_id                        4J2S 
_pdbx_database_status.deposit_site                    RCSB 
_pdbx_database_status.process_site                    RCSB 
_pdbx_database_status.recvd_initial_deposition_date   2013-02-05 
_pdbx_database_status.status_code                     REL 
_pdbx_database_status.status_code_sf                  REL 
_pdbx_database_status.status_code_mr                  ? 
_pdbx_database_status.SG_entry                        ? 
_pdbx_database_status.status_code_cs                  ? 
_pdbx_database_status.methods_development_category    ? 
_pdbx_database_status.pdb_format_compatible           Y 
_pdbx_database_status.status_code_nmr_data            ? 
# 
loop_
_audit_author.name 
_audit_author.pdbx_ordinal 
'Renko, M.'    1 
'Zurga, S.'    2 
'Sabotic, J.'  3 
'Pohleven, J.' 4 
'Kos, J.'      5 
'Turk, D.'     6 
# 
_citation.id                        primary 
_citation.title                     'Macrolepiota procera ricin B-like lectin (MPL) in complex with Di-LacNAc' 
_citation.journal_abbrev            'To be Published' 
_citation.journal_volume            ? 
_citation.page_first                ? 
_citation.page_last                 ? 
_citation.year                      ? 
_citation.journal_id_ASTM           ? 
_citation.country                   ? 
_citation.journal_id_ISSN           ? 
_citation.journal_id_CSD            0353 
_citation.book_publisher            ? 
_citation.pdbx_database_id_PubMed   ? 
_citation.pdbx_database_id_DOI      ? 
# 
loop_
_citation_author.citation_id 
_citation_author.name 
_citation_author.ordinal 
_citation_author.identifier_ORCID 
primary 'Renko, M.'    1 ? 
primary 'Zurga, S.'    2 ? 
primary 'Sabotic, J.'  3 ? 
primary 'Pohleven, J.' 4 ? 
primary 'Kos, J.'      5 ? 
primary 'Turk, D.'     6 ? 
# 
_cell.length_a           33.737 
_cell.length_b           56.458 
_cell.length_c           61.279 
_cell.angle_alpha        90.000 
_cell.angle_beta         90.000 
_cell.angle_gamma        90.000 
_cell.entry_id           4J2S 
_cell.pdbx_unique_axis   ? 
_cell.Z_PDB              4 
_cell.length_a_esd       ? 
_cell.length_b_esd       ? 
_cell.length_c_esd       ? 
_cell.angle_alpha_esd    ? 
_cell.angle_beta_esd     ? 
_cell.angle_gamma_esd    ? 
# 
_symmetry.space_group_name_H-M             'P 21 21 21' 
_symmetry.entry_id                         4J2S 
_symmetry.Int_Tables_number                19 
_symmetry.pdbx_full_space_group_name_H-M   ? 
_symmetry.cell_setting                     ? 
_symmetry.space_group_name_Hall            ? 
# 
loop_
_entity.id 
_entity.type 
_entity.src_method 
_entity.pdbx_description 
_entity.formula_weight 
_entity.pdbx_number_of_molecules 
_entity.pdbx_ec 
_entity.pdbx_mutation 
_entity.pdbx_fragment 
_entity.details 
1 polymer     man 'Ricin B-like lectin'                                                            15802.239 1   ? ? ? ? 
2 branched    man 'beta-D-galactopyranose-(1-4)-methyl 2-acetamido-2-deoxy-beta-D-glucopyranoside' 397.375   1   ? ? ? ? 
3 non-polymer syn BENZAMIDINE                                                                      120.152   1   ? ? ? ? 
4 water       nat water                                                                            18.015    186 ? ? ? ? 
# 
_entity_poly.entity_id                      1 
_entity_poly.type                           'polypeptide(L)' 
_entity_poly.nstd_linkage                   no 
_entity_poly.nstd_monomer                   no 
_entity_poly.pdbx_seq_one_letter_code       
;STQVSSGQTYKITNVKAGTVIDLSGEDNKSIIGYPYHSGKNQQWTFNWTGKAWTLRSASSGSYLGIEGTPADGTRLVAVN
DPFEWHIWRDEANENAFRIFVPFTNYNLDLSGYGDTTPGTPVQLWWTWEGLHQTWTIDRP
;
_entity_poly.pdbx_seq_one_letter_code_can   
;STQVSSGQTYKITNVKAGTVIDLSGEDNKSIIGYPYHSGKNQQWTFNWTGKAWTLRSASSGSYLGIEGTPADGTRLVAVN
DPFEWHIWRDEANENAFRIFVPFTNYNLDLSGYGDTTPGTPVQLWWTWEGLHQTWTIDRP
;
_entity_poly.pdbx_strand_id                 A 
_entity_poly.pdbx_target_identifier         ? 
# 
loop_
_entity_poly_seq.entity_id 
_entity_poly_seq.num 
_entity_poly_seq.mon_id 
_entity_poly_seq.hetero 
1 1   SER n 
1 2   THR n 
1 3   GLN n 
1 4   VAL n 
1 5   SER n 
1 6   SER n 
1 7   GLY n 
1 8   GLN n 
1 9   THR n 
1 10  TYR n 
1 11  LYS n 
1 12  ILE n 
1 13  THR n 
1 14  ASN n 
1 15  VAL n 
1 16  LYS n 
1 17  ALA n 
1 18  GLY n 
1 19  THR n 
1 20  VAL n 
1 21  ILE n 
1 22  ASP n 
1 23  LEU n 
1 24  SER n 
1 25  GLY n 
1 26  GLU n 
1 27  ASP n 
1 28  ASN n 
1 29  LYS n 
1 30  SER n 
1 31  ILE n 
1 32  ILE n 
1 33  GLY n 
1 34  TYR n 
1 35  PRO n 
1 36  TYR n 
1 37  HIS n 
1 38  SER n 
1 39  GLY n 
1 40  LYS n 
1 41  ASN n 
1 42  GLN n 
1 43  GLN n 
1 44  TRP n 
1 45  THR n 
1 46  PHE n 
1 47  ASN n 
1 48  TRP n 
1 49  THR n 
1 50  GLY n 
1 51  LYS n 
1 52  ALA n 
1 53  TRP n 
1 54  THR n 
1 55  LEU n 
1 56  ARG n 
1 57  SER n 
1 58  ALA n 
1 59  SER n 
1 60  SER n 
1 61  GLY n 
1 62  SER n 
1 63  TYR n 
1 64  LEU n 
1 65  GLY n 
1 66  ILE n 
1 67  GLU n 
1 68  GLY n 
1 69  THR n 
1 70  PRO n 
1 71  ALA n 
1 72  ASP n 
1 73  GLY n 
1 74  THR n 
1 75  ARG n 
1 76  LEU n 
1 77  VAL n 
1 78  ALA n 
1 79  VAL n 
1 80  ASN n 
1 81  ASP n 
1 82  PRO n 
1 83  PHE n 
1 84  GLU n 
1 85  TRP n 
1 86  HIS n 
1 87  ILE n 
1 88  TRP n 
1 89  ARG n 
1 90  ASP n 
1 91  GLU n 
1 92  ALA n 
1 93  ASN n 
1 94  GLU n 
1 95  ASN n 
1 96  ALA n 
1 97  PHE n 
1 98  ARG n 
1 99  ILE n 
1 100 PHE n 
1 101 VAL n 
1 102 PRO n 
1 103 PHE n 
1 104 THR n 
1 105 ASN n 
1 106 TYR n 
1 107 ASN n 
1 108 LEU n 
1 109 ASP n 
1 110 LEU n 
1 111 SER n 
1 112 GLY n 
1 113 TYR n 
1 114 GLY n 
1 115 ASP n 
1 116 THR n 
1 117 THR n 
1 118 PRO n 
1 119 GLY n 
1 120 THR n 
1 121 PRO n 
1 122 VAL n 
1 123 GLN n 
1 124 LEU n 
1 125 TRP n 
1 126 TRP n 
1 127 THR n 
1 128 TRP n 
1 129 GLU n 
1 130 GLY n 
1 131 LEU n 
1 132 HIS n 
1 133 GLN n 
1 134 THR n 
1 135 TRP n 
1 136 THR n 
1 137 ILE n 
1 138 ASP n 
1 139 ARG n 
1 140 PRO n 
# 
_entity_src_gen.entity_id                          1 
_entity_src_gen.pdbx_src_id                        1 
_entity_src_gen.pdbx_alt_source_flag               sample 
_entity_src_gen.pdbx_seq_type                      ? 
_entity_src_gen.pdbx_beg_seq_num                   ? 
_entity_src_gen.pdbx_end_seq_num                   ? 
_entity_src_gen.gene_src_common_name               'parasol mushroom' 
_entity_src_gen.gene_src_genus                     ? 
_entity_src_gen.pdbx_gene_src_gene                 ? 
_entity_src_gen.gene_src_species                   ? 
_entity_src_gen.gene_src_strain                    ? 
_entity_src_gen.gene_src_tissue                    ? 
_entity_src_gen.gene_src_tissue_fraction           ? 
_entity_src_gen.gene_src_details                   ? 
_entity_src_gen.pdbx_gene_src_fragment             ? 
_entity_src_gen.pdbx_gene_src_scientific_name      'Macrolepiota procera' 
_entity_src_gen.pdbx_gene_src_ncbi_taxonomy_id     56183 
_entity_src_gen.pdbx_gene_src_variant              ? 
_entity_src_gen.pdbx_gene_src_cell_line            ? 
_entity_src_gen.pdbx_gene_src_atcc                 ? 
_entity_src_gen.pdbx_gene_src_organ                ? 
_entity_src_gen.pdbx_gene_src_organelle            ? 
_entity_src_gen.pdbx_gene_src_cell                 ? 
_entity_src_gen.pdbx_gene_src_cellular_location    ? 
_entity_src_gen.host_org_common_name               ? 
_entity_src_gen.pdbx_host_org_scientific_name      'Escherichia coli' 
_entity_src_gen.pdbx_host_org_ncbi_taxonomy_id     469008 
_entity_src_gen.host_org_genus                     ? 
_entity_src_gen.pdbx_host_org_gene                 ? 
_entity_src_gen.pdbx_host_org_organ                ? 
_entity_src_gen.host_org_species                   ? 
_entity_src_gen.pdbx_host_org_tissue               ? 
_entity_src_gen.pdbx_host_org_tissue_fraction      ? 
_entity_src_gen.pdbx_host_org_strain               'BL21(DE3)' 
_entity_src_gen.pdbx_host_org_variant              ? 
_entity_src_gen.pdbx_host_org_cell_line            ? 
_entity_src_gen.pdbx_host_org_atcc                 ? 
_entity_src_gen.pdbx_host_org_culture_collection   ? 
_entity_src_gen.pdbx_host_org_cell                 ? 
_entity_src_gen.pdbx_host_org_organelle            ? 
_entity_src_gen.pdbx_host_org_cellular_location    ? 
_entity_src_gen.pdbx_host_org_vector_type          plasmid 
_entity_src_gen.pdbx_host_org_vector               ? 
_entity_src_gen.host_org_details                   ? 
_entity_src_gen.expression_system_id               ? 
_entity_src_gen.plasmid_name                       pET11a 
_entity_src_gen.plasmid_details                    ? 
_entity_src_gen.pdbx_description                   ? 
# 
_struct_ref.id                         1 
_struct_ref.db_name                    UNP 
_struct_ref.db_code                    F6KMV5_MACPC 
_struct_ref.pdbx_db_accession          F6KMV5 
_struct_ref.entity_id                  1 
_struct_ref.pdbx_seq_one_letter_code   
;STQVSSGQTYKITNVKAGTVIDLSGEDNKSIIGYPYHSGKNQQWTFNWTGKAWTLRSASSGSYLGIEGTPADGTRLVAVN
DPFEWHIWRDEANENAFRIFVPFTNYNLDLSGYGDTTPGTPVQLWWTWEGLHQTWTIDRP
;
_struct_ref.pdbx_align_begin           2 
_struct_ref.pdbx_db_isoform            ? 
# 
_struct_ref_seq.align_id                      1 
_struct_ref_seq.ref_id                        1 
_struct_ref_seq.pdbx_PDB_id_code              4J2S 
_struct_ref_seq.pdbx_strand_id                A 
_struct_ref_seq.seq_align_beg                 1 
_struct_ref_seq.pdbx_seq_align_beg_ins_code   ? 
_struct_ref_seq.seq_align_end                 140 
_struct_ref_seq.pdbx_seq_align_end_ins_code   ? 
_struct_ref_seq.pdbx_db_accession             F6KMV5 
_struct_ref_seq.db_align_beg                  2 
_struct_ref_seq.pdbx_db_align_beg_ins_code    ? 
_struct_ref_seq.db_align_end                  141 
_struct_ref_seq.pdbx_db_align_end_ins_code    ? 
_struct_ref_seq.pdbx_auth_seq_align_beg       1 
_struct_ref_seq.pdbx_auth_seq_align_end       140 
# 
loop_
_chem_comp.id 
_chem_comp.type 
_chem_comp.mon_nstd_flag 
_chem_comp.name 
_chem_comp.pdbx_synonyms 
_chem_comp.formula 
_chem_comp.formula_weight 
ALA 'L-peptide linking'          y ALANINE                                             ? 'C3 H7 N O2'     89.093  
ARG 'L-peptide linking'          y ARGININE                                            ? 'C6 H15 N4 O2 1' 175.209 
ASN 'L-peptide linking'          y ASPARAGINE                                          ? 'C4 H8 N2 O3'    132.118 
ASP 'L-peptide linking'          y 'ASPARTIC ACID'                                     ? 'C4 H7 N O4'     133.103 
BEN non-polymer                  . BENZAMIDINE                                         ? 'C7 H8 N2'       120.152 
GAL 'D-saccharide, beta linking' . beta-D-galactopyranose                              'beta-D-galactose; D-galactose; galactose' 
'C6 H12 O6'      180.156 
GLN 'L-peptide linking'          y GLUTAMINE                                           ? 'C5 H10 N2 O3'   146.144 
GLU 'L-peptide linking'          y 'GLUTAMIC ACID'                                     ? 'C5 H9 N O4'     147.129 
GLY 'peptide linking'            y GLYCINE                                             ? 'C2 H5 N O2'     75.067  
HIS 'L-peptide linking'          y HISTIDINE                                           ? 'C6 H10 N3 O2 1' 156.162 
HOH non-polymer                  . WATER                                               ? 'H2 O'           18.015  
ILE 'L-peptide linking'          y ISOLEUCINE                                          ? 'C6 H13 N O2'    131.173 
LEU 'L-peptide linking'          y LEUCINE                                             ? 'C6 H13 N O2'    131.173 
LYS 'L-peptide linking'          y LYSINE                                              ? 'C6 H15 N2 O2 1' 147.195 
MAG D-saccharide                 n 'methyl 2-acetamido-2-deoxy-beta-D-glucopyranoside' 
;BETA-METHYL-N-ACETYL-D-GLUCOSAMINE; methyl 2-acetamido-2-deoxy-beta-D-glucoside; methyl 2-acetamido-2-deoxy-D-glucoside; methyl 2-acetamido-2-deoxy-glucoside
;
'C9 H17 N O6'    235.234 
PHE 'L-peptide linking'          y PHENYLALANINE                                       ? 'C9 H11 N O2'    165.189 
PRO 'L-peptide linking'          y PROLINE                                             ? 'C5 H9 N O2'     115.130 
SER 'L-peptide linking'          y SERINE                                              ? 'C3 H7 N O3'     105.093 
THR 'L-peptide linking'          y THREONINE                                           ? 'C4 H9 N O3'     119.119 
TRP 'L-peptide linking'          y TRYPTOPHAN                                          ? 'C11 H12 N2 O2'  204.225 
TYR 'L-peptide linking'          y TYROSINE                                            ? 'C9 H11 N O3'    181.189 
VAL 'L-peptide linking'          y VALINE                                              ? 'C5 H11 N O2'    117.146 
# 
_exptl.crystals_number   1 
_exptl.entry_id          4J2S 
_exptl.method            'X-RAY DIFFRACTION' 
# 
_exptl_crystal.id                    1 
_exptl_crystal.density_Matthews      1.85 
_exptl_crystal.density_meas          ? 
_exptl_crystal.density_percent_sol   33.39 
_exptl_crystal.description           ? 
_exptl_crystal.F_000                 ? 
_exptl_crystal.preparation           ? 
# 
_exptl_crystal_grow.crystal_id      1 
_exptl_crystal_grow.method          'VAPOR DIFFUSION, SITTING DROP' 
_exptl_crystal_grow.pH              8.0 
_exptl_crystal_grow.temp            293 
_exptl_crystal_grow.temp_details    ? 
_exptl_crystal_grow.pdbx_details    '0.1 M Imidazole pH 8.0, 1.2 M Sodium citrate, VAPOR DIFFUSION, SITTING DROP, temperature 293K' 
_exptl_crystal_grow.pdbx_pH_range   ? 
# 
_diffrn.id                     1 
_diffrn.ambient_temp           100 
_diffrn.ambient_temp_details   ? 
_diffrn.crystal_id             1 
# 
_diffrn_detector.diffrn_id              1 
_diffrn_detector.detector               CCD 
_diffrn_detector.type                   'MAR CCD 165 mm' 
_diffrn_detector.pdbx_collection_date   2012-12-10 
_diffrn_detector.details                mirrors 
# 
_diffrn_radiation.diffrn_id                        1 
_diffrn_radiation.wavelength_id                    1 
_diffrn_radiation.pdbx_diffrn_protocol             'SINGLE WAVELENGTH' 
_diffrn_radiation.monochromator                    Si111 
_diffrn_radiation.pdbx_monochromatic_or_laue_m_l   M 
_diffrn_radiation.pdbx_scattering_type             x-ray 
# 
_diffrn_radiation_wavelength.id           1 
_diffrn_radiation_wavelength.wavelength   1.067 
_diffrn_radiation_wavelength.wt           1.0 
# 
_diffrn_source.diffrn_id                   1 
_diffrn_source.source                      SYNCHROTRON 
_diffrn_source.type                        'ESRF BEAMLINE BM14' 
_diffrn_source.pdbx_wavelength             ? 
_diffrn_source.pdbx_wavelength_list        1.067 
_diffrn_source.pdbx_synchrotron_site       ESRF 
_diffrn_source.pdbx_synchrotron_beamline   BM14 
# 
_reflns.entry_id                     4J2S 
_reflns.d_resolution_high            1.400 
_reflns.d_resolution_low             20.000 
_reflns.number_obs                   22820 
_reflns.pdbx_Rmerge_I_obs            0.061 
_reflns.pdbx_netI_over_sigmaI        7.800 
_reflns.pdbx_chi_squared             0.870 
_reflns.pdbx_redundancy              10.500 
_reflns.percent_possible_obs         95.600 
_reflns.observed_criterion_sigma_F   2 
_reflns.observed_criterion_sigma_I   2 
_reflns.number_all                   23900 
_reflns.pdbx_Rsym_value              ? 
_reflns.B_iso_Wilson_estimate        ? 
_reflns.R_free_details               ? 
_reflns.limit_h_max                  ? 
_reflns.limit_h_min                  ? 
_reflns.limit_k_max                  ? 
_reflns.limit_k_min                  ? 
_reflns.limit_l_max                  ? 
_reflns.limit_l_min                  ? 
_reflns.observed_criterion_F_max     ? 
_reflns.observed_criterion_F_min     ? 
_reflns.pdbx_scaling_rejects         ? 
_reflns.pdbx_ordinal                 1 
_reflns.pdbx_diffrn_id               1 
# 
loop_
_reflns_shell.d_res_high 
_reflns_shell.d_res_low 
_reflns_shell.number_measured_obs 
_reflns_shell.number_measured_all 
_reflns_shell.number_unique_obs 
_reflns_shell.Rmerge_I_obs 
_reflns_shell.meanI_over_sigI_obs 
_reflns_shell.pdbx_Rsym_value 
_reflns_shell.pdbx_chi_squared 
_reflns_shell.pdbx_redundancy 
_reflns_shell.percent_possible_obs 
_reflns_shell.number_unique_all 
_reflns_shell.percent_possible_all 
_reflns_shell.pdbx_ordinal 
_reflns_shell.pdbx_diffrn_id 
1.400 1.420  ? ? ? 0.473 ? ? 0.515 8.800  ? 892  76.800 1  1 
1.420 1.450  ? ? ? 0.423 ? ? 0.550 9.300  ? 933  79.800 2  1 
1.450 1.480  ? ? ? 0.430 ? ? 0.547 9.100  ? 1027 88.800 3  1 
1.480 1.510  ? ? ? 0.366 ? ? 0.564 9.500  ? 1073 92.500 4  1 
1.510 1.540  ? ? ? 0.328 ? ? 0.572 10.100 ? 1143 94.500 5  1 
1.540 1.580  ? ? ? 0.317 ? ? 0.575 10.500 ? 1153 98.500 6  1 
1.580 1.620  ? ? ? 0.275 ? ? 0.604 10.900 ? 1118 95.600 7  1 
1.620 1.660  ? ? ? 0.238 ? ? 0.668 10.600 ? 1170 99.000 8  1 
1.660 1.710  ? ? ? 0.203 ? ? 0.699 10.600 ? 1139 96.600 9  1 
1.710 1.760  ? ? ? 0.161 ? ? 0.710 10.900 ? 1170 98.000 10 1 
1.760 1.830  ? ? ? 0.139 ? ? 0.759 11.000 ? 1146 98.500 11 1 
1.830 1.900  ? ? ? 0.117 ? ? 0.822 11.000 ? 1170 97.600 12 1 
1.900 1.990  ? ? ? 0.093 ? ? 0.952 10.900 ? 1178 98.100 13 1 
1.990 2.090  ? ? ? 0.081 ? ? 1.072 10.900 ? 1164 99.700 14 1 
2.090 2.220  ? ? ? 0.075 ? ? 1.160 11.000 ? 1183 98.700 15 1 
2.220 2.390  ? ? ? 0.071 ? ? 1.273 10.900 ? 1186 99.000 16 1 
2.390 2.630  ? ? ? 0.065 ? ? 1.370 10.900 ? 1200 98.800 17 1 
2.630 3.010  ? ? ? 0.047 ? ? 1.146 10.800 ? 1215 99.700 18 1 
3.010 3.790  ? ? ? 0.036 ? ? 1.186 10.600 ? 1239 99.600 19 1 
3.790 20.000 ? ? ? 0.030 ? ? 1.135 10.000 ? 1321 99.900 20 1 
# 
_refine.entry_id                                 4J2S 
_refine.ls_d_res_high                            1.4000 
_refine.ls_d_res_low                             19.2100 
_refine.pdbx_ls_sigma_F                          0.000 
_refine.pdbx_data_cutoff_high_absF               ? 
_refine.pdbx_data_cutoff_low_absF                ? 
_refine.ls_percent_reflns_obs                    95.3100 
_refine.ls_number_reflns_obs                     22780 
_refine.ls_number_reflns_all                     23900 
_refine.pdbx_ls_cross_valid_method               THROUGHOUT 
_refine.pdbx_R_Free_selection_details            RANDOM 
_refine.details                                  
'HYDROGENS HAVE BEEN ADDED IN THE RIDING POSITIONS U VALUES      : REFINED INDIVIDUALLY' 
_refine.ls_R_factor_all                          0.150 
_refine.ls_R_factor_obs                          0.1478 
_refine.ls_R_factor_R_work                       0.1464 
_refine.ls_wR_factor_R_work                      0.1373 
_refine.ls_R_factor_R_free                       0.1746 
_refine.ls_wR_factor_R_free                      0.1651 
_refine.ls_percent_reflns_R_free                 5.1000 
_refine.ls_number_reflns_R_free                  1169 
_refine.ls_R_factor_R_free_error                 ? 
_refine.B_iso_mean                               18.5242 
_refine.solvent_model_param_bsol                 ? 
_refine.solvent_model_param_ksol                 ? 
_refine.pdbx_isotropic_thermal_model             ? 
_refine.aniso_B[1][1]                            0.0000 
_refine.aniso_B[2][2]                            0.0000 
_refine.aniso_B[3][3]                            0.0000 
_refine.aniso_B[1][2]                            0.0000 
_refine.aniso_B[1][3]                            0.0000 
_refine.aniso_B[2][3]                            0.0000 
_refine.correlation_coeff_Fo_to_Fc               0.9780 
_refine.correlation_coeff_Fo_to_Fc_free          0.9710 
_refine.overall_SU_R_Cruickshank_DPI             0.0619 
_refine.overall_SU_R_free                        0.0637 
_refine.pdbx_overall_ESU_R                       0.0620 
_refine.pdbx_overall_ESU_R_Free                  0.0640 
_refine.overall_SU_ML                            0.0410 
_refine.overall_SU_B                             1.0530 
_refine.solvent_model_details                    MASK 
_refine.pdbx_solvent_vdw_probe_radii             1.2000 
_refine.pdbx_solvent_ion_probe_radii             0.8000 
_refine.pdbx_solvent_shrinkage_radii             0.8000 
_refine.ls_number_parameters                     ? 
_refine.ls_number_restraints                     ? 
_refine.pdbx_starting_model                      4ION 
_refine.pdbx_method_to_determine_struct          'MOLECULAR REPLACEMENT' 
_refine.pdbx_stereochemistry_target_values       'MAXIMUM LIKELIHOOD' 
_refine.pdbx_stereochem_target_val_spec_case     ? 
_refine.overall_FOM_work_R_set                   0.8884 
_refine.B_iso_max                                437.060 
_refine.B_iso_min                                9.060 
_refine.pdbx_overall_phase_error                 ? 
_refine.occupancy_max                            1.000 
_refine.occupancy_min                            0.300 
_refine.pdbx_ls_sigma_I                          ? 
_refine.ls_redundancy_reflns_obs                 ? 
_refine.ls_R_factor_R_free_error_details         ? 
_refine.pdbx_data_cutoff_high_rms_absF           ? 
_refine.overall_FOM_free_R_set                   ? 
_refine.pdbx_diffrn_id                           1 
_refine.pdbx_refine_id                           'X-RAY DIFFRACTION' 
_refine.pdbx_TLS_residual_ADP_flag               ? 
_refine.pdbx_overall_SU_R_free_Cruickshank_DPI   ? 
_refine.pdbx_overall_SU_R_Blow_DPI               ? 
_refine.pdbx_overall_SU_R_free_Blow_DPI          ? 
# 
_refine_hist.pdbx_refine_id                   'X-RAY DIFFRACTION' 
_refine_hist.cycle_id                         LAST 
_refine_hist.pdbx_number_atoms_protein        1117 
_refine_hist.pdbx_number_atoms_nucleic_acid   0 
_refine_hist.pdbx_number_atoms_ligand         36 
_refine_hist.number_atoms_solvent             186 
_refine_hist.number_atoms_total               1339 
_refine_hist.d_res_high                       1.4000 
_refine_hist.d_res_low                        19.2100 
# 
loop_
_refine_ls_restr.type 
_refine_ls_restr.number 
_refine_ls_restr.dev_ideal 
_refine_ls_restr.dev_ideal_target 
_refine_ls_restr.weight 
_refine_ls_restr.pdbx_restraint_function 
_refine_ls_restr.pdbx_refine_id 
r_bond_refined_d       1232 0.012  0.020  ? ? 'X-RAY DIFFRACTION' 
r_bond_other_d         1060 0.000  0.020  ? ? 'X-RAY DIFFRACTION' 
r_angle_refined_deg    1694 1.523  1.914  ? ? 'X-RAY DIFFRACTION' 
r_angle_other_deg      2437 0.673  3.000  ? ? 'X-RAY DIFFRACTION' 
r_dihedral_angle_1_deg 148  8.217  5.000  ? ? 'X-RAY DIFFRACTION' 
r_dihedral_angle_2_deg 59   36.244 24.407 ? ? 'X-RAY DIFFRACTION' 
r_dihedral_angle_3_deg 175  14.174 15.000 ? ? 'X-RAY DIFFRACTION' 
r_dihedral_angle_4_deg 5    6.049  15.000 ? ? 'X-RAY DIFFRACTION' 
r_chiral_restr         181  0.965  0.200  ? ? 'X-RAY DIFFRACTION' 
r_gen_planes_refined   1415 0.014  0.021  ? ? 'X-RAY DIFFRACTION' 
r_gen_planes_other     315  0.002  0.020  ? ? 'X-RAY DIFFRACTION' 
r_mcbond_it            574  1.572  1.403  ? ? 'X-RAY DIFFRACTION' 
r_mcbond_other         573  1.572  1.402  ? ? 'X-RAY DIFFRACTION' 
r_mcangle_it           719  2.375  2.102  ? ? 'X-RAY DIFFRACTION' 
# 
_refine_ls_shell.d_res_high                       1.3960 
_refine_ls_shell.d_res_low                        1.4330 
_refine_ls_shell.pdbx_total_number_of_bins_used   20 
_refine_ls_shell.percent_reflns_obs               74.6000 
_refine_ls_shell.number_reflns_R_work             1203 
_refine_ls_shell.R_factor_all                     ? 
_refine_ls_shell.R_factor_R_work                  0.2840 
_refine_ls_shell.R_factor_R_free                  0.3650 
_refine_ls_shell.percent_reflns_R_free            ? 
_refine_ls_shell.number_reflns_R_free             69 
_refine_ls_shell.R_factor_R_free_error            ? 
_refine_ls_shell.number_reflns_all                1272 
_refine_ls_shell.number_reflns_obs                ? 
_refine_ls_shell.redundancy_reflns_obs            ? 
_refine_ls_shell.pdbx_refine_id                   'X-RAY DIFFRACTION' 
# 
_struct.entry_id                  4J2S 
_struct.title                     'Macrolepiota procera ricin B-like lectin (MPL) in complex with Di-LacNAc' 
_struct.pdbx_model_details        ? 
_struct.pdbx_CASP_flag            ? 
_struct.pdbx_model_type_details   ? 
# 
_struct_keywords.entry_id        4J2S 
_struct_keywords.pdbx_keywords   'SUGAR BINDING PROTEIN' 
_struct_keywords.text            'beta-trefoil, sugar binding protein, glycans' 
# 
loop_
_struct_asym.id 
_struct_asym.pdbx_blank_PDB_chainid_flag 
_struct_asym.pdbx_modified 
_struct_asym.entity_id 
_struct_asym.details 
A N N 1 ? 
B N N 2 ? 
C N N 3 ? 
D N N 4 ? 
# 
_struct_biol.id        1 
_struct_biol.details   ? 
# 
loop_
_struct_conf.conf_type_id 
_struct_conf.id 
_struct_conf.pdbx_PDB_helix_id 
_struct_conf.beg_label_comp_id 
_struct_conf.beg_label_asym_id 
_struct_conf.beg_label_seq_id 
_struct_conf.pdbx_beg_PDB_ins_code 
_struct_conf.end_label_comp_id 
_struct_conf.end_label_asym_id 
_struct_conf.end_label_seq_id 
_struct_conf.pdbx_end_PDB_ins_code 
_struct_conf.beg_auth_comp_id 
_struct_conf.beg_auth_asym_id 
_struct_conf.beg_auth_seq_id 
_struct_conf.end_auth_comp_id 
_struct_conf.end_auth_asym_id 
_struct_conf.end_auth_seq_id 
_struct_conf.pdbx_PDB_helix_class 
_struct_conf.details 
_struct_conf.pdbx_PDB_helix_length 
HELX_P HELX_P1 1 GLY A 39  ? GLN A 42  ? GLY A 39  GLN A 42  5 ? 4 
HELX_P HELX_P2 2 SER A 111 ? ASP A 115 ? SER A 111 ASP A 115 1 ? 5 
HELX_P HELX_P3 3 GLY A 130 ? GLN A 133 ? GLY A 130 GLN A 133 5 ? 4 
# 
_struct_conf_type.id          HELX_P 
_struct_conf_type.criteria    ? 
_struct_conf_type.reference   ? 
# 
_struct_conn.id                            covale1 
_struct_conn.conn_type_id                  covale 
_struct_conn.pdbx_leaving_atom_flag        both 
_struct_conn.pdbx_PDB_id                   ? 
_struct_conn.ptnr1_label_asym_id           B 
_struct_conn.ptnr1_label_comp_id           MAG 
_struct_conn.ptnr1_label_seq_id            . 
_struct_conn.ptnr1_label_atom_id           O4 
_struct_conn.pdbx_ptnr1_label_alt_id       ? 
_struct_conn.pdbx_ptnr1_PDB_ins_code       ? 
_struct_conn.pdbx_ptnr1_standard_comp_id   ? 
_struct_conn.ptnr1_symmetry                1_555 
_struct_conn.ptnr2_label_asym_id           B 
_struct_conn.ptnr2_label_comp_id           GAL 
_struct_conn.ptnr2_label_seq_id            . 
_struct_conn.ptnr2_label_atom_id           C1 
_struct_conn.pdbx_ptnr2_label_alt_id       ? 
_struct_conn.pdbx_ptnr2_PDB_ins_code       ? 
_struct_conn.ptnr1_auth_asym_id            B 
_struct_conn.ptnr1_auth_comp_id            MAG 
_struct_conn.ptnr1_auth_seq_id             1 
_struct_conn.ptnr2_auth_asym_id            B 
_struct_conn.ptnr2_auth_comp_id            GAL 
_struct_conn.ptnr2_auth_seq_id             2 
_struct_conn.ptnr2_symmetry                1_555 
_struct_conn.pdbx_ptnr3_label_atom_id      ? 
_struct_conn.pdbx_ptnr3_label_seq_id       ? 
_struct_conn.pdbx_ptnr3_label_comp_id      ? 
_struct_conn.pdbx_ptnr3_label_asym_id      ? 
_struct_conn.pdbx_ptnr3_label_alt_id       ? 
_struct_conn.pdbx_ptnr3_PDB_ins_code       ? 
_struct_conn.details                       ? 
_struct_conn.pdbx_dist_value               1.405 
_struct_conn.pdbx_value_order              ? 
_struct_conn.pdbx_role                     ? 
# 
_struct_conn_type.id          covale 
_struct_conn_type.criteria    ? 
_struct_conn_type.reference   ? 
# 
loop_
_struct_sheet.id 
_struct_sheet.type 
_struct_sheet.number_strands 
_struct_sheet.details 
A ? 4 ? 
B ? 4 ? 
C ? 2 ? 
D ? 2 ? 
# 
loop_
_struct_sheet_order.sheet_id 
_struct_sheet_order.range_id_1 
_struct_sheet_order.range_id_2 
_struct_sheet_order.offset 
_struct_sheet_order.sense 
A 1 2 ? anti-parallel 
A 2 3 ? anti-parallel 
A 3 4 ? anti-parallel 
B 1 2 ? anti-parallel 
B 2 3 ? anti-parallel 
B 3 4 ? anti-parallel 
C 1 2 ? anti-parallel 
D 1 2 ? anti-parallel 
# 
loop_
_struct_sheet_range.sheet_id 
_struct_sheet_range.id 
_struct_sheet_range.beg_label_comp_id 
_struct_sheet_range.beg_label_asym_id 
_struct_sheet_range.beg_label_seq_id 
_struct_sheet_range.pdbx_beg_PDB_ins_code 
_struct_sheet_range.end_label_comp_id 
_struct_sheet_range.end_label_asym_id 
_struct_sheet_range.end_label_seq_id 
_struct_sheet_range.pdbx_end_PDB_ins_code 
_struct_sheet_range.beg_auth_comp_id 
_struct_sheet_range.beg_auth_asym_id 
_struct_sheet_range.beg_auth_seq_id 
_struct_sheet_range.end_auth_comp_id 
_struct_sheet_range.end_auth_asym_id 
_struct_sheet_range.end_auth_seq_id 
A 1 TRP A 53  ? SER A 57  ? TRP A 53  SER A 57  
A 2 TRP A 44  ? TRP A 48  ? TRP A 44  TRP A 48  
A 3 THR A 9   ? ASN A 14  ? THR A 9   ASN A 14  
A 4 TRP A 135 ? ASP A 138 ? TRP A 135 ASP A 138 
B 1 VAL A 20  ? LEU A 23  ? VAL A 20  LEU A 23  
B 2 ILE A 31  ? TYR A 34  ? ILE A 31  TYR A 34  
B 3 THR A 120 ? TRP A 126 ? THR A 120 TRP A 126 
B 4 TYR A 106 ? LEU A 110 ? TYR A 106 LEU A 110 
C 1 TYR A 63  ? ILE A 66  ? TYR A 63  ILE A 66  
C 2 LEU A 76  ? VAL A 79  ? LEU A 76  VAL A 79  
D 1 HIS A 86  ? ARG A 89  ? HIS A 86  ARG A 89  
D 2 PHE A 97  ? PHE A 100 ? PHE A 97  PHE A 100 
# 
loop_
_pdbx_struct_sheet_hbond.sheet_id 
_pdbx_struct_sheet_hbond.range_id_1 
_pdbx_struct_sheet_hbond.range_id_2 
_pdbx_struct_sheet_hbond.range_1_label_atom_id 
_pdbx_struct_sheet_hbond.range_1_label_comp_id 
_pdbx_struct_sheet_hbond.range_1_label_asym_id 
_pdbx_struct_sheet_hbond.range_1_label_seq_id 
_pdbx_struct_sheet_hbond.range_1_PDB_ins_code 
_pdbx_struct_sheet_hbond.range_1_auth_atom_id 
_pdbx_struct_sheet_hbond.range_1_auth_comp_id 
_pdbx_struct_sheet_hbond.range_1_auth_asym_id 
_pdbx_struct_sheet_hbond.range_1_auth_seq_id 
_pdbx_struct_sheet_hbond.range_2_label_atom_id 
_pdbx_struct_sheet_hbond.range_2_label_comp_id 
_pdbx_struct_sheet_hbond.range_2_label_asym_id 
_pdbx_struct_sheet_hbond.range_2_label_seq_id 
_pdbx_struct_sheet_hbond.range_2_PDB_ins_code 
_pdbx_struct_sheet_hbond.range_2_auth_atom_id 
_pdbx_struct_sheet_hbond.range_2_auth_comp_id 
_pdbx_struct_sheet_hbond.range_2_auth_asym_id 
_pdbx_struct_sheet_hbond.range_2_auth_seq_id 
A 1 2 O ARG A 56  ? O ARG A 56  N THR A 45  ? N THR A 45  
A 2 3 O TRP A 44  ? O TRP A 44  N TYR A 10  ? N TYR A 10  
A 3 4 N LYS A 11  ? N LYS A 11  O ASP A 138 ? O ASP A 138 
B 1 2 N ASP A 22  ? N ASP A 22  O ILE A 32  ? O ILE A 32  
B 2 3 N GLY A 33  ? N GLY A 33  O THR A 120 ? O THR A 120 
B 3 4 O GLN A 123 ? O GLN A 123 N ASP A 109 ? N ASP A 109 
C 1 2 N TYR A 63  ? N TYR A 63  O VAL A 79  ? O VAL A 79  
D 1 2 N HIS A 86  ? N HIS A 86  O PHE A 100 ? O PHE A 100 
# 
_atom_sites.entry_id                    4J2S 
_atom_sites.fract_transf_matrix[1][1]   0.01902760 
_atom_sites.fract_transf_matrix[1][2]   -0.01754144 
_atom_sites.fract_transf_matrix[1][3]   -0.01445120 
_atom_sites.fract_transf_matrix[2][1]   -0.00901168 
_atom_sites.fract_transf_matrix[2][2]   -0.01424853 
_atom_sites.fract_transf_matrix[2][3]   0.00542993 
_atom_sites.fract_transf_matrix[3][1]   -0.00936108 
_atom_sites.fract_transf_matrix[3][2]   0.00083649 
_atom_sites.fract_transf_matrix[3][3]   -0.01334092 
_atom_sites.fract_transf_vector[1]      0.285390 
_atom_sites.fract_transf_vector[2]      -0.095076 
_atom_sites.fract_transf_vector[3]      -0.215604 
# 
loop_
_atom_type.symbol 
C 
N 
O 
# 
loop_
_atom_site.group_PDB 
_atom_site.id 
_atom_site.type_symbol 
_atom_site.label_atom_id 
_atom_site.label_alt_id 
_atom_site.label_comp_id 
_atom_site.label_asym_id 
_atom_site.label_entity_id 
_atom_site.label_seq_id 
_atom_site.pdbx_PDB_ins_code 
_atom_site.Cartn_x 
_atom_site.Cartn_y 
_atom_site.Cartn_z 
_atom_site.occupancy 
_atom_site.B_iso_or_equiv 
_atom_site.pdbx_formal_charge 
_atom_site.auth_seq_id 
_atom_site.auth_comp_id 
_atom_site.auth_asym_id 
_atom_site.auth_atom_id 
_atom_site.pdbx_PDB_model_num 
ATOM   1    N N   . THR A 1 2   ? -14.617 -10.091 3.514   1.00 54.80  ? 2   THR A N   1 
ATOM   2    C CA  . THR A 1 2   ? -15.138 -8.697  3.357   1.00 52.98  ? 2   THR A CA  1 
ATOM   3    C C   . THR A 1 2   ? -14.812 -8.140  1.969   1.00 46.31  ? 2   THR A C   1 
ATOM   4    O O   . THR A 1 2   ? -13.697 -8.308  1.463   1.00 45.66  ? 2   THR A O   1 
ATOM   5    C CB  . THR A 1 2   ? -14.591 -7.746  4.456   1.00 60.57  ? 2   THR A CB  1 
ATOM   6    O OG1 . THR A 1 2   ? -15.648 -6.903  4.945   1.00 57.18  ? 2   THR A OG1 1 
ATOM   7    C CG2 . THR A 1 2   ? -13.437 -6.872  3.935   1.00 58.89  ? 2   THR A CG2 1 
ATOM   8    N N   . GLN A 1 3   ? -15.780 -7.417  1.403   1.00 36.54  ? 3   GLN A N   1 
ATOM   9    C CA  . GLN A 1 3   ? -15.666 -6.818  0.065   1.00 31.02  ? 3   GLN A CA  1 
ATOM   10   C C   . GLN A 1 3   ? -15.010 -5.445  0.170   1.00 28.92  ? 3   GLN A C   1 
ATOM   11   O O   . GLN A 1 3   ? -15.356 -4.633  1.034   1.00 37.38  ? 3   GLN A O   1 
ATOM   12   C CB  . GLN A 1 3   ? -17.063 -6.664  -0.556  1.00 30.87  ? 3   GLN A CB  1 
ATOM   13   C CG  . GLN A 1 3   ? -17.087 -5.993  -1.932  1.00 31.14  ? 3   GLN A CG  1 
ATOM   14   C CD  . GLN A 1 3   ? -16.240 -6.719  -2.963  1.00 34.57  ? 3   GLN A CD  1 
ATOM   15   O OE1 . GLN A 1 3   ? -15.380 -6.112  -3.628  1.00 23.02  ? 3   GLN A OE1 1 
ATOM   16   N NE2 . GLN A 1 3   ? -16.500 -8.023  -3.132  1.00 32.58  ? 3   GLN A NE2 1 
ATOM   17   N N   . VAL A 1 4   ? -14.137 -5.150  -0.777  1.00 20.23  ? 4   VAL A N   1 
ATOM   18   C CA  . VAL A 1 4   ? -13.455 -3.841  -0.810  1.00 19.44  ? 4   VAL A CA  1 
ATOM   19   C C   . VAL A 1 4   ? -14.283 -2.857  -1.622  1.00 19.23  ? 4   VAL A C   1 
ATOM   20   O O   . VAL A 1 4   ? -14.700 -3.122  -2.756  1.00 21.93  ? 4   VAL A O   1 
ATOM   21   C CB  . VAL A 1 4   ? -12.009 -3.980  -1.338  1.00 17.77  ? 4   VAL A CB  1 
ATOM   22   C CG1 . VAL A 1 4   ? -11.330 -2.613  -1.467  1.00 18.96  ? 4   VAL A CG1 1 
ATOM   23   C CG2 . VAL A 1 4   ? -11.214 -4.930  -0.463  1.00 19.84  ? 4   VAL A CG2 1 
ATOM   24   N N   . SER A 1 5   ? -14.598 -1.738  -1.012  1.00 16.89  ? 5   SER A N   1 
ATOM   25   C CA  . SER A 1 5   ? -15.590 -0.838  -1.546  1.00 17.91  ? 5   SER A CA  1 
ATOM   26   C C   . SER A 1 5   ? -15.189 0.615   -1.343  1.00 17.21  ? 5   SER A C   1 
ATOM   27   O O   . SER A 1 5   ? -14.622 0.998   -0.300  1.00 16.45  ? 5   SER A O   1 
ATOM   28   C CB  . SER A 1 5   ? -16.936 -1.193  -0.925  1.00 22.66  ? 5   SER A CB  1 
ATOM   29   O OG  . SER A 1 5   ? -17.941 -0.332  -1.367  1.00 27.46  ? 5   SER A OG  1 
ATOM   30   N N   . SER A 1 6   ? -15.393 1.429   -2.373  1.00 15.39  ? 6   SER A N   1 
ATOM   31   C CA  . SER A 1 6   ? -15.112 2.841   -2.309  1.00 15.47  ? 6   SER A CA  1 
ATOM   32   C C   . SER A 1 6   ? -15.829 3.477   -1.130  1.00 16.39  ? 6   SER A C   1 
ATOM   33   O O   . SER A 1 6   ? -16.975 3.155   -0.843  1.00 17.53  ? 6   SER A O   1 
ATOM   34   C CB  . SER A 1 6   ? -15.551 3.547   -3.611  1.00 15.43  ? 6   SER A CB  1 
ATOM   35   O OG  . SER A 1 6   ? -15.171 4.902   -3.625  1.00 15.45  ? 6   SER A OG  1 
ATOM   36   N N   . GLY A 1 7   ? -15.135 4.356   -0.430  1.00 14.00  ? 7   GLY A N   1 
ATOM   37   C CA  . GLY A 1 7   ? -15.665 5.037   0.741   1.00 16.70  ? 7   GLY A CA  1 
ATOM   38   C C   . GLY A 1 7   ? -15.290 4.398   2.053   1.00 16.29  ? 7   GLY A C   1 
ATOM   39   O O   . GLY A 1 7   ? -15.398 5.041   3.129   1.00 17.92  ? 7   GLY A O   1 
ATOM   40   N N   . GLN A 1 8   ? -14.898 3.131   1.998   1.00 13.89  ? 8   GLN A N   1 
ATOM   41   C CA  A GLN A 1 8   ? -14.582 2.354   3.186   0.70 14.09  ? 8   GLN A CA  1 
ATOM   42   C CA  B GLN A 1 8   ? -14.583 2.373   3.193   0.30 14.25  ? 8   GLN A CA  1 
ATOM   43   C C   . GLN A 1 8   ? -13.083 2.405   3.461   1.00 13.42  ? 8   GLN A C   1 
ATOM   44   O O   . GLN A 1 8   ? -12.293 2.748   2.581   1.00 14.52  ? 8   GLN A O   1 
ATOM   45   C CB  A GLN A 1 8   ? -15.058 0.895   3.061   0.70 16.26  ? 8   GLN A CB  1 
ATOM   46   C CB  B GLN A 1 8   ? -15.105 0.935   3.076   0.30 15.37  ? 8   GLN A CB  1 
ATOM   47   C CG  A GLN A 1 8   ? -16.556 0.722   2.880   0.70 21.47  ? 8   GLN A CG  1 
ATOM   48   C CG  B GLN A 1 8   ? -16.621 0.860   2.995   0.30 17.71  ? 8   GLN A CG  1 
ATOM   49   C CD  A GLN A 1 8   ? -17.367 1.303   4.025   0.70 22.48  ? 8   GLN A CD  1 
ATOM   50   C CD  B GLN A 1 8   ? -17.158 -0.558  2.943   0.30 18.89  ? 8   GLN A CD  1 
ATOM   51   O OE1 A GLN A 1 8   ? -18.043 2.329   3.866   0.70 30.25  ? 8   GLN A OE1 1 
ATOM   52   O OE1 B GLN A 1 8   ? -16.607 -1.466  3.556   0.30 20.26  ? 8   GLN A OE1 1 
ATOM   53   N NE2 A GLN A 1 8   ? -17.301 0.665   5.182   0.70 26.70  ? 8   GLN A NE2 1 
ATOM   54   N NE2 B GLN A 1 8   ? -18.308 -0.722  2.306   0.30 19.54  ? 8   GLN A NE2 1 
ATOM   55   N N   . THR A 1 9   ? -12.736 2.108   4.696   1.00 14.07  ? 9   THR A N   1 
ATOM   56   C CA  . THR A 1 9   ? -11.387 2.233   5.232   1.00 11.61  ? 9   THR A CA  1 
ATOM   57   C C   . THR A 1 9   ? -10.881 0.892   5.701   1.00 13.32  ? 9   THR A C   1 
ATOM   58   O O   . THR A 1 9   ? -11.596 0.118   6.355   1.00 13.39  ? 9   THR A O   1 
ATOM   59   C CB  . THR A 1 9   ? -11.395 3.270   6.402   1.00 11.73  ? 9   THR A CB  1 
ATOM   60   O OG1 . THR A 1 9   ? -11.851 4.529   5.900   1.00 13.18  ? 9   THR A OG1 1 
ATOM   61   C CG2 . THR A 1 9   ? -10.031 3.478   6.998   1.00 12.24  ? 9   THR A CG2 1 
ATOM   62   N N   . TYR A 1 10  ? -9.647  0.588   5.297   1.00 12.74  ? 10  TYR A N   1 
ATOM   63   C CA  . TYR A 1 10  ? -9.053  -0.705  5.493   1.00 11.67  ? 10  TYR A CA  1 
ATOM   64   C C   . TYR A 1 10  ? -7.633  -0.645  5.998   1.00 11.03  ? 10  TYR A C   1 
ATOM   65   O O   . TYR A 1 10  ? -6.937  0.345   5.832   1.00 11.40  ? 10  TYR A O   1 
ATOM   66   C CB  . TYR A 1 10  ? -9.046  -1.503  4.192   1.00 12.42  ? 10  TYR A CB  1 
ATOM   67   C CG  . TYR A 1 10  ? -10.405 -1.613  3.547   1.00 12.16  ? 10  TYR A CG  1 
ATOM   68   C CD1 . TYR A 1 10  ? -11.288 -2.585  3.948   1.00 12.90  ? 10  TYR A CD1 1 
ATOM   69   C CD2 . TYR A 1 10  ? -10.808 -0.742  2.552   1.00 12.47  ? 10  TYR A CD2 1 
ATOM   70   C CE1 . TYR A 1 10  ? -12.560 -2.702  3.402   1.00 13.37  ? 10  TYR A CE1 1 
ATOM   71   C CE2 . TYR A 1 10  ? -12.086 -0.818  2.018   1.00 13.14  ? 10  TYR A CE2 1 
ATOM   72   C CZ  . TYR A 1 10  ? -12.942 -1.831  2.428   1.00 14.05  ? 10  TYR A CZ  1 
ATOM   73   O OH  . TYR A 1 10  ? -14.189 -1.934  1.895   1.00 15.93  ? 10  TYR A OH  1 
ATOM   74   N N   . LYS A 1 11  ? -7.205  -1.713  6.643   1.00 11.32  ? 11  LYS A N   1 
ATOM   75   C CA  A LYS A 1 11  ? -5.795  -1.970  6.854   0.50 11.54  ? 11  LYS A CA  1 
ATOM   76   C CA  B LYS A 1 11  ? -5.793  -1.965  6.849   0.50 11.29  ? 11  LYS A CA  1 
ATOM   77   C C   . LYS A 1 11  ? -5.322  -2.915  5.760   1.00 10.79  ? 11  LYS A C   1 
ATOM   78   O O   . LYS A 1 11  ? -6.080  -3.724  5.243   1.00 11.41  ? 11  LYS A O   1 
ATOM   79   C CB  A LYS A 1 11  ? -5.540  -2.561  8.242   0.50 13.26  ? 11  LYS A CB  1 
ATOM   80   C CB  B LYS A 1 11  ? -5.495  -2.513  8.254   0.50 12.49  ? 11  LYS A CB  1 
ATOM   81   C CG  A LYS A 1 11  ? -6.200  -3.912  8.453   0.50 14.03  ? 11  LYS A CG  1 
ATOM   82   C CG  B LYS A 1 11  ? -6.113  -3.871  8.558   0.50 12.88  ? 11  LYS A CG  1 
ATOM   83   C CD  A LYS A 1 11  ? -6.023  -4.422  9.870   0.50 15.15  ? 11  LYS A CD  1 
ATOM   84   C CD  B LYS A 1 11  ? -5.560  -4.481  9.839   0.50 13.82  ? 11  LYS A CD  1 
ATOM   85   C CE  A LYS A 1 11  ? -6.449  -5.883  9.978   0.50 17.60  ? 11  LYS A CE  1 
ATOM   86   C CE  B LYS A 1 11  ? -6.568  -5.416  10.498  0.50 15.52  ? 11  LYS A CE  1 
ATOM   87   N NZ  A LYS A 1 11  ? -5.753  -6.608  11.084  0.50 20.08  ? 11  LYS A NZ  1 
ATOM   88   N NZ  B LYS A 1 11  ? -6.621  -6.743  9.830   0.50 16.01  ? 11  LYS A NZ  1 
ATOM   89   N N   . ILE A 1 12  ? -4.034  -2.860  5.471   1.00 11.18  ? 12  ILE A N   1 
ATOM   90   C CA  . ILE A 1 12  ? -3.440  -3.560  4.340   1.00 9.15   ? 12  ILE A CA  1 
ATOM   91   C C   . ILE A 1 12  ? -2.243  -4.329  4.865   1.00 10.73  ? 12  ILE A C   1 
ATOM   92   O O   . ILE A 1 12  ? -1.224  -3.730  5.257   1.00 10.17  ? 12  ILE A O   1 
ATOM   93   C CB  . ILE A 1 12  ? -3.033  -2.591  3.194   1.00 9.64   ? 12  ILE A CB  1 
ATOM   94   C CG1 . ILE A 1 12  ? -4.216  -1.739  2.740   1.00 10.83  ? 12  ILE A CG1 1 
ATOM   95   C CG2 . ILE A 1 12  ? -2.473  -3.371  2.010   1.00 10.90  ? 12  ILE A CG2 1 
ATOM   96   C CD1 . ILE A 1 12  ? -3.854  -0.554  1.864   1.00 10.83  ? 12  ILE A CD1 1 
ATOM   97   N N   . THR A 1 13  ? -2.359  -5.649  4.884   1.00 10.56  ? 13  THR A N   1 
ATOM   98   C CA  . THR A 1 13  ? -1.430  -6.518  5.588   1.00 11.35  ? 13  THR A CA  1 
ATOM   99   C C   . THR A 1 13  ? -0.594  -7.318  4.608   1.00 10.13  ? 13  THR A C   1 
ATOM   100  O O   . THR A 1 13  ? -1.145  -7.920  3.674   1.00 11.31  ? 13  THR A O   1 
ATOM   101  C CB  . THR A 1 13  ? -2.169  -7.509  6.528   1.00 11.50  ? 13  THR A CB  1 
ATOM   102  O OG1 . THR A 1 13  ? -2.999  -6.775  7.446   1.00 12.97  ? 13  THR A OG1 1 
ATOM   103  C CG2 . THR A 1 13  ? -1.146  -8.320  7.317   1.00 12.28  ? 13  THR A CG2 1 
ATOM   104  N N   . ASN A 1 14  ? 0.733   -7.292  4.779   1.00 9.83   ? 14  ASN A N   1 
ATOM   105  C CA  . ASN A 1 14  ? 1.612   -8.059  3.900   1.00 9.82   ? 14  ASN A CA  1 
ATOM   106  C C   . ASN A 1 14  ? 1.451   -9.540  4.142   1.00 10.13  ? 14  ASN A C   1 
ATOM   107  O O   . ASN A 1 14  ? 1.525   -9.980  5.297   1.00 11.46  ? 14  ASN A O   1 
ATOM   108  C CB  . ASN A 1 14  ? 3.049   -7.672  4.115   1.00 10.29  ? 14  ASN A CB  1 
ATOM   109  C CG  . ASN A 1 14  ? 3.930   -8.192  3.005   1.00 10.75  ? 14  ASN A CG  1 
ATOM   110  O OD1 . ASN A 1 14  ? 4.578   -9.230  3.128   1.00 11.88  ? 14  ASN A OD1 1 
ATOM   111  N ND2 . ASN A 1 14  ? 3.937   -7.485  1.894   1.00 10.55  ? 14  ASN A ND2 1 
ATOM   112  N N   . VAL A 1 15  ? 1.213   -10.325 3.086   1.00 9.83   ? 15  VAL A N   1 
ATOM   113  C CA  . VAL A 1 15  ? 0.963   -11.776 3.277   1.00 10.49  ? 15  VAL A CA  1 
ATOM   114  C C   . VAL A 1 15  ? 2.224   -12.452 3.775   1.00 11.48  ? 15  VAL A C   1 
ATOM   115  O O   . VAL A 1 15  ? 2.164   -13.393 4.609   1.00 12.73  ? 15  VAL A O   1 
ATOM   116  C CB  . VAL A 1 15  ? 0.484   -12.419 1.943   1.00 12.54  ? 15  VAL A CB  1 
ATOM   117  C CG1 . VAL A 1 15  ? 0.486   -13.940 2.029   1.00 13.93  ? 15  VAL A CG1 1 
ATOM   118  C CG2 . VAL A 1 15  ? -0.890  -11.879 1.588   1.00 12.62  ? 15  VAL A CG2 1 
ATOM   119  N N   . LYS A 1 16  ? 3.399   -12.020 3.353   1.00 11.21  ? 16  LYS A N   1 
ATOM   120  C CA  . LYS A 1 16  ? 4.637   -12.686 3.796   1.00 11.80  ? 16  LYS A CA  1 
ATOM   121  C C   . LYS A 1 16  ? 4.969   -12.296 5.226   1.00 12.15  ? 16  LYS A C   1 
ATOM   122  O O   . LYS A 1 16  ? 5.204   -13.190 6.073   1.00 13.57  ? 16  LYS A O   1 
ATOM   123  C CB  . LYS A 1 16  ? 5.803   -12.345 2.891   1.00 13.12  ? 16  LYS A CB  1 
ATOM   124  C CG  . LYS A 1 16  ? 7.081   -13.023 3.415   1.00 19.79  ? 16  LYS A CG  1 
ATOM   125  C CD  . LYS A 1 16  ? 7.817   -13.854 2.416   1.00 25.99  ? 16  LYS A CD  1 
ATOM   126  C CE  . LYS A 1 16  ? 9.167   -14.277 3.009   1.00 22.57  ? 16  LYS A CE  1 
ATOM   127  N NZ  . LYS A 1 16  ? 10.324  -13.698 2.274   1.00 25.98  ? 16  LYS A NZ  1 
ATOM   128  N N   . ALA A 1 17  ? 4.919   -11.002 5.528   1.00 11.43  ? 17  ALA A N   1 
ATOM   129  C CA  . ALA A 1 17  ? 5.447   -10.502 6.789   1.00 10.95  ? 17  ALA A CA  1 
ATOM   130  C C   . ALA A 1 17  ? 4.469   -10.413 7.919   1.00 11.75  ? 17  ALA A C   1 
ATOM   131  O O   . ALA A 1 17  ? 4.867   -10.495 9.098   1.00 13.11  ? 17  ALA A O   1 
ATOM   132  C CB  . ALA A 1 17  ? 6.104   -9.162  6.586   1.00 11.65  ? 17  ALA A CB  1 
ATOM   133  N N   . GLY A 1 18  ? 3.212   -10.108 7.609   1.00 10.60  ? 18  GLY A N   1 
ATOM   134  C CA  . GLY A 1 18  ? 2.214   -9.884  8.604   1.00 10.97  ? 18  GLY A CA  1 
ATOM   135  C C   . GLY A 1 18  ? 2.117   -8.476  9.147   1.00 10.90  ? 18  GLY A C   1 
ATOM   136  O O   . GLY A 1 18  ? 1.275   -8.186  9.985   1.00 12.97  ? 18  GLY A O   1 
ATOM   137  N N   . THR A 1 19  ? 3.063   -7.628  8.751   1.00 10.40  ? 19  THR A N   1 
ATOM   138  C CA  . THR A 1 19  ? 3.041   -6.232  9.124   1.00 10.49  ? 19  THR A CA  1 
ATOM   139  C C   . THR A 1 19  ? 2.164   -5.493  8.110   1.00 11.67  ? 19  THR A C   1 
ATOM   140  O O   . THR A 1 19  ? 1.778   -6.066  7.085   1.00 11.79  ? 19  THR A O   1 
ATOM   141  C CB  . THR A 1 19  ? 4.463   -5.665  9.147   1.00 11.12  ? 19  THR A CB  1 
ATOM   142  O OG1 . THR A 1 19  ? 5.105   -5.930  7.892   1.00 11.54  ? 19  THR A OG1 1 
ATOM   143  C CG2 . THR A 1 19  ? 5.283   -6.331  10.236  1.00 12.22  ? 19  THR A CG2 1 
ATOM   144  N N   . VAL A 1 20  ? 1.730   -4.303  8.477   1.00 10.81  ? 20  VAL A N   1 
ATOM   145  C CA  . VAL A 1 20  ? 0.788   -3.519  7.673   1.00 10.50  ? 20  VAL A CA  1 
ATOM   146  C C   . VAL A 1 20  ? 1.439   -2.284  7.082   1.00 9.59   ? 20  VAL A C   1 
ATOM   147  O O   . VAL A 1 20  ? 2.478   -1.779  7.558   1.00 11.21  ? 20  VAL A O   1 
ATOM   148  C CB  . VAL A 1 20  ? -0.475  -3.104  8.457   1.00 12.22  ? 20  VAL A CB  1 
ATOM   149  C CG1 . VAL A 1 20  ? -1.105  -4.318  9.104   1.00 12.03  ? 20  VAL A CG1 1 
ATOM   150  C CG2 . VAL A 1 20  ? -0.117  -2.118  9.535   1.00 12.24  ? 20  VAL A CG2 1 
ATOM   151  N N   . ILE A 1 21  ? 0.760   -1.742  6.078   1.00 9.10   ? 21  ILE A N   1 
ATOM   152  C CA  . ILE A 1 21  ? 1.198   -0.507  5.443   1.00 9.06   ? 21  ILE A CA  1 
ATOM   153  C C   . ILE A 1 21  ? 0.889   0.633   6.421   1.00 9.71   ? 21  ILE A C   1 
ATOM   154  O O   . ILE A 1 21  ? -0.269  0.890   6.778   1.00 10.98  ? 21  ILE A O   1 
ATOM   155  C CB  . ILE A 1 21  ? 0.501   -0.305  4.098   1.00 9.91   ? 21  ILE A CB  1 
ATOM   156  C CG1 . ILE A 1 21  ? 0.792   -1.484  3.147   1.00 11.21  ? 21  ILE A CG1 1 
ATOM   157  C CG2 . ILE A 1 21  ? 0.865   1.043   3.504   1.00 11.85  ? 21  ILE A CG2 1 
ATOM   158  C CD1 . ILE A 1 21  ? 0.317   -1.226  1.745   1.00 11.88  ? 21  ILE A CD1 1 
ATOM   159  N N   . ASP A 1 22  ? 1.927   1.406   6.731   1.00 10.64  ? 22  ASP A N   1 
ATOM   160  C CA  . ASP A 1 22  ? 1.927   2.323   7.874   1.00 10.57  ? 22  ASP A CA  1 
ATOM   161  C C   . ASP A 1 22  ? 2.589   3.609   7.415   1.00 10.45  ? 22  ASP A C   1 
ATOM   162  O O   . ASP A 1 22  ? 3.647   3.596   6.767   1.00 10.82  ? 22  ASP A O   1 
ATOM   163  C CB  . ASP A 1 22  ? 2.677   1.639   8.994   1.00 11.15  ? 22  ASP A CB  1 
ATOM   164  C CG  . ASP A 1 22  ? 2.858   2.484   10.242  1.00 12.50  ? 22  ASP A CG  1 
ATOM   165  O OD1 . ASP A 1 22  ? 3.436   3.567   10.130  1.00 11.74  ? 22  ASP A OD1 1 
ATOM   166  O OD2 . ASP A 1 22  ? 2.593   1.976   11.360  1.00 11.76  ? 22  ASP A OD2 1 
ATOM   167  N N   . LEU A 1 23  ? 1.877   4.704   7.608   1.00 11.42  ? 23  LEU A N   1 
ATOM   168  C CA  . LEU A 1 23  ? 2.429   6.025   7.435   1.00 11.74  ? 23  LEU A CA  1 
ATOM   169  C C   . LEU A 1 23  ? 3.261   6.398   8.632   1.00 12.85  ? 23  LEU A C   1 
ATOM   170  O O   . LEU A 1 23  ? 2.751   6.630   9.735   1.00 13.06  ? 23  LEU A O   1 
ATOM   171  C CB  . LEU A 1 23  ? 1.324   7.045   7.196   1.00 12.17  ? 23  LEU A CB  1 
ATOM   172  C CG  . LEU A 1 23  ? 1.770   8.496   7.052   1.00 14.43  ? 23  LEU A CG  1 
ATOM   173  C CD1 . LEU A 1 23  ? 2.704   8.619   5.908   1.00 16.62  ? 23  LEU A CD1 1 
ATOM   174  C CD2 . LEU A 1 23  ? 0.541   9.378   6.846   1.00 15.39  ? 23  LEU A CD2 1 
ATOM   175  N N   . SER A 1 24  ? 4.570   6.400   8.433   1.00 12.96  ? 24  SER A N   1 
ATOM   176  C CA  . SER A 1 24  ? 5.515   6.530   9.530   1.00 14.34  ? 24  SER A CA  1 
ATOM   177  C C   . SER A 1 24  ? 5.216   7.696   10.442  1.00 14.26  ? 24  SER A C   1 
ATOM   178  O O   . SER A 1 24  ? 5.173   8.846   9.998   1.00 15.56  ? 24  SER A O   1 
ATOM   179  C CB  . SER A 1 24  ? 6.917   6.743   8.973   1.00 15.39  ? 24  SER A CB  1 
ATOM   180  O OG  . SER A 1 24  ? 7.828   6.868   10.072  1.00 18.54  ? 24  SER A OG  1 
ATOM   181  N N   . GLY A 1 25  ? 5.180   7.400   11.741  1.00 15.09  ? 25  GLY A N   1 
ATOM   182  C CA  . GLY A 1 25  ? 5.036   8.441   12.741  1.00 15.96  ? 25  GLY A CA  1 
ATOM   183  C C   . GLY A 1 25  ? 6.308   9.251   12.885  1.00 17.01  ? 25  GLY A C   1 
ATOM   184  O O   . GLY A 1 25  ? 6.285   10.299  13.508  1.00 20.82  ? 25  GLY A O   1 
ATOM   185  N N   . GLU A 1 26  ? 7.418   8.776   12.342  1.00 17.82  ? 26  GLU A N   1 
ATOM   186  C CA  . GLU A 1 26  ? 8.697   9.516   12.486  1.00 21.58  ? 26  GLU A CA  1 
ATOM   187  C C   . GLU A 1 26  ? 8.702   10.769  11.624  1.00 24.32  ? 26  GLU A C   1 
ATOM   188  O O   . GLU A 1 26  ? 9.250   11.805  12.010  1.00 26.45  ? 26  GLU A O   1 
ATOM   189  C CB  . GLU A 1 26  ? 9.888   8.642   12.137  1.00 28.31  ? 26  GLU A CB  1 
ATOM   190  C CG  . GLU A 1 26  ? 11.233  9.326   12.381  1.00 41.47  ? 26  GLU A CG  1 
ATOM   191  C CD  . GLU A 1 26  ? 12.365  8.760   11.538  1.00 52.69  ? 26  GLU A CD  1 
ATOM   192  O OE1 . GLU A 1 26  ? 12.579  7.527   11.593  1.00 65.67  ? 26  GLU A OE1 1 
ATOM   193  O OE2 . GLU A 1 26  ? 13.057  9.551   10.850  1.00 59.97  ? 26  GLU A OE2 1 
ATOM   194  N N   . ASP A 1 27  ? 8.076   10.700  10.461  1.00 18.90  ? 27  ASP A N   1 
ATOM   195  C CA  . ASP A 1 27  ? 8.107   11.835  9.532   1.00 17.79  ? 27  ASP A CA  1 
ATOM   196  C C   . ASP A 1 27  ? 6.765   12.156  8.868   1.00 18.10  ? 27  ASP A C   1 
ATOM   197  O O   . ASP A 1 27  ? 6.650   13.116  8.100   1.00 18.98  ? 27  ASP A O   1 
ATOM   198  C CB  . ASP A 1 27  ? 9.238   11.646  8.510   1.00 19.16  ? 27  ASP A CB  1 
ATOM   199  C CG  . ASP A 1 27  ? 9.035   10.454  7.610   1.00 19.59  ? 27  ASP A CG  1 
ATOM   200  O OD1 . ASP A 1 27  ? 7.941   9.857   7.638   1.00 17.09  ? 27  ASP A OD1 1 
ATOM   201  O OD2 . ASP A 1 27  ? 10.008  10.070  6.924   1.00 21.21  ? 27  ASP A OD2 1 
ATOM   202  N N   . ASN A 1 28  ? 5.738   11.346  9.142   1.00 18.81  ? 28  ASN A N   1 
ATOM   203  C CA  . ASN A 1 28  ? 4.424   11.499  8.499   1.00 19.99  ? 28  ASN A CA  1 
ATOM   204  C C   . ASN A 1 28  ? 4.517   11.574  6.969   1.00 19.11  ? 28  ASN A C   1 
ATOM   205  O O   . ASN A 1 28  ? 3.670   12.173  6.292   1.00 19.48  ? 28  ASN A O   1 
ATOM   206  C CB  . ASN A 1 28  ? 3.660   12.689  9.090   1.00 23.91  ? 28  ASN A CB  1 
ATOM   207  C CG  . ASN A 1 28  ? 3.512   12.574  10.592  1.00 28.64  ? 28  ASN A CG  1 
ATOM   208  O OD1 . ASN A 1 28  ? 2.964   11.580  11.115  1.00 26.47  ? 28  ASN A OD1 1 
ATOM   209  N ND2 . ASN A 1 28  ? 4.083   13.539  11.309  1.00 37.32  ? 28  ASN A ND2 1 
ATOM   210  N N   . LYS A 1 29  ? 5.493   10.843  6.436   1.00 16.63  ? 29  LYS A N   1 
ATOM   211  C CA  . LYS A 1 29  ? 5.704   10.795  5.000   1.00 15.88  ? 29  LYS A CA  1 
ATOM   212  C C   . LYS A 1 29  ? 6.105   9.407   4.488   1.00 14.05  ? 29  LYS A C   1 
ATOM   213  O O   . LYS A 1 29  ? 5.586   8.940   3.457   1.00 14.44  ? 29  LYS A O   1 
ATOM   214  C CB  . LYS A 1 29  ? 6.736   11.821  4.547   1.00 19.45  ? 29  LYS A CB  1 
ATOM   215  C CG  . LYS A 1 29  ? 6.993   11.732  3.049   1.00 23.65  ? 29  LYS A CG  1 
ATOM   216  C CD  . LYS A 1 29  ? 7.119   13.059  2.328   1.00 27.86  ? 29  LYS A CD  1 
ATOM   217  C CE  . LYS A 1 29  ? 7.267   12.846  0.818   1.00 26.12  ? 29  LYS A CE  1 
ATOM   218  N NZ  . LYS A 1 29  ? 6.083   13.296  0.009   1.00 36.78  ? 29  LYS A NZ  1 
ATOM   219  N N   . SER A 1 30  ? 7.050   8.762   5.151   1.00 13.83  ? 30  SER A N   1 
ATOM   220  C CA  . SER A 1 30  ? 7.574   7.506   4.654   1.00 12.12  ? 30  SER A CA  1 
ATOM   221  C C   . SER A 1 30  ? 6.583   6.379   4.866   1.00 11.36  ? 30  SER A C   1 
ATOM   222  O O   . SER A 1 30  ? 5.939   6.349   5.894   1.00 13.45  ? 30  SER A O   1 
ATOM   223  C CB  . SER A 1 30  ? 8.860   7.183   5.382   1.00 14.33  ? 30  SER A CB  1 
ATOM   224  O OG  . SER A 1 30  ? 9.853   8.150   5.099   1.00 16.90  ? 30  SER A OG  1 
ATOM   225  N N   . ILE A 1 31  ? 6.399   5.523   3.874   1.00 10.94  ? 31  ILE A N   1 
ATOM   226  C CA  . ILE A 1 31  ? 5.526   4.367   3.985   1.00 10.90  ? 31  ILE A CA  1 
ATOM   227  C C   . ILE A 1 31  ? 6.361   3.144   4.342   1.00 11.95  ? 31  ILE A C   1 
ATOM   228  O O   . ILE A 1 31  ? 7.281   2.751   3.619   1.00 12.42  ? 31  ILE A O   1 
ATOM   229  C CB  . ILE A 1 31  ? 4.734   4.149   2.695   1.00 11.27  ? 31  ILE A CB  1 
ATOM   230  C CG1 . ILE A 1 31  ? 3.911   5.408   2.310   1.00 13.27  ? 31  ILE A CG1 1 
ATOM   231  C CG2 . ILE A 1 31  ? 3.815   2.918   2.827   1.00 11.72  ? 31  ILE A CG2 1 
ATOM   232  C CD1 . ILE A 1 31  ? 2.881   5.840   3.342   1.00 12.45  ? 31  ILE A CD1 1 
ATOM   233  N N   . ILE A 1 32  ? 5.960   2.494   5.425   1.00 11.74  ? 32  ILE A N   1 
ATOM   234  C CA  . ILE A 1 32  ? 6.730   1.386   6.016   1.00 10.90  ? 32  ILE A CA  1 
ATOM   235  C C   . ILE A 1 32  ? 5.810   0.215   6.334   1.00 10.35  ? 32  ILE A C   1 
ATOM   236  O O   . ILE A 1 32  ? 4.598   0.376   6.471   1.00 10.97  ? 32  ILE A O   1 
ATOM   237  C CB  . ILE A 1 32  ? 7.429   1.827   7.308   1.00 11.89  ? 32  ILE A CB  1 
ATOM   238  C CG1 . ILE A 1 32  ? 6.434   2.349   8.359   1.00 13.09  ? 32  ILE A CG1 1 
ATOM   239  C CG2 . ILE A 1 32  ? 8.450   2.888   6.972   1.00 10.83  ? 32  ILE A CG2 1 
ATOM   240  C CD1 . ILE A 1 32  ? 7.018   2.631   9.740   1.00 13.87  ? 32  ILE A CD1 1 
ATOM   241  N N   . GLY A 1 33  ? 6.406   -0.943  6.550   1.00 10.74  ? 33  GLY A N   1 
ATOM   242  C CA  . GLY A 1 33  ? 5.751   -2.024  7.202   1.00 10.33  ? 33  GLY A CA  1 
ATOM   243  C C   . GLY A 1 33  ? 5.890   -1.911  8.697   1.00 11.48  ? 33  GLY A C   1 
ATOM   244  O O   . GLY A 1 33  ? 7.009   -1.731  9.194   1.00 12.16  ? 33  GLY A O   1 
ATOM   245  N N   . TYR A 1 34  ? 4.792   -2.127  9.418   1.00 10.81  ? 34  TYR A N   1 
ATOM   246  C CA  . TYR A 1 34  ? 4.849   -2.017  10.876  1.00 10.89  ? 34  TYR A CA  1 
ATOM   247  C C   . TYR A 1 34  ? 3.800   -2.947  11.470  1.00 11.46  ? 34  TYR A C   1 
ATOM   248  O O   . TYR A 1 34  ? 2.717   -3.094  10.909  1.00 10.47  ? 34  TYR A O   1 
ATOM   249  C CB  . TYR A 1 34  ? 4.616   -0.557  11.271  1.00 11.00  ? 34  TYR A CB  1 
ATOM   250  C CG  . TYR A 1 34  ? 5.138   -0.147  12.619  1.00 11.68  ? 34  TYR A CG  1 
ATOM   251  C CD1 . TYR A 1 34  ? 6.439   0.264   12.768  1.00 12.34  ? 34  TYR A CD1 1 
ATOM   252  C CD2 . TYR A 1 34  ? 4.320   -0.116  13.727  1.00 11.71  ? 34  TYR A CD2 1 
ATOM   253  C CE1 . TYR A 1 34  ? 6.913   0.732   13.980  1.00 13.51  ? 34  TYR A CE1 1 
ATOM   254  C CE2 . TYR A 1 34  ? 4.799   0.253   14.962  1.00 13.21  ? 34  TYR A CE2 1 
ATOM   255  C CZ  . TYR A 1 34  ? 6.104   0.676   15.073  1.00 12.64  ? 34  TYR A CZ  1 
ATOM   256  O OH  . TYR A 1 34  ? 6.572   1.177   16.285  1.00 16.42  ? 34  TYR A OH  1 
ATOM   257  N N   . PRO A 1 35  ? 4.030   -3.434  12.701  1.00 11.70  ? 35  PRO A N   1 
ATOM   258  C CA  . PRO A 1 35  ? 2.992   -4.213  13.343  1.00 12.11  ? 35  PRO A CA  1 
ATOM   259  C C   . PRO A 1 35  ? 1.719   -3.403  13.557  1.00 11.26  ? 35  PRO A C   1 
ATOM   260  O O   . PRO A 1 35  ? 1.790   -2.242  13.952  1.00 12.18  ? 35  PRO A O   1 
ATOM   261  C CB  . PRO A 1 35  ? 3.630   -4.595  14.686  1.00 12.83  ? 35  PRO A CB  1 
ATOM   262  C CG  . PRO A 1 35  ? 5.075   -4.708  14.375  1.00 15.88  ? 35  PRO A CG  1 
ATOM   263  C CD  . PRO A 1 35  ? 5.318   -3.579  13.390  1.00 12.16  ? 35  PRO A CD  1 
ATOM   264  N N   . TYR A 1 36  ? 0.561   -4.038  13.375  1.00 11.49  ? 36  TYR A N   1 
ATOM   265  C CA  . TYR A 1 36  ? -0.679  -3.351  13.487  1.00 10.71  ? 36  TYR A CA  1 
ATOM   266  C C   . TYR A 1 36  ? -1.041  -3.091  14.945  1.00 11.00  ? 36  TYR A C   1 
ATOM   267  O O   . TYR A 1 36  ? -1.147  -4.035  15.768  1.00 12.31  ? 36  TYR A O   1 
ATOM   268  C CB  . TYR A 1 36  ? -1.800  -4.156  12.834  1.00 12.04  ? 36  TYR A CB  1 
ATOM   269  C CG  . TYR A 1 36  ? -3.113  -3.432  12.754  1.00 12.62  ? 36  TYR A CG  1 
ATOM   270  C CD1 . TYR A 1 36  ? -3.224  -2.266  12.004  1.00 11.58  ? 36  TYR A CD1 1 
ATOM   271  C CD2 . TYR A 1 36  ? -4.249  -3.940  13.372  1.00 12.34  ? 36  TYR A CD2 1 
ATOM   272  C CE1 . TYR A 1 36  ? -4.401  -1.565  11.935  1.00 12.52  ? 36  TYR A CE1 1 
ATOM   273  C CE2 . TYR A 1 36  ? -5.434  -3.257  13.296  1.00 11.81  ? 36  TYR A CE2 1 
ATOM   274  C CZ  . TYR A 1 36  ? -5.529  -2.097  12.530  1.00 13.61  ? 36  TYR A CZ  1 
ATOM   275  O OH  . TYR A 1 36  ? -6.676  -1.333  12.414  1.00 14.74  ? 36  TYR A OH  1 
ATOM   276  N N   . HIS A 1 37  ? -1.349  -1.828  15.238  1.00 14.09  ? 37  HIS A N   1 
ATOM   277  C CA  . HIS A 1 37  ? -1.829  -1.435  16.570  1.00 12.45  ? 37  HIS A CA  1 
ATOM   278  C C   . HIS A 1 37  ? -3.082  -0.586  16.468  1.00 13.83  ? 37  HIS A C   1 
ATOM   279  O O   . HIS A 1 37  ? -3.382  0.187   17.380  1.00 15.71  ? 37  HIS A O   1 
ATOM   280  C CB  . HIS A 1 37  ? -0.724  -0.722  17.348  1.00 12.99  ? 37  HIS A CB  1 
ATOM   281  C CG  . HIS A 1 37  ? -0.164  0.482   16.653  1.00 13.50  ? 37  HIS A CG  1 
ATOM   282  N ND1 . HIS A 1 37  ? -0.767  1.722   16.707  1.00 15.93  ? 37  HIS A ND1 1 
ATOM   283  C CD2 . HIS A 1 37  ? 0.921   0.631   15.867  1.00 13.24  ? 37  HIS A CD2 1 
ATOM   284  C CE1 . HIS A 1 37  ? -0.060  2.587   16.001  1.00 16.44  ? 37  HIS A CE1 1 
ATOM   285  N NE2 . HIS A 1 37  ? 0.942   1.938   15.441  1.00 15.08  ? 37  HIS A NE2 1 
ATOM   286  N N   . SER A 1 38  ? -3.832  -0.753  15.378  1.00 14.44  ? 38  SER A N   1 
ATOM   287  C CA  . SER A 1 38  ? -5.046  0.009   15.142  1.00 13.90  ? 38  SER A CA  1 
ATOM   288  C C   . SER A 1 38  ? -4.796  1.494   15.072  1.00 14.94  ? 38  SER A C   1 
ATOM   289  O O   . SER A 1 38  ? -5.706  2.311   15.274  1.00 15.56  ? 38  SER A O   1 
ATOM   290  C CB  . SER A 1 38  ? -6.109  -0.298  16.230  1.00 16.57  ? 38  SER A CB  1 
ATOM   291  O OG  . SER A 1 38  ? -6.419  -1.705  16.302  1.00 18.30  ? 38  SER A OG  1 
ATOM   292  N N   . GLY A 1 39  ? -3.600  1.888   14.685  1.00 14.06  ? 39  GLY A N   1 
ATOM   293  C CA  . GLY A 1 39  ? -3.336  3.312   14.463  1.00 14.14  ? 39  GLY A CA  1 
ATOM   294  C C   . GLY A 1 39  ? -4.099  3.823   13.258  1.00 13.38  ? 39  GLY A C   1 
ATOM   295  O O   . GLY A 1 39  ? -4.206  3.106   12.252  1.00 12.41  ? 39  GLY A O   1 
ATOM   296  N N   . LYS A 1 40  ? -4.526  5.089   13.259  1.00 13.62  ? 40  LYS A N   1 
ATOM   297  C CA  . LYS A 1 40  ? -5.135  5.674   12.073  1.00 13.32  ? 40  LYS A CA  1 
ATOM   298  C C   . LYS A 1 40  ? -4.150  5.946   10.964  1.00 11.29  ? 40  LYS A C   1 
ATOM   299  O O   . LYS A 1 40  ? -4.539  6.009   9.788   1.00 11.96  ? 40  LYS A O   1 
ATOM   300  C CB  . LYS A 1 40  ? -5.930  6.948   12.385  1.00 14.74  ? 40  LYS A CB  1 
ATOM   301  C CG  . LYS A 1 40  ? -7.345  6.602   12.829  1.00 16.59  ? 40  LYS A CG  1 
ATOM   302  C CD  . LYS A 1 40  ? -7.422  5.941   14.176  1.00 17.96  ? 40  LYS A CD  1 
ATOM   303  C CE  . LYS A 1 40  ? -8.881  5.823   14.594  1.00 20.90  ? 40  LYS A CE  1 
ATOM   304  N NZ  . LYS A 1 40  ? -9.030  5.046   15.842  1.00 26.39  ? 40  LYS A NZ  1 
ATOM   305  N N   . ASN A 1 41  ? -2.862  5.973   11.309  1.00 10.64  ? 41  ASN A N   1 
ATOM   306  C CA  . ASN A 1 41  ? -1.804  6.002   10.312  1.00 11.39  ? 41  ASN A CA  1 
ATOM   307  C C   . ASN A 1 41  ? -1.526  4.630   9.684   1.00 12.07  ? 41  ASN A C   1 
ATOM   308  O O   . ASN A 1 41  ? -0.665  4.509   8.803   1.00 13.15  ? 41  ASN A O   1 
ATOM   309  C CB  . ASN A 1 41  ? -0.525  6.533   10.942  1.00 11.50  ? 41  ASN A CB  1 
ATOM   310  C CG  . ASN A 1 41  ? 0.017   5.599   11.988  1.00 11.60  ? 41  ASN A CG  1 
ATOM   311  O OD1 . ASN A 1 41  ? -0.699  5.215   12.904  1.00 12.38  ? 41  ASN A OD1 1 
ATOM   312  N ND2 . ASN A 1 41  ? 1.290   5.275   11.916  1.00 10.65  ? 41  ASN A ND2 1 
ATOM   313  N N   . GLN A 1 42  ? -2.308  3.617   10.081  1.00 10.66  ? 42  GLN A N   1 
ATOM   314  C CA  . GLN A 1 42  ? -2.282  2.267   9.511   1.00 10.98  ? 42  GLN A CA  1 
ATOM   315  C C   . GLN A 1 42  ? -3.625  1.930   8.850   1.00 11.08  ? 42  GLN A C   1 
ATOM   316  O O   . GLN A 1 42  ? -3.921  0.763   8.579   1.00 11.55  ? 42  GLN A O   1 
ATOM   317  C CB  . GLN A 1 42  ? -2.066  1.260   10.648  1.00 10.16  ? 42  GLN A CB  1 
ATOM   318  C CG  . GLN A 1 42  ? -0.848  1.633   11.472  1.00 11.09  ? 42  GLN A CG  1 
ATOM   319  C CD  . GLN A 1 42  ? -0.478  0.604   12.487  1.00 10.94  ? 42  GLN A CD  1 
ATOM   320  O OE1 . GLN A 1 42  ? -1.312  0.244   13.331  1.00 13.30  ? 42  GLN A OE1 1 
ATOM   321  N NE2 . GLN A 1 42  ? 0.750   0.130   12.454  1.00 11.29  ? 42  GLN A NE2 1 
ATOM   322  N N   . GLN A 1 43  ? -4.415  2.974   8.573   1.00 10.46  ? 43  GLN A N   1 
ATOM   323  C CA  . GLN A 1 43  ? -5.754  2.829   7.996   1.00 10.17  ? 43  GLN A CA  1 
ATOM   324  C C   . GLN A 1 43  ? -5.867  3.741   6.788   1.00 11.25  ? 43  GLN A C   1 
ATOM   325  O O   . GLN A 1 43  ? -5.363  4.843   6.798   1.00 12.07  ? 43  GLN A O   1 
ATOM   326  C CB  . GLN A 1 43  ? -6.834  3.175   9.028   1.00 12.32  ? 43  GLN A CB  1 
ATOM   327  C CG  . GLN A 1 43  ? -6.767  2.231   10.211  1.00 13.78  ? 43  GLN A CG  1 
ATOM   328  C CD  . GLN A 1 43  ? -7.756  2.539   11.302  1.00 15.64  ? 43  GLN A CD  1 
ATOM   329  O OE1 . GLN A 1 43  ? -7.484  2.289   12.475  1.00 19.82  ? 43  GLN A OE1 1 
ATOM   330  N NE2 . GLN A 1 43  ? -8.928  2.918   10.918  1.00 16.41  ? 43  GLN A NE2 1 
ATOM   331  N N   . TRP A 1 44  ? -6.458  3.230   5.717   1.00 10.36  ? 44  TRP A N   1 
ATOM   332  C CA  . TRP A 1 44  ? -6.471  3.831   4.415   1.00 10.29  ? 44  TRP A CA  1 
ATOM   333  C C   . TRP A 1 44  ? -7.896  3.823   3.845   1.00 11.18  ? 44  TRP A C   1 
ATOM   334  O O   . TRP A 1 44  ? -8.513  2.751   3.721   1.00 12.28  ? 44  TRP A O   1 
ATOM   335  C CB  . TRP A 1 44  ? -5.530  3.033   3.486   1.00 11.17  ? 44  TRP A CB  1 
ATOM   336  C CG  . TRP A 1 44  ? -4.138  3.022   4.009   1.00 10.38  ? 44  TRP A CG  1 
ATOM   337  C CD1 . TRP A 1 44  ? -3.571  2.079   4.816   1.00 10.68  ? 44  TRP A CD1 1 
ATOM   338  C CD2 . TRP A 1 44  ? -3.156  4.074   3.873   1.00 10.38  ? 44  TRP A CD2 1 
ATOM   339  N NE1 . TRP A 1 44  ? -2.303  2.484   5.188   1.00 11.61  ? 44  TRP A NE1 1 
ATOM   340  C CE2 . TRP A 1 44  ? -2.017  3.688   4.602   1.00 11.08  ? 44  TRP A CE2 1 
ATOM   341  C CE3 . TRP A 1 44  ? -3.152  5.309   3.219   1.00 11.38  ? 44  TRP A CE3 1 
ATOM   342  C CZ2 . TRP A 1 44  ? -0.899  4.512   4.721   1.00 12.37  ? 44  TRP A CZ2 1 
ATOM   343  C CZ3 . TRP A 1 44  ? -2.030  6.101   3.295   1.00 12.67  ? 44  TRP A CZ3 1 
ATOM   344  C CH2 . TRP A 1 44  ? -0.898  5.679   4.022   1.00 11.46  ? 44  TRP A CH2 1 
ATOM   345  N N   . THR A 1 45  ? -8.414  5.010   3.554   1.00 11.85  ? 45  THR A N   1 
ATOM   346  C CA  . THR A 1 45  ? -9.749  5.181   3.017   1.00 11.71  ? 45  THR A CA  1 
ATOM   347  C C   . THR A 1 45  ? -9.672  5.056   1.508   1.00 12.90  ? 45  THR A C   1 
ATOM   348  O O   . THR A 1 45  ? -9.003  5.853   0.866   1.00 12.24  ? 45  THR A O   1 
ATOM   349  C CB  . THR A 1 45  ? -10.328 6.529   3.450   1.00 12.36  ? 45  THR A CB  1 
ATOM   350  O OG1 . THR A 1 45  ? -10.274 6.612   4.889   1.00 14.22  ? 45  THR A OG1 1 
ATOM   351  C CG2 . THR A 1 45  ? -11.787 6.666   2.963   1.00 14.66  ? 45  THR A CG2 1 
ATOM   352  N N   . PHE A 1 46  ? -10.370 4.073   0.937   1.00 11.91  ? 46  PHE A N   1 
ATOM   353  C CA  . PHE A 1 46  ? -10.301 3.798   -0.475  1.00 13.98  ? 46  PHE A CA  1 
ATOM   354  C C   . PHE A 1 46  ? -11.316 4.660   -1.205  1.00 14.32  ? 46  PHE A C   1 
ATOM   355  O O   . PHE A 1 46  ? -12.415 4.862   -0.711  1.00 15.75  ? 46  PHE A O   1 
ATOM   356  C CB  . PHE A 1 46  ? -10.622 2.332   -0.727  1.00 12.52  ? 46  PHE A CB  1 
ATOM   357  C CG  . PHE A 1 46  ? -9.465  1.386   -0.479  1.00 12.60  ? 46  PHE A CG  1 
ATOM   358  C CD1 . PHE A 1 46  ? -8.656  1.485   0.644   1.00 12.18  ? 46  PHE A CD1 1 
ATOM   359  C CD2 . PHE A 1 46  ? -9.196  0.382   -1.386  1.00 12.44  ? 46  PHE A CD2 1 
ATOM   360  C CE1 . PHE A 1 46  ? -7.632  0.553   0.859   1.00 12.38  ? 46  PHE A CE1 1 
ATOM   361  C CE2 . PHE A 1 46  ? -8.194  -0.555  -1.168  1.00 14.01  ? 46  PHE A CE2 1 
ATOM   362  C CZ  . PHE A 1 46  ? -7.399  -0.456  -0.037  1.00 12.66  ? 46  PHE A CZ  1 
ATOM   363  N N   . ASN A 1 47  ? -10.960 5.120   -2.400  1.00 13.00  ? 47  ASN A N   1 
ATOM   364  C CA  . ASN A 1 47  ? -11.905 5.828   -3.268  1.00 13.66  ? 47  ASN A CA  1 
ATOM   365  C C   . ASN A 1 47  ? -11.695 5.283   -4.659  1.00 13.80  ? 47  ASN A C   1 
ATOM   366  O O   . ASN A 1 47  ? -10.559 5.220   -5.143  1.00 13.45  ? 47  ASN A O   1 
ATOM   367  C CB  . ASN A 1 47  ? -11.664 7.333   -3.265  1.00 14.49  ? 47  ASN A CB  1 
ATOM   368  C CG  . ASN A 1 47  ? -12.711 8.094   -4.064  1.00 17.51  ? 47  ASN A CG  1 
ATOM   369  O OD1 . ASN A 1 47  ? -13.890 7.808   -3.943  1.00 16.30  ? 47  ASN A OD1 1 
ATOM   370  N ND2 . ASN A 1 47  ? -12.286 8.992   -4.924  1.00 20.12  ? 47  ASN A ND2 1 
ATOM   371  N N   . TRP A 1 48  ? -12.803 4.899   -5.306  1.00 12.93  ? 48  TRP A N   1 
ATOM   372  C CA  . TRP A 1 48  ? -12.794 4.606   -6.728  1.00 11.65  ? 48  TRP A CA  1 
ATOM   373  C C   . TRP A 1 48  ? -13.147 5.862   -7.488  1.00 14.75  ? 48  TRP A C   1 
ATOM   374  O O   . TRP A 1 48  ? -14.213 6.444   -7.312  1.00 15.08  ? 48  TRP A O   1 
ATOM   375  C CB  . TRP A 1 48  ? -13.756 3.455   -7.045  1.00 13.70  ? 48  TRP A CB  1 
ATOM   376  C CG  . TRP A 1 48  ? -13.919 3.152   -8.510  1.00 12.51  ? 48  TRP A CG  1 
ATOM   377  C CD1 . TRP A 1 48  ? -14.983 3.547   -9.316  1.00 14.01  ? 48  TRP A CD1 1 
ATOM   378  C CD2 . TRP A 1 48  ? -13.016 2.450   -9.367  1.00 11.90  ? 48  TRP A CD2 1 
ATOM   379  N NE1 . TRP A 1 48  ? -14.787 3.091   -10.580 1.00 12.81  ? 48  TRP A NE1 1 
ATOM   380  C CE2 . TRP A 1 48  ? -13.591 2.414   -10.650 1.00 12.27  ? 48  TRP A CE2 1 
ATOM   381  C CE3 . TRP A 1 48  ? -11.835 1.732   -9.144  1.00 11.09  ? 48  TRP A CE3 1 
ATOM   382  C CZ2 . TRP A 1 48  ? -13.053 1.662   -11.670 1.00 12.66  ? 48  TRP A CZ2 1 
ATOM   383  C CZ3 . TRP A 1 48  ? -11.256 1.086   -10.169 1.00 11.01  ? 48  TRP A CZ3 1 
ATOM   384  C CH2 . TRP A 1 48  ? -11.854 1.080   -11.450 1.00 12.19  ? 48  TRP A CH2 1 
ATOM   385  N N   . THR A 1 49  ? -12.238 6.241   -8.340  1.00 13.45  ? 49  THR A N   1 
ATOM   386  C CA  . THR A 1 49  ? -12.288 7.527   -9.036  1.00 14.98  ? 49  THR A CA  1 
ATOM   387  C C   . THR A 1 49  ? -13.183 7.448   -10.253 1.00 18.49  ? 49  THR A C   1 
ATOM   388  O O   . THR A 1 49  ? -13.435 8.471   -10.905 1.00 18.95  ? 49  THR A O   1 
ATOM   389  C CB  . THR A 1 49  ? -10.892 7.963   -9.499  1.00 15.77  ? 49  THR A CB  1 
ATOM   390  O OG1 . THR A 1 49  ? -10.381 7.043   -10.465 1.00 14.12  ? 49  THR A OG1 1 
ATOM   391  C CG2 . THR A 1 49  ? -9.946  8.158   -8.317  1.00 15.47  ? 49  THR A CG2 1 
ATOM   392  N N   . GLY A 1 50  ? -13.580 6.231   -10.617 1.00 15.46  ? 50  GLY A N   1 
ATOM   393  C CA  . GLY A 1 50  ? -14.141 5.959   -11.931 1.00 16.00  ? 50  GLY A CA  1 
ATOM   394  C C   . GLY A 1 50  ? -13.246 5.136   -12.813 1.00 15.27  ? 50  GLY A C   1 
ATOM   395  O O   . GLY A 1 50  ? -13.725 4.443   -13.715 1.00 18.87  ? 50  GLY A O   1 
ATOM   396  N N   . LYS A 1 51  ? -11.937 5.163   -12.569 1.00 14.52  ? 51  LYS A N   1 
ATOM   397  C CA  . LYS A 1 51  ? -11.016 4.379   -13.335 1.00 15.55  ? 51  LYS A CA  1 
ATOM   398  C C   . LYS A 1 51  ? -9.901  3.714   -12.511 1.00 14.16  ? 51  LYS A C   1 
ATOM   399  O O   . LYS A 1 51  ? -9.167  2.906   -13.043 1.00 15.35  ? 51  LYS A O   1 
ATOM   400  C CB  . LYS A 1 51  ? -10.386 5.198   -14.467 1.00 19.09  ? 51  LYS A CB  1 
ATOM   401  C CG  . LYS A 1 51  ? -9.590  6.393   -14.027 1.00 22.51  ? 51  LYS A CG  1 
ATOM   402  C CD  . LYS A 1 51  ? -9.366  7.350   -15.200 1.00 24.49  ? 51  LYS A CD  1 
ATOM   403  C CE  . LYS A 1 51  ? -8.208  8.286   -14.904 1.00 24.80  ? 51  LYS A CE  1 
ATOM   404  N NZ  . LYS A 1 51  ? -8.491  9.148   -13.731 1.00 26.02  ? 51  LYS A NZ  1 
ATOM   405  N N   . ALA A 1 52  ? -9.780  4.059   -11.237 1.00 13.26  ? 52  ALA A N   1 
ATOM   406  C CA  . ALA A 1 52  ? -8.681  3.552   -10.398 1.00 12.67  ? 52  ALA A CA  1 
ATOM   407  C C   . ALA A 1 52  ? -8.990  3.863   -8.936  1.00 11.95  ? 52  ALA A C   1 
ATOM   408  O O   . ALA A 1 52  ? -10.006 4.470   -8.632  1.00 12.81  ? 52  ALA A O   1 
ATOM   409  C CB  . ALA A 1 52  ? -7.370  4.218   -10.803 1.00 15.06  ? 52  ALA A CB  1 
ATOM   410  N N   . TRP A 1 53  ? -8.079  3.447   -8.040  1.00 11.04  ? 53  TRP A N   1 
ATOM   411  C CA  . TRP A 1 53  ? -8.240  3.612   -6.619  1.00 10.26  ? 53  TRP A CA  1 
ATOM   412  C C   . TRP A 1 53  ? -7.259  4.641   -6.099  1.00 10.99  ? 53  TRP A C   1 
ATOM   413  O O   . TRP A 1 53  ? -6.092  4.612   -6.429  1.00 12.70  ? 53  TRP A O   1 
ATOM   414  C CB  . TRP A 1 53  ? -8.000  2.262   -5.933  1.00 10.02  ? 53  TRP A CB  1 
ATOM   415  C CG  . TRP A 1 53  ? -8.955  1.188   -6.313  1.00 11.17  ? 53  TRP A CG  1 
ATOM   416  C CD1 . TRP A 1 53  ? -8.794  0.251   -7.289  1.00 11.97  ? 53  TRP A CD1 1 
ATOM   417  C CD2 . TRP A 1 53  ? -10.206 0.934   -5.704  1.00 10.81  ? 53  TRP A CD2 1 
ATOM   418  N NE1 . TRP A 1 53  ? -9.872  -0.595  -7.306  1.00 12.90  ? 53  TRP A NE1 1 
ATOM   419  C CE2 . TRP A 1 53  ? -10.760 -0.197  -6.343  1.00 10.94  ? 53  TRP A CE2 1 
ATOM   420  C CE3 . TRP A 1 53  ? -10.921 1.547   -4.672  1.00 11.11  ? 53  TRP A CE3 1 
ATOM   421  C CZ2 . TRP A 1 53  ? -11.946 -0.742  -5.943  1.00 12.82  ? 53  TRP A CZ2 1 
ATOM   422  C CZ3 . TRP A 1 53  ? -12.109 0.992   -4.285  1.00 11.94  ? 53  TRP A CZ3 1 
ATOM   423  C CH2 . TRP A 1 53  ? -12.627 -0.102  -4.954  1.00 13.25  ? 53  TRP A CH2 1 
ATOM   424  N N   . THR A 1 54  ? -7.738  5.446   -5.184  1.00 11.51  ? 54  THR A N   1 
ATOM   425  C CA  . THR A 1 54  ? -6.873  6.276   -4.370  1.00 12.50  ? 54  THR A CA  1 
ATOM   426  C C   . THR A 1 54  ? -7.044  5.882   -2.905  1.00 11.99  ? 54  THR A C   1 
ATOM   427  O O   . THR A 1 54  ? -8.100  5.348   -2.490  1.00 12.46  ? 54  THR A O   1 
ATOM   428  C CB  . THR A 1 54  ? -7.157  7.763   -4.536  1.00 12.31  ? 54  THR A CB  1 
ATOM   429  O OG1 . THR A 1 54  ? -8.444  8.079   -3.974  1.00 14.27  ? 54  THR A OG1 1 
ATOM   430  C CG2 . THR A 1 54  ? -7.061  8.178   -6.012  1.00 13.71  ? 54  THR A CG2 1 
ATOM   431  N N   . LEU A 1 55  ? -5.934  5.996   -2.163  1.00 10.95  ? 55  LEU A N   1 
ATOM   432  C CA  . LEU A 1 55  ? -5.873  5.519   -0.778  1.00 10.89  ? 55  LEU A CA  1 
ATOM   433  C C   . LEU A 1 55  ? -5.484  6.694   0.117   1.00 11.79  ? 55  LEU A C   1 
ATOM   434  O O   . LEU A 1 55  ? -4.377  7.204   0.008   1.00 13.00  ? 55  LEU A O   1 
ATOM   435  C CB  . LEU A 1 55  ? -4.833  4.385   -0.638  1.00 11.94  ? 55  LEU A CB  1 
ATOM   436  C CG  . LEU A 1 55  ? -5.395  2.995   -0.913  1.00 14.74  ? 55  LEU A CG  1 
ATOM   437  C CD1 . LEU A 1 55  ? -5.853  2.870   -2.343  1.00 15.32  ? 55  LEU A CD1 1 
ATOM   438  C CD2 . LEU A 1 55  ? -4.385  1.900   -0.593  1.00 15.45  ? 55  LEU A CD2 1 
ATOM   439  N N   . ARG A 1 56  ? -6.413  7.169   0.936   1.00 11.31  ? 56  ARG A N   1 
ATOM   440  C CA  . ARG A 1 56  ? -6.242  8.368   1.761   1.00 12.65  ? 56  ARG A CA  1 
ATOM   441  C C   . ARG A 1 56  ? -5.933  7.939   3.192   1.00 13.12  ? 56  ARG A C   1 
ATOM   442  O O   . ARG A 1 56  ? -6.627  7.129   3.798   1.00 11.75  ? 56  ARG A O   1 
ATOM   443  C CB  . ARG A 1 56  ? -7.509  9.185   1.724   1.00 13.63  ? 56  ARG A CB  1 
ATOM   444  C CG  . ARG A 1 56  ? -7.475  10.557  2.396   1.00 14.46  ? 56  ARG A CG  1 
ATOM   445  C CD  . ARG A 1 56  ? -8.852  11.218  2.320   1.00 19.22  ? 56  ARG A CD  1 
ATOM   446  N NE  . ARG A 1 56  ? -8.784  12.660  1.993   1.00 27.95  ? 56  ARG A NE  1 
ATOM   447  C CZ  . ARG A 1 56  ? -8.659  13.657  2.875   1.00 25.76  ? 56  ARG A CZ  1 
ATOM   448  N NH1 . ARG A 1 56  ? -8.678  13.447  4.195   1.00 21.21  ? 56  ARG A NH1 1 
ATOM   449  N NH2 . ARG A 1 56  ? -8.596  14.908  2.431   1.00 30.31  ? 56  ARG A NH2 1 
ATOM   450  N N   . SER A 1 57  ? -4.887  8.506   3.756   1.00 12.23  ? 57  SER A N   1 
ATOM   451  C CA  . SER A 1 57  ? -4.526  8.222   5.116   1.00 11.25  ? 57  SER A CA  1 
ATOM   452  C C   . SER A 1 57  ? -5.577  8.739   6.063   1.00 11.44  ? 57  SER A C   1 
ATOM   453  O O   . SER A 1 57  ? -5.886  9.896   6.070   1.00 12.31  ? 57  SER A O   1 
ATOM   454  C CB  . SER A 1 57  ? -3.194  8.884   5.477   1.00 12.08  ? 57  SER A CB  1 
ATOM   455  O OG  . SER A 1 57  ? -2.978  8.837   6.864   1.00 11.87  ? 57  SER A OG  1 
ATOM   456  N N   . ALA A 1 58  ? -6.101  7.838   6.899   1.00 11.79  ? 58  ALA A N   1 
ATOM   457  C CA  . ALA A 1 58  ? -7.101  8.223   7.871   1.00 12.49  ? 58  ALA A CA  1 
ATOM   458  C C   . ALA A 1 58  ? -6.580  9.181   8.930   1.00 14.79  ? 58  ALA A C   1 
ATOM   459  O O   . ALA A 1 58  ? -7.368  9.838   9.633   1.00 18.73  ? 58  ALA A O   1 
ATOM   460  C CB  . ALA A 1 58  ? -7.652  6.983   8.522   1.00 12.39  ? 58  ALA A CB  1 
ATOM   461  N N   . SER A 1 59  ? -5.274  9.193   9.175   1.00 12.08  ? 59  SER A N   1 
ATOM   462  C CA  . SER A 1 59  ? -4.708  10.110  10.172  1.00 13.28  ? 59  SER A CA  1 
ATOM   463  C C   . SER A 1 59  ? -4.365  11.454  9.564   1.00 14.71  ? 59  SER A C   1 
ATOM   464  O O   . SER A 1 59  ? -4.639  12.486  10.159  1.00 16.87  ? 59  SER A O   1 
ATOM   465  C CB  . SER A 1 59  ? -3.472  9.508   10.814  1.00 13.32  ? 59  SER A CB  1 
ATOM   466  O OG  . SER A 1 59  ? -2.578  9.034   9.831   1.00 14.15  ? 59  SER A OG  1 
ATOM   467  N N   . SER A 1 60  ? -3.696  11.455  8.424   1.00 13.63  ? 60  SER A N   1 
ATOM   468  C CA  . SER A 1 60  ? -3.130  12.689  7.888   1.00 15.64  ? 60  SER A CA  1 
ATOM   469  C C   . SER A 1 60  ? -3.921  13.337  6.768   1.00 14.64  ? 60  SER A C   1 
ATOM   470  O O   . SER A 1 60  ? -3.753  14.518  6.493   1.00 15.76  ? 60  SER A O   1 
ATOM   471  C CB  . SER A 1 60  ? -1.703  12.476  7.426   1.00 17.66  ? 60  SER A CB  1 
ATOM   472  O OG  . SER A 1 60  ? -1.713  11.822  6.178   1.00 18.48  ? 60  SER A OG  1 
ATOM   473  N N   . GLY A 1 61  ? -4.747  12.583  6.070   1.00 13.52  ? 61  GLY A N   1 
ATOM   474  C CA  . GLY A 1 61  ? -5.377  13.113  4.879   1.00 15.10  ? 61  GLY A CA  1 
ATOM   475  C C   . GLY A 1 61  ? -4.545  13.183  3.621   1.00 16.16  ? 61  GLY A C   1 
ATOM   476  O O   . GLY A 1 61  ? -5.062  13.563  2.581   1.00 17.84  ? 61  GLY A O   1 
ATOM   477  N N   . SER A 1 62  ? -3.263  12.839  3.701   1.00 13.20  ? 62  SER A N   1 
ATOM   478  C CA  A SER A 1 62  ? -2.413  12.609  2.536   0.60 12.98  ? 62  SER A CA  1 
ATOM   479  C CA  B SER A 1 62  ? -2.515  12.683  2.466   0.40 13.17  ? 62  SER A CA  1 
ATOM   480  C C   . SER A 1 62  ? -2.784  11.316  1.868   1.00 13.08  ? 62  SER A C   1 
ATOM   481  O O   . SER A 1 62  ? -3.502  10.523  2.446   1.00 13.38  ? 62  SER A O   1 
ATOM   482  C CB  A SER A 1 62  ? -0.949  12.553  2.963   0.60 13.88  ? 62  SER A CB  1 
ATOM   483  C CB  B SER A 1 62  ? -1.031  12.943  2.678   0.40 13.39  ? 62  SER A CB  1 
ATOM   484  O OG  A SER A 1 62  ? -0.543  13.789  3.518   0.60 17.10  ? 62  SER A OG  1 
ATOM   485  O OG  B SER A 1 62  ? -0.566  12.299  3.841   0.40 14.06  ? 62  SER A OG  1 
ATOM   486  N N   . TYR A 1 63  ? -2.276  11.096  0.670   1.00 11.85  ? 63  TYR A N   1 
ATOM   487  C CA  . TYR A 1 63  ? -2.599  9.919   -0.114  1.00 12.25  ? 63  TYR A CA  1 
ATOM   488  C C   . TYR A 1 63  ? -1.390  9.030   -0.248  1.00 12.58  ? 63  TYR A C   1 
ATOM   489  O O   . TYR A 1 63  ? -0.243  9.497   -0.266  1.00 12.78  ? 63  TYR A O   1 
ATOM   490  C CB  . TYR A 1 63  ? -3.115  10.316  -1.485  1.00 12.46  ? 63  TYR A CB  1 
ATOM   491  C CG  . TYR A 1 63  ? -4.428  11.033  -1.412  1.00 13.22  ? 63  TYR A CG  1 
ATOM   492  C CD1 . TYR A 1 63  ? -4.484  12.395  -1.195  1.00 13.58  ? 63  TYR A CD1 1 
ATOM   493  C CD2 . TYR A 1 63  ? -5.632  10.316  -1.451  1.00 12.23  ? 63  TYR A CD2 1 
ATOM   494  C CE1 . TYR A 1 63  ? -5.698  13.060  -1.119  1.00 13.98  ? 63  TYR A CE1 1 
ATOM   495  C CE2 . TYR A 1 63  ? -6.836  10.964  -1.389  1.00 13.39  ? 63  TYR A CE2 1 
ATOM   496  C CZ  . TYR A 1 63  ? -6.870  12.330  -1.187  1.00 14.63  ? 63  TYR A CZ  1 
ATOM   497  O OH  . TYR A 1 63  ? -8.109  12.990  -1.183  1.00 19.00  ? 63  TYR A OH  1 
ATOM   498  N N   . LEU A 1 64  ? -1.636  7.738   -0.349  1.00 12.08  ? 64  LEU A N   1 
ATOM   499  C CA  . LEU A 1 64  ? -0.551  6.779   -0.668  1.00 11.88  ? 64  LEU A CA  1 
ATOM   500  C C   . LEU A 1 64  ? -0.083  7.033   -2.101  1.00 12.48  ? 64  LEU A C   1 
ATOM   501  O O   . LEU A 1 64  ? -0.858  6.886   -3.055  1.00 11.99  ? 64  LEU A O   1 
ATOM   502  C CB  . LEU A 1 64  ? -1.063  5.362   -0.536  1.00 13.19  ? 64  LEU A CB  1 
ATOM   503  C CG  . LEU A 1 64  ? 0.005   4.294   -0.586  1.00 12.35  ? 64  LEU A CG  1 
ATOM   504  C CD1 . LEU A 1 64  ? 0.768   4.351   0.717   1.00 17.68  ? 64  LEU A CD1 1 
ATOM   505  C CD2 . LEU A 1 64  ? -0.671  2.915   -0.767  1.00 12.44  ? 64  LEU A CD2 1 
ATOM   506  N N   . GLY A 1 65  ? 1.186   7.416   -2.275  1.00 12.40  ? 65  GLY A N   1 
ATOM   507  C CA  . GLY A 1 65  ? 1.736   7.729   -3.607  1.00 12.69  ? 65  GLY A CA  1 
ATOM   508  C C   . GLY A 1 65  ? 3.202   7.380   -3.709  1.00 13.30  ? 65  GLY A C   1 
ATOM   509  O O   . GLY A 1 65  ? 3.697   6.566   -2.949  1.00 12.84  ? 65  GLY A O   1 
ATOM   510  N N   A ILE A 1 66  ? 3.943   7.912   -4.682  0.50 15.10  ? 66  ILE A N   1 
ATOM   511  N N   B ILE A 1 66  ? 3.741   7.868   -4.829  0.50 15.01  ? 66  ILE A N   1 
ATOM   512  C CA  A ILE A 1 66  ? 5.305   7.385   -4.897  0.50 15.00  ? 66  ILE A CA  1 
ATOM   513  C CA  B ILE A 1 66  ? 5.152   7.955   -5.087  0.50 14.00  ? 66  ILE A CA  1 
ATOM   514  C C   A ILE A 1 66  ? 6.386   8.456   -4.953  0.50 15.48  ? 66  ILE A C   1 
ATOM   515  C C   B ILE A 1 66  ? 5.446   9.343   -5.650  0.50 14.46  ? 66  ILE A C   1 
ATOM   516  O O   A ILE A 1 66  ? 6.097   9.628   -5.260  0.50 15.45  ? 66  ILE A O   1 
ATOM   517  O O   B ILE A 1 66  ? 4.530   10.078  -6.009  0.50 14.44  ? 66  ILE A O   1 
ATOM   518  C CB  A ILE A 1 66  ? 5.415   6.465   -6.153  0.50 13.72  ? 66  ILE A CB  1 
ATOM   519  C CB  B ILE A 1 66  ? 5.615   6.871   -6.093  0.50 14.44  ? 66  ILE A CB  1 
ATOM   520  C CG1 A ILE A 1 66  ? 4.952   7.167   -7.417  0.50 13.13  ? 66  ILE A CG1 1 
ATOM   521  C CG1 B ILE A 1 66  ? 4.956   7.052   -7.456  0.50 13.16  ? 66  ILE A CG1 1 
ATOM   522  C CG2 A ILE A 1 66  ? 4.630   5.178   -5.969  0.50 15.13  ? 66  ILE A CG2 1 
ATOM   523  C CG2 B ILE A 1 66  ? 5.278   5.488   -5.577  0.50 13.46  ? 66  ILE A CG2 1 
ATOM   524  C CD1 A ILE A 1 66  ? 4.984   6.283   -8.641  0.50 12.69  ? 66  ILE A CD1 1 
ATOM   525  C CD1 B ILE A 1 66  ? 5.573   6.225   -8.560  0.50 14.03  ? 66  ILE A CD1 1 
ATOM   526  N N   A GLU A 1 67  ? 7.614   8.036   -4.621  0.50 16.09  ? 67  GLU A N   1 
ATOM   527  N N   B GLU A 1 67  ? 6.722   9.690   -5.680  0.50 17.75  ? 67  GLU A N   1 
ATOM   528  C CA  A GLU A 1 67  ? 8.750   8.917   -4.603  0.50 14.91  ? 67  GLU A CA  1 
ATOM   529  C CA  B GLU A 1 67  ? 7.144   11.000  -6.130  0.50 16.27  ? 67  GLU A CA  1 
ATOM   530  C C   A GLU A 1 67  ? 9.509   8.844   -5.924  0.50 15.16  ? 67  GLU A C   1 
ATOM   531  C C   B GLU A 1 67  ? 8.301   10.833  -7.113  0.50 18.99  ? 67  GLU A C   1 
ATOM   532  O O   A GLU A 1 67  ? 10.410  8.035   -6.073  0.50 14.44  ? 67  GLU A O   1 
ATOM   533  O O   B GLU A 1 67  ? 8.383   11.579  -8.073  0.50 22.97  ? 67  GLU A O   1 
ATOM   534  C CB  A GLU A 1 67  ? 9.654   8.618   -3.435  0.50 16.54  ? 67  GLU A CB  1 
ATOM   535  C CB  B GLU A 1 67  ? 7.521   11.872  -4.920  0.50 18.22  ? 67  GLU A CB  1 
ATOM   536  C CG  A GLU A 1 67  ? 10.661  9.717   -3.133  0.50 18.14  ? 67  GLU A CG  1 
ATOM   537  C CG  B GLU A 1 67  ? 6.327   12.582  -4.299  0.50 16.71  ? 67  GLU A CG  1 
ATOM   538  C CD  A GLU A 1 67  ? 11.672  9.284   -2.088  0.50 17.30  ? 67  GLU A CD  1 
ATOM   539  C CD  B GLU A 1 67  ? 6.650   13.501  -3.113  0.50 18.42  ? 67  GLU A CD  1 
ATOM   540  O OE1 A GLU A 1 67  ? 12.118  8.123   -2.137  0.50 18.35  ? 67  GLU A OE1 1 
ATOM   541  O OE1 B GLU A 1 67  ? 7.665   13.301  -2.420  0.50 16.07  ? 67  GLU A OE1 1 
ATOM   542  O OE2 A GLU A 1 67  ? 12.020  10.075  -1.203  0.50 16.38  ? 67  GLU A OE2 1 
ATOM   543  O OE2 B GLU A 1 67  ? 5.793   14.367  -2.790  0.50 20.33  ? 67  GLU A OE2 1 
ATOM   544  N N   A GLY A 1 68  ? 9.000   9.569   -6.917  0.50 16.18  ? 68  GLY A N   1 
ATOM   545  N N   B GLY A 1 68  ? 9.087   9.766   -6.959  0.50 19.12  ? 68  GLY A N   1 
ATOM   546  C CA  A GLY A 1 68  ? 9.652   9.705   -8.219  0.50 17.58  ? 68  GLY A CA  1 
ATOM   547  C CA  B GLY A 1 68  ? 10.009  9.320   -8.020  0.50 18.76  ? 68  GLY A CA  1 
ATOM   548  C C   A GLY A 1 68  ? 9.017   8.846   -9.288  0.50 19.46  ? 68  GLY A C   1 
ATOM   549  C C   B GLY A 1 68  ? 9.266   8.541   -9.093  0.50 18.38  ? 68  GLY A C   1 
ATOM   550  O O   A GLY A 1 68  ? 7.840   8.426   -9.199  0.50 15.34  ? 68  GLY A O   1 
ATOM   551  O O   B GLY A 1 68  ? 8.194   7.993   -8.831  0.50 14.75  ? 68  GLY A O   1 
ATOM   552  N N   . THR A 1 69  ? 9.779   8.552   -10.326 1.00 18.86  ? 69  THR A N   1 
ATOM   553  C CA  . THR A 1 69  ? 9.179   7.803   -11.411 1.00 18.04  ? 69  THR A CA  1 
ATOM   554  C C   . THR A 1 69  ? 9.218   6.306   -11.116 1.00 14.32  ? 69  THR A C   1 
ATOM   555  O O   . THR A 1 69  ? 10.109  5.848   -10.416 1.00 17.83  ? 69  THR A O   1 
ATOM   556  C CB  . THR A 1 69  ? 9.812   8.143   -12.758 1.00 19.62  ? 69  THR A CB  1 
ATOM   557  O OG1 . THR A 1 69  ? 9.025   7.529   -13.752 1.00 19.23  ? 69  THR A OG1 1 
ATOM   558  C CG2 . THR A 1 69  ? 11.199  7.625   -12.860 1.00 20.32  ? 69  THR A CG2 1 
ATOM   559  N N   . PRO A 1 70  ? 8.209   5.532   -11.591 1.00 14.43  ? 70  PRO A N   1 
ATOM   560  C CA  . PRO A 1 70  ? 8.237   4.120   -11.214 1.00 14.97  ? 70  PRO A CA  1 
ATOM   561  C C   . PRO A 1 70  ? 9.486   3.382   -11.688 1.00 15.77  ? 70  PRO A C   1 
ATOM   562  O O   . PRO A 1 70  ? 9.904   3.491   -12.870 1.00 15.62  ? 70  PRO A O   1 
ATOM   563  C CB  . PRO A 1 70  ? 6.961   3.534   -11.838 1.00 14.88  ? 70  PRO A CB  1 
ATOM   564  C CG  . PRO A 1 70  ? 6.072   4.713   -12.064 1.00 18.31  ? 70  PRO A CG  1 
ATOM   565  C CD  . PRO A 1 70  ? 6.987   5.886   -12.341 1.00 17.40  ? 70  PRO A CD  1 
ATOM   566  N N   . ALA A 1 71  ? 10.057  2.625   -10.761 1.00 15.55  ? 71  ALA A N   1 
ATOM   567  C CA  . ALA A 1 71  ? 11.235  1.838   -10.997 1.00 14.96  ? 71  ALA A CA  1 
ATOM   568  C C   . ALA A 1 71  ? 11.319  0.790   -9.914  1.00 13.98  ? 71  ALA A C   1 
ATOM   569  O O   . ALA A 1 71  ? 10.683  0.914   -8.860  1.00 13.92  ? 71  ALA A O   1 
ATOM   570  C CB  . ALA A 1 71  ? 12.471  2.713   -10.961 1.00 16.04  ? 71  ALA A CB  1 
ATOM   571  N N   . ASP A 1 72  ? 12.164  -0.215  -10.098 1.00 14.80  ? 72  ASP A N   1 
ATOM   572  C CA  . ASP A 1 72  ? 12.491  -1.119  -9.019  1.00 13.24  ? 72  ASP A CA  1 
ATOM   573  C C   . ASP A 1 72  ? 13.141  -0.318  -7.904  1.00 16.92  ? 72  ASP A C   1 
ATOM   574  O O   . ASP A 1 72  ? 14.172  0.368   -8.120  1.00 17.52  ? 72  ASP A O   1 
ATOM   575  C CB  . ASP A 1 72  ? 13.483  -2.187  -9.513  1.00 14.18  ? 72  ASP A CB  1 
ATOM   576  C CG  . ASP A 1 72  ? 12.834  -3.262  -10.355 1.00 17.55  ? 72  ASP A CG  1 
ATOM   577  O OD1 . ASP A 1 72  ? 11.615  -3.377  -10.341 1.00 16.23  ? 72  ASP A OD1 1 
ATOM   578  O OD2 . ASP A 1 72  ? 13.574  -3.963  -11.100 1.00 19.91  ? 72  ASP A OD2 1 
ATOM   579  N N   . GLY A 1 73  ? 12.525  -0.319  -6.730  1.00 16.25  ? 73  GLY A N   1 
ATOM   580  C CA  . GLY A 1 73  ? 13.051  0.404   -5.589  1.00 15.30  ? 73  GLY A CA  1 
ATOM   581  C C   . GLY A 1 73  ? 12.409  1.750   -5.286  1.00 14.98  ? 73  GLY A C   1 
ATOM   582  O O   . GLY A 1 73  ? 12.699  2.344   -4.250  1.00 17.38  ? 73  GLY A O   1 
ATOM   583  N N   . THR A 1 74  ? 11.571  2.270   -6.173  1.00 14.59  ? 74  THR A N   1 
ATOM   584  C CA  . THR A 1 74  ? 10.852  3.497   -5.884  1.00 15.39  ? 74  THR A CA  1 
ATOM   585  C C   . THR A 1 74  ? 10.150  3.411   -4.544  1.00 14.85  ? 74  THR A C   1 
ATOM   586  O O   . THR A 1 74  ? 9.436   2.471   -4.299  1.00 15.15  ? 74  THR A O   1 
ATOM   587  C CB  . THR A 1 74  ? 9.807   3.813   -6.964  1.00 17.29  ? 74  THR A CB  1 
ATOM   588  O OG1 . THR A 1 74  ? 10.479  3.987   -8.220  1.00 17.37  ? 74  THR A OG1 1 
ATOM   589  C CG2 . THR A 1 74  ? 9.034   5.095   -6.653  1.00 16.91  ? 74  THR A CG2 1 
ATOM   590  N N   . ARG A 1 75  ? 10.435  4.352   -3.652  1.00 14.20  ? 75  ARG A N   1 
ATOM   591  C CA  . ARG A 1 75  ? 9.781   4.412   -2.355  1.00 14.67  ? 75  ARG A CA  1 
ATOM   592  C C   . ARG A 1 75  ? 8.345   4.916   -2.457  1.00 13.94  ? 75  ARG A C   1 
ATOM   593  O O   . ARG A 1 75  ? 8.008   5.886   -3.130  1.00 13.59  ? 75  ARG A O   1 
ATOM   594  C CB  . ARG A 1 75  ? 10.563  5.328   -1.405  1.00 16.11  ? 75  ARG A CB  1 
ATOM   595  C CG  . ARG A 1 75  ? 11.921  4.782   -1.041  1.00 18.65  ? 75  ARG A CG  1 
ATOM   596  C CD  . ARG A 1 75  ? 11.765  3.548   -0.154  1.00 24.12  ? 75  ARG A CD  1 
ATOM   597  N NE  . ARG A 1 75  ? 13.017  2.815   0.030   1.00 24.46  ? 75  ARG A NE  1 
ATOM   598  C CZ  . ARG A 1 75  ? 13.922  3.075   0.961   1.00 28.98  ? 75  ARG A CZ  1 
ATOM   599  N NH1 . ARG A 1 75  ? 13.785  4.097   1.800   1.00 27.80  ? 75  ARG A NH1 1 
ATOM   600  N NH2 . ARG A 1 75  ? 14.986  2.301   1.030   1.00 33.88  ? 75  ARG A NH2 1 
ATOM   601  N N   . LEU A 1 76  ? 7.489   4.310   -1.660  1.00 11.74  ? 76  LEU A N   1 
ATOM   602  C CA  . LEU A 1 76  ? 6.185   4.884   -1.408  1.00 11.68  ? 76  LEU A CA  1 
ATOM   603  C C   . LEU A 1 76  ? 6.264   5.939   -0.333  1.00 11.03  ? 76  LEU A C   1 
ATOM   604  O O   . LEU A 1 76  ? 6.992   5.817   0.653   1.00 12.73  ? 76  LEU A O   1 
ATOM   605  C CB  . LEU A 1 76  ? 5.188   3.797   -0.995  1.00 12.31  ? 76  LEU A CB  1 
ATOM   606  C CG  . LEU A 1 76  ? 4.460   3.085   -2.128  1.00 12.99  ? 76  LEU A CG  1 
ATOM   607  C CD1 . LEU A 1 76  ? 5.408   2.211   -2.891  1.00 13.07  ? 76  LEU A CD1 1 
ATOM   608  C CD2 . LEU A 1 76  ? 3.239   2.371   -1.583  1.00 14.92  ? 76  LEU A CD2 1 
ATOM   609  N N   . VAL A 1 77  ? 5.520   7.009   -0.588  1.00 12.69  ? 77  VAL A N   1 
ATOM   610  C CA  . VAL A 1 77  ? 5.420   8.127   0.321   1.00 11.33  ? 77  VAL A CA  1 
ATOM   611  C C   . VAL A 1 77  ? 4.034   8.713   0.300   1.00 11.57  ? 77  VAL A C   1 
ATOM   612  O O   . VAL A 1 77  ? 3.273   8.511   -0.641  1.00 12.87  ? 77  VAL A O   1 
ATOM   613  C CB  . VAL A 1 77  ? 6.397   9.269   -0.039  1.00 13.31  ? 77  VAL A CB  1 
ATOM   614  C CG1 . VAL A 1 77  ? 7.840   8.853   0.155   1.00 15.92  ? 77  VAL A CG1 1 
ATOM   615  C CG2 . VAL A 1 77  ? 6.165   9.734   -1.468  1.00 16.81  ? 77  VAL A CG2 1 
ATOM   616  N N   . ALA A 1 78  ? 3.721   9.430   1.379   1.00 11.67  ? 78  ALA A N   1 
ATOM   617  C CA  . ALA A 1 78  ? 2.500   10.193  1.454   1.00 12.04  ? 78  ALA A CA  1 
ATOM   618  C C   . ALA A 1 78  ? 2.626   11.372  0.509   1.00 12.66  ? 78  ALA A C   1 
ATOM   619  O O   . ALA A 1 78  ? 3.652   12.035  0.492   1.00 13.93  ? 78  ALA A O   1 
ATOM   620  C CB  . ALA A 1 78  ? 2.272   10.702  2.856   1.00 15.54  ? 78  ALA A CB  1 
ATOM   621  N N   . VAL A 1 79  ? 1.575   11.634  -0.229  1.00 13.31  ? 79  VAL A N   1 
ATOM   622  C CA  . VAL A 1 79  ? 1.557   12.734  -1.198  1.00 12.34  ? 79  VAL A CA  1 
ATOM   623  C C   . VAL A 1 79  ? 0.284   13.583  -1.001  1.00 13.34  ? 79  VAL A C   1 
ATOM   624  O O   . VAL A 1 79  ? -0.738  13.152  -0.502  1.00 14.81  ? 79  VAL A O   1 
ATOM   625  C CB  . VAL A 1 79  ? 1.685   12.248  -2.670  1.00 13.53  ? 79  VAL A CB  1 
ATOM   626  C CG1 . VAL A 1 79  ? 3.014   11.545  -2.915  1.00 13.46  ? 79  VAL A CG1 1 
ATOM   627  C CG2 . VAL A 1 79  ? 0.511   11.367  -3.074  1.00 12.92  ? 79  VAL A CG2 1 
ATOM   628  N N   . ASN A 1 80  ? 0.331   14.814  -1.495  1.00 14.63  ? 80  ASN A N   1 
ATOM   629  C CA  . ASN A 1 80  ? -0.754  15.775  -1.315  1.00 15.33  ? 80  ASN A CA  1 
ATOM   630  C C   . ASN A 1 80  ? -1.980  15.423  -2.145  1.00 14.45  ? 80  ASN A C   1 
ATOM   631  O O   . ASN A 1 80  ? -3.099  15.467  -1.639  1.00 16.95  ? 80  ASN A O   1 
ATOM   632  C CB  . ASN A 1 80  ? -0.249  17.153  -1.749  1.00 16.99  ? 80  ASN A CB  1 
ATOM   633  C CG  . ASN A 1 80  ? -1.250  18.262  -1.470  1.00 18.49  ? 80  ASN A CG  1 
ATOM   634  O OD1 . ASN A 1 80  ? -1.944  18.736  -2.383  1.00 23.50  ? 80  ASN A OD1 1 
ATOM   635  N ND2 . ASN A 1 80  ? -1.336  18.667  -0.237  1.00 18.90  ? 80  ASN A ND2 1 
ATOM   636  N N   . ASP A 1 81  ? -1.736  15.112  -3.418  1.00 15.90  ? 81  ASP A N   1 
ATOM   637  C CA  . ASP A 1 81  ? -2.813  14.928  -4.385  1.00 16.69  ? 81  ASP A CA  1 
ATOM   638  C C   . ASP A 1 81  ? -3.150  13.425  -4.442  1.00 15.60  ? 81  ASP A C   1 
ATOM   639  O O   . ASP A 1 81  ? -2.245  12.593  -4.368  1.00 16.77  ? 81  ASP A O   1 
ATOM   640  C CB  . ASP A 1 81  ? -2.395  15.368  -5.788  1.00 20.73  ? 81  ASP A CB  1 
ATOM   641  C CG  . ASP A 1 81  ? -2.231  16.882  -5.938  1.00 25.08  ? 81  ASP A CG  1 
ATOM   642  O OD1 . ASP A 1 81  ? -2.451  17.652  -4.977  1.00 25.66  ? 81  ASP A OD1 1 
ATOM   643  O OD2 . ASP A 1 81  ? -1.906  17.273  -7.081  1.00 28.49  ? 81  ASP A OD2 1 
ATOM   644  N N   . PRO A 1 82  ? -4.391  13.099  -4.751  1.00 15.18  ? 82  PRO A N   1 
ATOM   645  C CA  . PRO A 1 82  ? -4.761  11.701  -4.953  1.00 15.83  ? 82  PRO A CA  1 
ATOM   646  C C   . PRO A 1 82  ? -3.941  11.015  -6.014  1.00 17.10  ? 82  PRO A C   1 
ATOM   647  O O   . PRO A 1 82  ? -3.700  11.574  -7.081  1.00 15.66  ? 82  PRO A O   1 
ATOM   648  C CB  . PRO A 1 82  ? -6.207  11.793  -5.371  1.00 16.73  ? 82  PRO A CB  1 
ATOM   649  C CG  . PRO A 1 82  ? -6.728  13.032  -4.731  1.00 17.54  ? 82  PRO A CG  1 
ATOM   650  C CD  . PRO A 1 82  ? -5.566  13.982  -4.763  1.00 14.85  ? 82  PRO A CD  1 
ATOM   651  N N   . PHE A 1 83  ? -3.372  9.866   -5.669  1.00 12.89  ? 83  PHE A N   1 
ATOM   652  C CA  . PHE A 1 83  ? -2.556  9.102   -6.586  1.00 13.73  ? 83  PHE A CA  1 
ATOM   653  C C   . PHE A 1 83  ? -3.322  7.824   -6.920  1.00 11.91  ? 83  PHE A C   1 
ATOM   654  O O   . PHE A 1 83  ? -3.697  7.067   -6.024  1.00 13.10  ? 83  PHE A O   1 
ATOM   655  C CB  . PHE A 1 83  ? -1.186  8.760   -5.987  1.00 13.04  ? 83  PHE A CB  1 
ATOM   656  C CG  . PHE A 1 83  ? -0.268  8.052   -6.928  1.00 15.04  ? 83  PHE A CG  1 
ATOM   657  C CD1 . PHE A 1 83  ? 0.578   8.768   -7.746  1.00 17.09  ? 83  PHE A CD1 1 
ATOM   658  C CD2 . PHE A 1 83  ? -0.265  6.676   -7.041  1.00 14.97  ? 83  PHE A CD2 1 
ATOM   659  C CE1 . PHE A 1 83  ? 1.425   8.110   -8.625  1.00 16.94  ? 83  PHE A CE1 1 
ATOM   660  C CE2 . PHE A 1 83  ? 0.589   6.022   -7.902  1.00 16.88  ? 83  PHE A CE2 1 
ATOM   661  C CZ  . PHE A 1 83  ? 1.427   6.740   -8.709  1.00 18.59  ? 83  PHE A CZ  1 
ATOM   662  N N   . GLU A 1 84  ? -3.475  7.567   -8.200  1.00 11.79  ? 84  GLU A N   1 
ATOM   663  C CA  . GLU A 1 84  ? -4.293  6.458   -8.663  1.00 11.79  ? 84  GLU A CA  1 
ATOM   664  C C   . GLU A 1 84  ? -3.466  5.165   -8.737  1.00 12.14  ? 84  GLU A C   1 
ATOM   665  O O   . GLU A 1 84  ? -2.337  5.124   -9.267  1.00 14.05  ? 84  GLU A O   1 
ATOM   666  C CB  . GLU A 1 84  ? -4.878  6.784   -10.032 1.00 13.33  ? 84  GLU A CB  1 
ATOM   667  C CG  . GLU A 1 84  ? -6.140  7.631   -9.927  1.00 15.90  ? 84  GLU A CG  1 
ATOM   668  C CD  . GLU A 1 84  ? -6.819  7.824   -11.276 1.00 16.85  ? 84  GLU A CD  1 
ATOM   669  O OE1 . GLU A 1 84  ? -8.044  8.023   -11.280 1.00 19.53  ? 84  GLU A OE1 1 
ATOM   670  O OE2 . GLU A 1 84  ? -6.121  7.778   -12.317 1.00 18.10  ? 84  GLU A OE2 1 
ATOM   671  N N   . TRP A 1 85  ? -4.090  4.083   -8.236  1.00 11.36  ? 85  TRP A N   1 
ATOM   672  C CA  . TRP A 1 85  ? -3.568  2.731   -8.271  1.00 10.82  ? 85  TRP A CA  1 
ATOM   673  C C   . TRP A 1 85  ? -4.532  1.790   -8.990  1.00 11.56  ? 85  TRP A C   1 
ATOM   674  O O   . TRP A 1 85  ? -5.746  1.955   -8.914  1.00 11.63  ? 85  TRP A O   1 
ATOM   675  C CB  . TRP A 1 85  ? -3.420  2.193   -6.830  1.00 11.57  ? 85  TRP A CB  1 
ATOM   676  C CG  . TRP A 1 85  ? -2.442  2.990   -5.991  1.00 11.16  ? 85  TRP A CG  1 
ATOM   677  C CD1 . TRP A 1 85  ? -2.750  3.933   -5.066  1.00 11.46  ? 85  TRP A CD1 1 
ATOM   678  C CD2 . TRP A 1 85  ? -1.007  2.910   -6.027  1.00 10.73  ? 85  TRP A CD2 1 
ATOM   679  N NE1 . TRP A 1 85  ? -1.594  4.447   -4.504  1.00 11.34  ? 85  TRP A NE1 1 
ATOM   680  C CE2 . TRP A 1 85  ? -0.518  3.796   -5.043  1.00 10.62  ? 85  TRP A CE2 1 
ATOM   681  C CE3 . TRP A 1 85  ? -0.099  2.123   -6.735  1.00 10.70  ? 85  TRP A CE3 1 
ATOM   682  C CZ2 . TRP A 1 85  ? 0.860   3.959   -4.810  1.00 11.24  ? 85  TRP A CZ2 1 
ATOM   683  C CZ3 . TRP A 1 85  ? 1.239   2.271   -6.480  1.00 11.16  ? 85  TRP A CZ3 1 
ATOM   684  C CH2 . TRP A 1 85  ? 1.710   3.221   -5.579  1.00 12.23  ? 85  TRP A CH2 1 
ATOM   685  N N   . HIS A 1 86  ? -3.977  0.757   -9.621  1.00 11.13  ? 86  HIS A N   1 
ATOM   686  C CA  . HIS A 1 86  ? -4.779  -0.407  -9.986  1.00 11.75  ? 86  HIS A CA  1 
ATOM   687  C C   . HIS A 1 86  ? -4.633  -1.489  -8.930  1.00 12.78  ? 86  HIS A C   1 
ATOM   688  O O   . HIS A 1 86  ? -3.521  -1.753  -8.464  1.00 13.25  ? 86  HIS A O   1 
ATOM   689  C CB  . HIS A 1 86  ? -4.338  -0.944  -11.343 1.00 12.61  ? 86  HIS A CB  1 
ATOM   690  C CG  . HIS A 1 86  ? -4.719  -0.053  -12.491 1.00 13.65  ? 86  HIS A CG  1 
ATOM   691  N ND1 . HIS A 1 86  ? -4.438  -0.389  -13.793 1.00 16.70  ? 86  HIS A ND1 1 
ATOM   692  C CD2 . HIS A 1 86  ? -5.547  1.007   -12.548 1.00 14.13  ? 86  HIS A CD2 1 
ATOM   693  C CE1 . HIS A 1 86  ? -4.992  0.498   -14.599 1.00 15.38  ? 86  HIS A CE1 1 
ATOM   694  N NE2 . HIS A 1 86  ? -5.661  1.366   -13.870 1.00 15.79  ? 86  HIS A NE2 1 
ATOM   695  N N   . ILE A 1 87  ? -5.738  -2.075  -8.537  1.00 11.70  ? 87  ILE A N   1 
ATOM   696  C CA  . ILE A 1 87  ? -5.736  -3.092  -7.512  1.00 10.60  ? 87  ILE A CA  1 
ATOM   697  C C   . ILE A 1 87  ? -6.390  -4.330  -8.068  1.00 10.29  ? 87  ILE A C   1 
ATOM   698  O O   . ILE A 1 87  ? -7.485  -4.265  -8.600  1.00 12.15  ? 87  ILE A O   1 
ATOM   699  C CB  . ILE A 1 87  ? -6.465  -2.608  -6.253  1.00 11.00  ? 87  ILE A CB  1 
ATOM   700  C CG1 . ILE A 1 87  ? -5.804  -1.347  -5.722  1.00 11.75  ? 87  ILE A CG1 1 
ATOM   701  C CG2 . ILE A 1 87  ? -6.523  -3.712  -5.214  1.00 12.45  ? 87  ILE A CG2 1 
ATOM   702  C CD1 . ILE A 1 87  ? -6.359  -0.831  -4.434  1.00 11.25  ? 87  ILE A CD1 1 
ATOM   703  N N   . TRP A 1 88  ? -5.661  -5.440  -8.065  1.00 11.10  ? 88  TRP A N   1 
ATOM   704  C CA  . TRP A 1 88  ? -6.151  -6.715  -8.620  1.00 11.34  ? 88  TRP A CA  1 
ATOM   705  C C   . TRP A 1 88  ? -5.975  -7.844  -7.593  1.00 13.20  ? 88  TRP A C   1 
ATOM   706  O O   . TRP A 1 88  ? -5.018  -7.880  -6.809  1.00 12.86  ? 88  TRP A O   1 
ATOM   707  C CB  . TRP A 1 88  ? -5.440  -7.108  -9.904  1.00 12.53  ? 88  TRP A CB  1 
ATOM   708  C CG  . TRP A 1 88  ? -5.460  -6.021  -10.936 1.00 12.20  ? 88  TRP A CG  1 
ATOM   709  C CD1 . TRP A 1 88  ? -4.374  -5.350  -11.452 1.00 13.76  ? 88  TRP A CD1 1 
ATOM   710  C CD2 . TRP A 1 88  ? -6.617  -5.408  -11.527 1.00 12.40  ? 88  TRP A CD2 1 
ATOM   711  N NE1 . TRP A 1 88  ? -4.777  -4.394  -12.321 1.00 14.02  ? 88  TRP A NE1 1 
ATOM   712  C CE2 . TRP A 1 88  ? -6.148  -4.398  -12.386 1.00 12.28  ? 88  TRP A CE2 1 
ATOM   713  C CE3 . TRP A 1 88  ? -7.985  -5.618  -11.427 1.00 13.43  ? 88  TRP A CE3 1 
ATOM   714  C CZ2 . TRP A 1 88  ? -7.007  -3.588  -13.118 1.00 12.69  ? 88  TRP A CZ2 1 
ATOM   715  C CZ3 . TRP A 1 88  ? -8.847  -4.797  -12.145 1.00 13.14  ? 88  TRP A CZ3 1 
ATOM   716  C CH2 . TRP A 1 88  ? -8.335  -3.797  -12.994 1.00 13.12  ? 88  TRP A CH2 1 
ATOM   717  N N   . ARG A 1 89  ? -6.845  -8.825  -7.685  1.00 13.67  ? 89  ARG A N   1 
ATOM   718  C CA  . ARG A 1 89  ? -6.638  -10.053 -6.934  1.00 13.19  ? 89  ARG A CA  1 
ATOM   719  C C   . ARG A 1 89  ? -5.377  -10.723 -7.433  1.00 14.48  ? 89  ARG A C   1 
ATOM   720  O O   . ARG A 1 89  ? -5.111  -10.771 -8.636  1.00 15.90  ? 89  ARG A O   1 
ATOM   721  C CB  . ARG A 1 89  ? -7.826  -10.979 -7.111  1.00 17.27  ? 89  ARG A CB  1 
ATOM   722  C CG  . ARG A 1 89  ? -9.063  -10.329 -6.572  1.00 18.96  ? 89  ARG A CG  1 
ATOM   723  C CD  . ARG A 1 89  ? -9.347  -10.767 -5.168  1.00 30.23  ? 89  ARG A CD  1 
ATOM   724  N NE  . ARG A 1 89  ? -10.702 -10.407 -4.782  1.00 35.79  ? 89  ARG A NE  1 
ATOM   725  C CZ  . ARG A 1 89  ? -11.170 -10.533 -3.545  1.00 40.70  ? 89  ARG A CZ  1 
ATOM   726  N NH1 . ARG A 1 89  ? -10.417 -11.107 -2.609  1.00 38.07  ? 89  ARG A NH1 1 
ATOM   727  N NH2 . ARG A 1 89  ? -12.386 -10.080 -3.247  1.00 34.13  ? 89  ARG A NH2 1 
ATOM   728  N N   . ASP A 1 90  ? -4.606  -11.299 -6.505  1.00 14.63  ? 90  ASP A N   1 
ATOM   729  C CA  . ASP A 1 90  ? -3.448  -12.104 -6.865  1.00 14.47  ? 90  ASP A CA  1 
ATOM   730  C C   . ASP A 1 90  ? -3.919  -13.379 -7.595  1.00 16.04  ? 90  ASP A C   1 
ATOM   731  O O   . ASP A 1 90  ? -4.981  -13.926 -7.266  1.00 17.30  ? 90  ASP A O   1 
ATOM   732  C CB  . ASP A 1 90  ? -2.657  -12.511 -5.628  1.00 15.08  ? 90  ASP A CB  1 
ATOM   733  C CG  . ASP A 1 90  ? -1.449  -13.367 -5.970  1.00 17.33  ? 90  ASP A CG  1 
ATOM   734  O OD1 . ASP A 1 90  ? -0.560  -12.897 -6.687  1.00 17.77  ? 90  ASP A OD1 1 
ATOM   735  O OD2 . ASP A 1 90  ? -1.480  -14.588 -5.661  1.00 20.80  ? 90  ASP A OD2 1 
ATOM   736  N N   . GLU A 1 91  ? -3.128  -13.805 -8.577  1.00 24.09  ? 91  GLU A N   1 
ATOM   737  C CA  . GLU A 1 91  ? -3.526  -14.872 -9.490  1.00 28.56  ? 91  GLU A CA  1 
ATOM   738  C C   . GLU A 1 91  ? -3.466  -16.213 -8.799  1.00 25.99  ? 91  GLU A C   1 
ATOM   739  O O   . GLU A 1 91  ? -4.284  -17.089 -9.077  1.00 29.15  ? 91  GLU A O   1 
ATOM   740  C CB  . GLU A 1 91  ? -2.637  -14.884 -10.729 1.00 37.49  ? 91  GLU A CB  1 
ATOM   741  C CG  . GLU A 1 91  ? -3.146  -13.985 -11.845 1.00 51.06  ? 91  GLU A CG  1 
ATOM   742  C CD  . GLU A 1 91  ? -2.414  -14.213 -13.156 1.00 64.81  ? 91  GLU A CD  1 
ATOM   743  O OE1 . GLU A 1 91  ? -1.551  -15.123 -13.210 1.00 64.88  ? 91  GLU A OE1 1 
ATOM   744  O OE2 . GLU A 1 91  ? -2.701  -13.477 -14.127 1.00 75.00  ? 91  GLU A OE2 1 
ATOM   745  N N   . ALA A 1 92  ? -2.532  -16.373 -7.860  1.00 25.29  ? 92  ALA A N   1 
ATOM   746  C CA  . ALA A 1 92  ? -2.362  -17.651 -7.180  1.00 24.89  ? 92  ALA A CA  1 
ATOM   747  C C   . ALA A 1 92  ? -3.187  -17.748 -5.915  1.00 25.85  ? 92  ALA A C   1 
ATOM   748  O O   . ALA A 1 92  ? -3.656  -18.819 -5.574  1.00 27.62  ? 92  ALA A O   1 
ATOM   749  C CB  . ALA A 1 92  ? -0.894  -17.894 -6.878  1.00 25.22  ? 92  ALA A CB  1 
ATOM   750  N N   . ASN A 1 93  ? -3.372  -16.619 -5.229  1.00 25.00  ? 93  ASN A N   1 
ATOM   751  C CA  . ASN A 1 93  ? -4.096  -16.543 -3.967  1.00 21.52  ? 93  ASN A CA  1 
ATOM   752  C C   . ASN A 1 93  ? -5.237  -15.495 -4.051  1.00 23.58  ? 93  ASN A C   1 
ATOM   753  O O   . ASN A 1 93  ? -5.010  -14.306 -3.860  1.00 20.81  ? 93  ASN A O   1 
ATOM   754  C CB  . ASN A 1 93  ? -3.102  -16.134 -2.881  1.00 25.86  ? 93  ASN A CB  1 
ATOM   755  C CG  . ASN A 1 93  ? -3.740  -15.951 -1.533  1.00 21.07  ? 93  ASN A CG  1 
ATOM   756  O OD1 . ASN A 1 93  ? -4.894  -16.267 -1.332  1.00 24.11  ? 93  ASN A OD1 1 
ATOM   757  N ND2 . ASN A 1 93  ? -2.995  -15.303 -0.618  1.00 23.39  ? 93  ASN A ND2 1 
ATOM   758  N N   . GLU A 1 94  ? -6.452  -15.919 -4.351  1.00 22.13  ? 94  GLU A N   1 
ATOM   759  C CA  . GLU A 1 94  ? -7.479  -14.943 -4.692  1.00 25.97  ? 94  GLU A CA  1 
ATOM   760  C C   . GLU A 1 94  ? -7.986  -14.124 -3.503  1.00 26.10  ? 94  GLU A C   1 
ATOM   761  O O   . GLU A 1 94  ? -8.642  -13.113 -3.712  1.00 27.44  ? 94  GLU A O   1 
ATOM   762  C CB  . GLU A 1 94  ? -8.643  -15.588 -5.444  1.00 30.88  ? 94  GLU A CB  1 
ATOM   763  C CG  . GLU A 1 94  ? -9.696  -16.218 -4.547  1.00 37.53  ? 94  GLU A CG  1 
ATOM   764  C CD  . GLU A 1 94  ? -9.369  -17.656 -4.196  1.00 44.63  ? 94  GLU A CD  1 
ATOM   765  O OE1 . GLU A 1 94  ? -8.276  -18.133 -4.591  1.00 49.44  ? 94  GLU A OE1 1 
ATOM   766  O OE2 . GLU A 1 94  ? -10.198 -18.309 -3.520  1.00 47.72  ? 94  GLU A OE2 1 
ATOM   767  N N   . ASN A 1 95  ? -7.584  -14.466 -2.279  1.00 23.90  ? 95  ASN A N   1 
ATOM   768  C CA  . ASN A 1 95  ? -7.946  -13.658 -1.103  1.00 24.57  ? 95  ASN A CA  1 
ATOM   769  C C   . ASN A 1 95  ? -6.992  -12.481 -0.907  1.00 20.16  ? 95  ASN A C   1 
ATOM   770  O O   . ASN A 1 95  ? -7.114  -11.711 0.040   1.00 22.10  ? 95  ASN A O   1 
ATOM   771  C CB  . ASN A 1 95  ? -7.906  -14.501 0.167   1.00 31.66  ? 95  ASN A CB  1 
ATOM   772  C CG  . ASN A 1 95  ? -8.952  -15.602 0.168   1.00 42.93  ? 95  ASN A CG  1 
ATOM   773  O OD1 . ASN A 1 95  ? -8.668  -16.740 0.547   1.00 54.93  ? 95  ASN A OD1 1 
ATOM   774  N ND2 . ASN A 1 95  ? -10.161 -15.272 -0.285  1.00 40.62  ? 95  ASN A ND2 1 
ATOM   775  N N   . ALA A 1 96  ? -5.922  -12.481 -1.663  1.00 15.11  ? 96  ALA A N   1 
ATOM   776  C CA  . ALA A 1 96  ? -4.941  -11.394 -1.552  1.00 13.07  ? 96  ALA A CA  1 
ATOM   777  C C   . ALA A 1 96  ? -4.950  -10.534 -2.814  1.00 13.94  ? 96  ALA A C   1 
ATOM   778  O O   . ALA A 1 96  ? -5.506  -10.902 -3.826  1.00 13.66  ? 96  ALA A O   1 
ATOM   779  C CB  . ALA A 1 96  ? -3.570  -11.961 -1.297  1.00 14.70  ? 96  ALA A CB  1 
ATOM   780  N N   . PHE A 1 97  ? -4.248  -9.427  -2.731  1.00 11.84  ? 97  PHE A N   1 
ATOM   781  C CA  . PHE A 1 97  ? -4.230  -8.385  -3.746  1.00 10.99  ? 97  PHE A CA  1 
ATOM   782  C C   . PHE A 1 97  ? -2.818  -7.933  -4.096  1.00 11.59  ? 97  PHE A C   1 
ATOM   783  O O   . PHE A 1 97  ? -1.899  -7.969  -3.265  1.00 10.94  ? 97  PHE A O   1 
ATOM   784  C CB  . PHE A 1 97  ? -5.007  -7.172  -3.248  1.00 12.18  ? 97  PHE A CB  1 
ATOM   785  C CG  . PHE A 1 97  ? -6.456  -7.432  -3.002  1.00 12.54  ? 97  PHE A CG  1 
ATOM   786  C CD1 . PHE A 1 97  ? -7.374  -7.234  -4.009  1.00 13.75  ? 97  PHE A CD1 1 
ATOM   787  C CD2 . PHE A 1 97  ? -6.900  -7.831  -1.759  1.00 14.65  ? 97  PHE A CD2 1 
ATOM   788  C CE1 . PHE A 1 97  ? -8.711  -7.413  -3.779  1.00 14.77  ? 97  PHE A CE1 1 
ATOM   789  C CE2 . PHE A 1 97  ? -8.253  -8.003  -1.511  1.00 16.38  ? 97  PHE A CE2 1 
ATOM   790  C CZ  . PHE A 1 97  ? -9.156  -7.788  -2.522  1.00 16.95  ? 97  PHE A CZ  1 
ATOM   791  N N   . ARG A 1 98  ? -2.698  -7.372  -5.308  1.00 11.49  ? 98  ARG A N   1 
ATOM   792  C CA  . ARG A 1 98  ? -1.537  -6.594  -5.720  1.00 10.63  ? 98  ARG A CA  1 
ATOM   793  C C   . ARG A 1 98  ? -1.971  -5.218  -6.117  1.00 9.43   ? 98  ARG A C   1 
ATOM   794  O O   . ARG A 1 98  ? -3.102  -5.011  -6.603  1.00 12.03  ? 98  ARG A O   1 
ATOM   795  C CB  . ARG A 1 98  ? -0.874  -7.300  -6.903  1.00 10.77  ? 98  ARG A CB  1 
ATOM   796  C CG  . ARG A 1 98  ? -0.236  -8.629  -6.537  1.00 11.90  ? 98  ARG A CG  1 
ATOM   797  C CD  . ARG A 1 98  ? 0.247   -9.377  -7.765  1.00 12.32  ? 98  ARG A CD  1 
ATOM   798  N NE  . ARG A 1 98  ? 0.903   -10.643 -7.386  1.00 11.79  ? 98  ARG A NE  1 
ATOM   799  C CZ  . ARG A 1 98  ? 2.174   -10.765 -7.085  1.00 10.89  ? 98  ARG A CZ  1 
ATOM   800  N NH1 . ARG A 1 98  ? 2.988   -9.741  -7.250  1.00 11.40  ? 98  ARG A NH1 1 
ATOM   801  N NH2 . ARG A 1 98  ? 2.638   -11.959 -6.713  1.00 12.65  ? 98  ARG A NH2 1 
ATOM   802  N N   . ILE A 1 99  ? -1.111  -4.261  -5.795  1.00 10.94  ? 99  ILE A N   1 
ATOM   803  C CA  . ILE A 1 99  ? -1.411  -2.873  -5.987  1.00 11.23  ? 99  ILE A CA  1 
ATOM   804  C C   . ILE A 1 99  ? -0.349  -2.350  -6.958  1.00 11.45  ? 99  ILE A C   1 
ATOM   805  O O   . ILE A 1 99  ? 0.856   -2.273  -6.625  1.00 11.67  ? 99  ILE A O   1 
ATOM   806  C CB  . ILE A 1 99  ? -1.412  -2.127  -4.642  1.00 10.40  ? 99  ILE A CB  1 
ATOM   807  C CG1 . ILE A 1 99  ? -2.427  -2.795  -3.683  1.00 11.06  ? 99  ILE A CG1 1 
ATOM   808  C CG2 . ILE A 1 99  ? -1.667  -0.655  -4.843  1.00 11.91  ? 99  ILE A CG2 1 
ATOM   809  C CD1 . ILE A 1 99  ? -2.451  -2.233  -2.263  1.00 13.08  ? 99  ILE A CD1 1 
ATOM   810  N N   . PHE A 1 100 ? -0.794  -1.950  -8.145  1.00 10.59  ? 100 PHE A N   1 
ATOM   811  C CA  . PHE A 1 100 ? 0.083   -1.557  -9.249  1.00 11.42  ? 100 PHE A CA  1 
ATOM   812  C C   . PHE A 1 100 ? -0.007  -0.081  -9.557  1.00 10.78  ? 100 PHE A C   1 
ATOM   813  O O   . PHE A 1 100 ? -1.071  0.500   -9.521  1.00 11.09  ? 100 PHE A O   1 
ATOM   814  C CB  . PHE A 1 100 ? -0.343  -2.264  -10.541 1.00 11.20  ? 100 PHE A CB  1 
ATOM   815  C CG  . PHE A 1 100 ? 0.026   -3.714  -10.602 1.00 11.90  ? 100 PHE A CG  1 
ATOM   816  C CD1 . PHE A 1 100 ? -0.817  -4.704  -10.098 1.00 11.69  ? 100 PHE A CD1 1 
ATOM   817  C CD2 . PHE A 1 100 ? 1.136   -4.106  -11.330 1.00 12.08  ? 100 PHE A CD2 1 
ATOM   818  C CE1 . PHE A 1 100 ? -0.508  -6.038  -10.264 1.00 13.55  ? 100 PHE A CE1 1 
ATOM   819  C CE2 . PHE A 1 100 ? 1.462   -5.430  -11.444 1.00 13.31  ? 100 PHE A CE2 1 
ATOM   820  C CZ  . PHE A 1 100 ? 0.643   -6.403  -10.894 1.00 12.49  ? 100 PHE A CZ  1 
ATOM   821  N N   . VAL A 1 101 ? 1.121   0.512   -9.948  1.00 11.51  ? 101 VAL A N   1 
ATOM   822  C CA  . VAL A 1 101 ? 1.034   1.765   -10.710 1.00 12.70  ? 101 VAL A CA  1 
ATOM   823  C C   . VAL A 1 101 ? 0.291   1.459   -12.000 1.00 11.89  ? 101 VAL A C   1 
ATOM   824  O O   . VAL A 1 101 ? 0.684   0.562   -12.721 1.00 12.80  ? 101 VAL A O   1 
ATOM   825  C CB  . VAL A 1 101 ? 2.406   2.393   -10.980 1.00 14.55  ? 101 VAL A CB  1 
ATOM   826  C CG1 . VAL A 1 101 ? 2.236   3.681   -11.754 1.00 13.03  ? 101 VAL A CG1 1 
ATOM   827  C CG2 . VAL A 1 101 ? 3.157   2.626   -9.683  1.00 13.44  ? 101 VAL A CG2 1 
ATOM   828  N N   . PRO A 1 102 ? -0.752  2.240   -12.300 1.00 12.72  ? 102 PRO A N   1 
ATOM   829  C CA  . PRO A 1 102 ? -1.576  1.916   -13.452 1.00 13.75  ? 102 PRO A CA  1 
ATOM   830  C C   . PRO A 1 102 ? -0.772  1.792   -14.727 1.00 15.36  ? 102 PRO A C   1 
ATOM   831  O O   . PRO A 1 102 ? 0.110   2.617   -14.979 1.00 15.75  ? 102 PRO A O   1 
ATOM   832  C CB  . PRO A 1 102 ? -2.556  3.099   -13.518 1.00 14.95  ? 102 PRO A CB  1 
ATOM   833  C CG  . PRO A 1 102 ? -2.701  3.517   -12.070 1.00 14.61  ? 102 PRO A CG  1 
ATOM   834  C CD  . PRO A 1 102 ? -1.304  3.365   -11.528 1.00 14.62  ? 102 PRO A CD  1 
ATOM   835  N N   . PHE A 1 103 ? -1.068  0.744   -15.479 1.00 19.93  ? 103 PHE A N   1 
ATOM   836  C CA  . PHE A 1 103 ? -0.497  0.525   -16.808 1.00 21.04  ? 103 PHE A CA  1 
ATOM   837  C C   . PHE A 1 103 ? 0.992   0.257   -16.768 1.00 23.58  ? 103 PHE A C   1 
ATOM   838  O O   . PHE A 1 103 ? 1.697   0.374   -17.769 1.00 22.96  ? 103 PHE A O   1 
ATOM   839  C CB  . PHE A 1 103 ? -0.874  1.700   -17.696 1.00 22.85  ? 103 PHE A CB  1 
ATOM   840  C CG  . PHE A 1 103 ? -2.367  1.944   -17.737 1.00 22.86  ? 103 PHE A CG  1 
ATOM   841  C CD1 . PHE A 1 103 ? -3.235  0.943   -18.128 1.00 27.03  ? 103 PHE A CD1 1 
ATOM   842  C CD2 . PHE A 1 103 ? -2.885  3.152   -17.324 1.00 30.85  ? 103 PHE A CD2 1 
ATOM   843  C CE1 . PHE A 1 103 ? -4.602  1.168   -18.183 1.00 32.13  ? 103 PHE A CE1 1 
ATOM   844  C CE2 . PHE A 1 103 ? -4.233  3.393   -17.386 1.00 26.34  ? 103 PHE A CE2 1 
ATOM   845  C CZ  . PHE A 1 103 ? -5.102  2.385   -17.775 1.00 29.26  ? 103 PHE A CZ  1 
ATOM   846  N N   . THR A 1 104 ? 1.456   -0.225  -15.615 1.00 20.05  ? 104 THR A N   1 
ATOM   847  C CA  . THR A 1 104 ? 2.822   -0.698  -15.481 1.00 17.12  ? 104 THR A CA  1 
ATOM   848  C C   . THR A 1 104 ? 2.815   -2.101  -14.891 1.00 15.34  ? 104 THR A C   1 
ATOM   849  O O   . THR A 1 104 ? 1.803   -2.541  -14.346 1.00 18.12  ? 104 THR A O   1 
ATOM   850  C CB  . THR A 1 104 ? 3.649   0.197   -14.558 1.00 17.70  ? 104 THR A CB  1 
ATOM   851  O OG1 . THR A 1 104 ? 3.350   -0.115  -13.176 1.00 15.21  ? 104 THR A OG1 1 
ATOM   852  C CG2 . THR A 1 104 ? 3.345   1.653   -14.823 1.00 18.61  ? 104 THR A CG2 1 
ATOM   853  N N   . ASN A 1 105 ? 3.992   -2.701  -14.816 1.00 15.94  ? 105 ASN A N   1 
ATOM   854  C CA  . ASN A 1 105 ? 4.185   -3.971  -14.133 1.00 17.85  ? 105 ASN A CA  1 
ATOM   855  C C   . ASN A 1 105 ? 4.803   -3.773  -12.750 1.00 15.23  ? 105 ASN A C   1 
ATOM   856  O O   . ASN A 1 105 ? 5.365   -4.712  -12.216 1.00 14.71  ? 105 ASN A O   1 
ATOM   857  C CB  . ASN A 1 105 ? 5.133   -4.871  -14.930 1.00 24.42  ? 105 ASN A CB  1 
ATOM   858  C CG  . ASN A 1 105 ? 4.457   -5.521  -16.113 1.00 33.18  ? 105 ASN A CG  1 
ATOM   859  O OD1 . ASN A 1 105 ? 3.366   -6.090  -15.988 1.00 40.29  ? 105 ASN A OD1 1 
ATOM   860  N ND2 . ASN A 1 105 ? 5.116   -5.481  -17.257 1.00 38.85  ? 105 ASN A ND2 1 
ATOM   861  N N   . TYR A 1 106 ? 4.769   -2.548  -12.234 1.00 13.49  ? 106 TYR A N   1 
ATOM   862  C CA  . TYR A 1 106 ? 5.310   -2.251  -10.915 1.00 13.48  ? 106 TYR A CA  1 
ATOM   863  C C   . TYR A 1 106 ? 4.234   -2.300  -9.880  1.00 12.25  ? 106 TYR A C   1 
ATOM   864  O O   . TYR A 1 106 ? 3.217   -1.642  -9.997  1.00 12.85  ? 106 TYR A O   1 
ATOM   865  C CB  . TYR A 1 106 ? 5.958   -0.863  -10.891 1.00 14.05  ? 106 TYR A CB  1 
ATOM   866  C CG  . TYR A 1 106 ? 7.178   -0.742  -11.765 1.00 15.59  ? 106 TYR A CG  1 
ATOM   867  C CD1 . TYR A 1 106 ? 8.352   -1.351  -11.415 1.00 15.91  ? 106 TYR A CD1 1 
ATOM   868  C CD2 . TYR A 1 106 ? 7.139   0.033   -12.891 1.00 17.32  ? 106 TYR A CD2 1 
ATOM   869  C CE1 . TYR A 1 106 ? 9.454   -1.307  -12.237 1.00 18.22  ? 106 TYR A CE1 1 
ATOM   870  C CE2 . TYR A 1 106 ? 8.248   0.174   -13.665 1.00 20.62  ? 106 TYR A CE2 1 
ATOM   871  C CZ  . TYR A 1 106 ? 9.381   -0.546  -13.365 1.00 22.81  ? 106 TYR A CZ  1 
ATOM   872  O OH  . TYR A 1 106 ? 10.481  -0.445  -14.190 1.00 24.93  ? 106 TYR A OH  1 
ATOM   873  N N   . ASN A 1 107 ? 4.458   -3.156  -8.889  1.00 10.85  ? 107 ASN A N   1 
ATOM   874  C CA  . ASN A 1 107 ? 3.541   -3.314  -7.772  1.00 10.92  ? 107 ASN A CA  1 
ATOM   875  C C   . ASN A 1 107 ? 4.197   -3.149  -6.414  1.00 11.24  ? 107 ASN A C   1 
ATOM   876  O O   . ASN A 1 107 ? 5.417   -3.267  -6.263  1.00 10.64  ? 107 ASN A O   1 
ATOM   877  C CB  . ASN A 1 107 ? 2.637   -4.573  -7.848  1.00 11.04  ? 107 ASN A CB  1 
ATOM   878  C CG  . ASN A 1 107 ? 3.385   -5.917  -7.817  1.00 10.54  ? 107 ASN A CG  1 
ATOM   879  O OD1 . ASN A 1 107 ? 2.756   -6.943  -8.079  1.00 11.97  ? 107 ASN A OD1 1 
ATOM   880  N ND2 . ASN A 1 107 ? 4.653   -5.932  -7.497  1.00 11.84  ? 107 ASN A ND2 1 
ATOM   881  N N   . LEU A 1 108 ? 3.381   -2.849  -5.406  1.00 11.06  ? 108 LEU A N   1 
ATOM   882  C CA  . LEU A 1 108 ? 3.873   -2.638  -4.062  1.00 10.02  ? 108 LEU A CA  1 
ATOM   883  C C   . LEU A 1 108 ? 4.571   -3.886  -3.561  1.00 11.09  ? 108 LEU A C   1 
ATOM   884  O O   . LEU A 1 108 ? 4.111   -4.982  -3.746  1.00 11.23  ? 108 LEU A O   1 
ATOM   885  C CB  . LEU A 1 108 ? 2.735   -2.305  -3.091  1.00 11.37  ? 108 LEU A CB  1 
ATOM   886  C CG  . LEU A 1 108 ? 2.451   -0.838  -2.934  1.00 11.57  ? 108 LEU A CG  1 
ATOM   887  C CD1 . LEU A 1 108 ? 2.064   -0.145  -4.225  1.00 12.83  ? 108 LEU A CD1 1 
ATOM   888  C CD2 . LEU A 1 108 ? 1.414   -0.614  -1.832  1.00 12.02  ? 108 LEU A CD2 1 
ATOM   889  N N   . ASP A 1 109 ? 5.683   -3.670  -2.912  1.00 9.95   ? 109 ASP A N   1 
ATOM   890  C CA  . ASP A 1 109 ? 6.605   -4.733  -2.494  1.00 10.30  ? 109 ASP A CA  1 
ATOM   891  C C   . ASP A 1 109 ? 7.138   -4.299  -1.118  1.00 10.70  ? 109 ASP A C   1 
ATOM   892  O O   . ASP A 1 109 ? 7.706   -3.198  -0.978  1.00 10.89  ? 109 ASP A O   1 
ATOM   893  C CB  . ASP A 1 109 ? 7.706   -4.766  -3.592  1.00 11.52  ? 109 ASP A CB  1 
ATOM   894  C CG  . ASP A 1 109 ? 8.822   -5.740  -3.328  1.00 12.13  ? 109 ASP A CG  1 
ATOM   895  O OD1 . ASP A 1 109 ? 9.582   -5.494  -2.370  1.00 12.77  ? 109 ASP A OD1 1 
ATOM   896  O OD2 . ASP A 1 109 ? 9.066   -6.625  -4.198  1.00 12.22  ? 109 ASP A OD2 1 
ATOM   897  N N   . LEU A 1 110 ? 6.975   -5.140  -0.107  1.00 11.24  ? 110 LEU A N   1 
ATOM   898  C CA  . LEU A 1 110 ? 7.586   -4.878  1.182   1.00 10.33  ? 110 LEU A CA  1 
ATOM   899  C C   . LEU A 1 110 ? 9.051   -5.260  1.045   1.00 11.05  ? 110 LEU A C   1 
ATOM   900  O O   . LEU A 1 110 ? 9.380   -6.418  0.732   1.00 13.26  ? 110 LEU A O   1 
ATOM   901  C CB  . LEU A 1 110 ? 6.899   -5.684  2.270   1.00 11.06  ? 110 LEU A CB  1 
ATOM   902  C CG  . LEU A 1 110 ? 7.442   -5.403  3.647   1.00 11.29  ? 110 LEU A CG  1 
ATOM   903  C CD1 . LEU A 1 110 ? 7.318   -3.965  4.099   1.00 11.73  ? 110 LEU A CD1 1 
ATOM   904  C CD2 . LEU A 1 110 ? 6.756   -6.330  4.619   1.00 11.63  ? 110 LEU A CD2 1 
ATOM   905  N N   . SER A 1 111 ? 9.926   -4.278  1.249   1.00 10.58  ? 111 SER A N   1 
ATOM   906  C CA  . SER A 1 111 ? 11.327  -4.425  0.866   1.00 10.62  ? 111 SER A CA  1 
ATOM   907  C C   . SER A 1 111 ? 12.048  -5.433  1.728   1.00 11.76  ? 111 SER A C   1 
ATOM   908  O O   . SER A 1 111 ? 11.523  -5.948  2.730   1.00 12.11  ? 111 SER A O   1 
ATOM   909  C CB  . SER A 1 111 ? 12.052  -3.097  0.840   1.00 12.21  ? 111 SER A CB  1 
ATOM   910  O OG  . SER A 1 111 ? 12.160  -2.559  2.122   1.00 13.56  ? 111 SER A OG  1 
ATOM   911  N N   . GLY A 1 112 ? 13.237  -5.809  1.269   1.00 12.61  ? 112 GLY A N   1 
ATOM   912  C CA  . GLY A 1 112 ? 13.961  -6.910  1.889   1.00 13.71  ? 112 GLY A CA  1 
ATOM   913  C C   . GLY A 1 112 ? 13.268  -8.240  1.783   1.00 13.80  ? 112 GLY A C   1 
ATOM   914  O O   . GLY A 1 112 ? 13.403  -9.089  2.693   1.00 14.50  ? 112 GLY A O   1 
ATOM   915  N N   . TYR A 1 113 ? 12.449  -8.422  0.728   1.00 13.39  ? 113 TYR A N   1 
ATOM   916  C CA  . TYR A 1 113 ? 11.688  -9.642  0.539   1.00 13.18  ? 113 TYR A CA  1 
ATOM   917  C C   . TYR A 1 113 ? 10.748  -9.877  1.718   1.00 12.98  ? 113 TYR A C   1 
ATOM   918  O O   . TYR A 1 113 ? 10.525  -11.010 2.148   1.00 14.28  ? 113 TYR A O   1 
ATOM   919  C CB  . TYR A 1 113 ? 12.628  -10.844 0.321   1.00 13.95  ? 113 TYR A CB  1 
ATOM   920  C CG  . TYR A 1 113 ? 13.751  -10.548 -0.587  1.00 14.54  ? 113 TYR A CG  1 
ATOM   921  C CD1 . TYR A 1 113 ? 13.536  -10.212 -1.900  1.00 14.11  ? 113 TYR A CD1 1 
ATOM   922  C CD2 . TYR A 1 113 ? 15.053  -10.473 -0.106  1.00 14.49  ? 113 TYR A CD2 1 
ATOM   923  C CE1 . TYR A 1 113 ? 14.572  -9.859  -2.721  1.00 15.05  ? 113 TYR A CE1 1 
ATOM   924  C CE2 . TYR A 1 113 ? 16.101  -10.084 -0.922  1.00 16.07  ? 113 TYR A CE2 1 
ATOM   925  C CZ  . TYR A 1 113 ? 15.858  -9.803  -2.231  1.00 15.87  ? 113 TYR A CZ  1 
ATOM   926  O OH  . TYR A 1 113 ? 16.889  -9.456  -3.044  1.00 18.18  ? 113 TYR A OH  1 
ATOM   927  N N   . GLY A 1 114 ? 10.001  -8.830  2.062   1.00 13.21  ? 114 GLY A N   1 
ATOM   928  C CA  . GLY A 1 114 ? 9.059   -8.901  3.161   1.00 12.61  ? 114 GLY A CA  1 
ATOM   929  C C   . GLY A 1 114 ? 9.738   -8.953  4.510   1.00 11.92  ? 114 GLY A C   1 
ATOM   930  O O   . GLY A 1 114 ? 9.283   -9.640  5.393   1.00 14.51  ? 114 GLY A O   1 
ATOM   931  N N   . ASP A 1 115 ? 10.797  -8.189  4.673   1.00 13.16  ? 115 ASP A N   1 
ATOM   932  C CA  . ASP A 1 115 ? 11.425  -8.037  5.961   1.00 13.64  ? 115 ASP A CA  1 
ATOM   933  C C   . ASP A 1 115 ? 10.423  -7.602  6.992   1.00 13.10  ? 115 ASP A C   1 
ATOM   934  O O   . ASP A 1 115 ? 9.634   -6.686  6.752   1.00 13.71  ? 115 ASP A O   1 
ATOM   935  C CB  . ASP A 1 115 ? 12.569  -7.034  5.820   1.00 14.20  ? 115 ASP A CB  1 
ATOM   936  C CG  . ASP A 1 115 ? 13.473  -6.939  7.054   1.00 17.28  ? 115 ASP A CG  1 
ATOM   937  O OD1 . ASP A 1 115 ? 13.060  -7.244  8.181   1.00 14.46  ? 115 ASP A OD1 1 
ATOM   938  O OD2 . ASP A 1 115 ? 14.635  -6.512  6.863   1.00 24.05  ? 115 ASP A OD2 1 
ATOM   939  N N   . THR A 1 116 ? 10.325  -8.364  8.072   1.00 13.41  ? 116 THR A N   1 
ATOM   940  C CA  . THR A 1 116 ? 9.328   -8.121  9.118   1.00 13.26  ? 116 THR A CA  1 
ATOM   941  C C   . THR A 1 116 ? 9.737   -6.975  10.047  1.00 12.86  ? 116 THR A C   1 
ATOM   942  O O   . THR A 1 116 ? 8.927   -6.523  10.847  1.00 15.28  ? 116 THR A O   1 
ATOM   943  C CB  . THR A 1 116 ? 9.092   -9.377  9.964   1.00 14.06  ? 116 THR A CB  1 
ATOM   944  O OG1 . THR A 1 116 ? 10.313  -9.756  10.617  1.00 15.78  ? 116 THR A OG1 1 
ATOM   945  C CG2 . THR A 1 116 ? 8.635   -10.545 9.102   1.00 14.22  ? 116 THR A CG2 1 
ATOM   946  N N   . THR A 1 117 ? 10.955  -6.461  9.906   1.00 13.01  ? 117 THR A N   1 
ATOM   947  C CA  . THR A 1 117 ? 11.416  -5.448  10.824  1.00 11.89  ? 117 THR A CA  1 
ATOM   948  C C   . THR A 1 117 ? 10.463  -4.248  10.771  1.00 12.23  ? 117 THR A C   1 
ATOM   949  O O   . THR A 1 117 ? 10.161  -3.737  9.678   1.00 13.53  ? 117 THR A O   1 
ATOM   950  C CB  . THR A 1 117 ? 12.844  -5.009  10.507  1.00 13.66  ? 117 THR A CB  1 
ATOM   951  O OG1 . THR A 1 117 ? 13.692  -6.156  10.542  1.00 14.90  ? 117 THR A OG1 1 
ATOM   952  C CG2 . THR A 1 117 ? 13.338  -4.015  11.506  1.00 14.85  ? 117 THR A CG2 1 
ATOM   953  N N   . PRO A 1 118 ? 10.056  -3.724  11.937  1.00 12.28  ? 118 PRO A N   1 
ATOM   954  C CA  . PRO A 1 118 ? 9.255   -2.509  11.899  1.00 11.22  ? 118 PRO A CA  1 
ATOM   955  C C   . PRO A 1 118 ? 10.052  -1.366  11.290  1.00 11.88  ? 118 PRO A C   1 
ATOM   956  O O   . PRO A 1 118 ? 11.231  -1.194  11.616  1.00 14.52  ? 118 PRO A O   1 
ATOM   957  C CB  . PRO A 1 118 ? 8.968   -2.221  13.374  1.00 11.89  ? 118 PRO A CB  1 
ATOM   958  C CG  . PRO A 1 118 ? 9.028   -3.550  14.058  1.00 12.20  ? 118 PRO A CG  1 
ATOM   959  C CD  . PRO A 1 118 ? 10.109  -4.308  13.302  1.00 13.37  ? 118 PRO A CD  1 
ATOM   960  N N   . GLY A 1 119 ? 9.442   -0.639  10.356  1.00 12.28  ? 119 GLY A N   1 
ATOM   961  C CA  . GLY A 1 119 ? 10.123  0.426   9.620   1.00 12.14  ? 119 GLY A CA  1 
ATOM   962  C C   . GLY A 1 119 ? 10.701  0.019   8.272   1.00 12.85  ? 119 GLY A C   1 
ATOM   963  O O   . GLY A 1 119 ? 11.178  0.857   7.517   1.00 14.61  ? 119 GLY A O   1 
ATOM   964  N N   . THR A 1 120 ? 10.502  -1.227  7.886   1.00 12.50  ? 120 THR A N   1 
ATOM   965  C CA  . THR A 1 120 ? 10.942  -1.700  6.556   1.00 12.26  ? 120 THR A CA  1 
ATOM   966  C C   . THR A 1 120 ? 10.200  -0.927  5.477   1.00 11.74  ? 120 THR A C   1 
ATOM   967  O O   . THR A 1 120 ? 8.971   -0.882  5.497   1.00 12.24  ? 120 THR A O   1 
ATOM   968  C CB  . THR A 1 120 ? 10.662  -3.190  6.417   1.00 13.13  ? 120 THR A CB  1 
ATOM   969  O OG1 . THR A 1 120 ? 11.467  -3.912  7.339   1.00 14.28  ? 120 THR A OG1 1 
ATOM   970  C CG2 . THR A 1 120 ? 10.916  -3.689  5.017   1.00 14.01  ? 120 THR A CG2 1 
ATOM   971  N N   . PRO A 1 121 ? 10.896  -0.277  4.546   1.00 11.91  ? 121 PRO A N   1 
ATOM   972  C CA  . PRO A 1 121 ? 10.198  0.525   3.552   1.00 12.72  ? 121 PRO A CA  1 
ATOM   973  C C   . PRO A 1 121 ? 9.293   -0.315  2.632   1.00 12.29  ? 121 PRO A C   1 
ATOM   974  O O   . PRO A 1 121 ? 9.652   -1.442  2.247   1.00 12.14  ? 121 PRO A O   1 
ATOM   975  C CB  . PRO A 1 121 ? 11.334  1.183   2.758   1.00 13.09  ? 121 PRO A CB  1 
ATOM   976  C CG  . PRO A 1 121 ? 12.497  1.170   3.662   1.00 15.72  ? 121 PRO A CG  1 
ATOM   977  C CD  . PRO A 1 121 ? 12.347  -0.051  4.533   1.00 13.56  ? 121 PRO A CD  1 
ATOM   978  N N   . VAL A 1 122 ? 8.150   0.246   2.268   1.00 10.87  ? 122 VAL A N   1 
ATOM   979  C CA  . VAL A 1 122 ? 7.384   -0.253  1.151   1.00 11.76  ? 122 VAL A CA  1 
ATOM   980  C C   . VAL A 1 122 ? 7.828   0.460   -0.111  1.00 11.46  ? 122 VAL A C   1 
ATOM   981  O O   . VAL A 1 122 ? 7.961   1.671   -0.117  1.00 13.06  ? 122 VAL A O   1 
ATOM   982  C CB  . VAL A 1 122 ? 5.870   -0.044  1.367   1.00 11.09  ? 122 VAL A CB  1 
ATOM   983  C CG1 . VAL A 1 122 ? 5.069   -0.637  0.245   1.00 13.21  ? 122 VAL A CG1 1 
ATOM   984  C CG2 . VAL A 1 122 ? 5.446   -0.635  2.698   1.00 12.18  ? 122 VAL A CG2 1 
ATOM   985  N N   . GLN A 1 123 ? 8.068   -0.326  -1.175  1.00 11.90  ? 123 GLN A N   1 
ATOM   986  C CA  . GLN A 1 123 ? 8.636   0.153   -2.414  1.00 12.13  ? 123 GLN A CA  1 
ATOM   987  C C   . GLN A 1 123 ? 7.846   -0.381  -3.590  1.00 10.83  ? 123 GLN A C   1 
ATOM   988  O O   . GLN A 1 123 ? 6.946   -1.212  -3.428  1.00 12.38  ? 123 GLN A O   1 
ATOM   989  C CB  . GLN A 1 123 ? 10.102  -0.264  -2.519  1.00 12.69  ? 123 GLN A CB  1 
ATOM   990  C CG  . GLN A 1 123 ? 10.237  -1.758  -2.738  1.00 13.99  ? 123 GLN A CG  1 
ATOM   991  C CD  . GLN A 1 123 ? 11.659  -2.288  -2.739  1.00 15.76  ? 123 GLN A CD  1 
ATOM   992  O OE1 . GLN A 1 123 ? 12.632  -1.524  -2.746  1.00 17.77  ? 123 GLN A OE1 1 
ATOM   993  N NE2 . GLN A 1 123 ? 11.772  -3.581  -2.651  1.00 14.89  ? 123 GLN A NE2 1 
ATOM   994  N N   . LEU A 1 124 ? 8.114   0.111   -4.796  1.00 11.37  ? 124 LEU A N   1 
ATOM   995  C CA  . LEU A 1 124 ? 7.718   -0.606  -6.009  1.00 10.85  ? 124 LEU A CA  1 
ATOM   996  C C   . LEU A 1 124 ? 8.761   -1.619  -6.438  1.00 11.72  ? 124 LEU A C   1 
ATOM   997  O O   . LEU A 1 124 ? 9.961   -1.445  -6.217  1.00 12.21  ? 124 LEU A O   1 
ATOM   998  C CB  . LEU A 1 124 ? 7.538   0.377   -7.166  1.00 11.75  ? 124 LEU A CB  1 
ATOM   999  C CG  . LEU A 1 124 ? 6.489   1.456   -6.947  1.00 11.26  ? 124 LEU A CG  1 
ATOM   1000 C CD1 . LEU A 1 124 ? 6.509   2.379   -8.182  1.00 11.71  ? 124 LEU A CD1 1 
ATOM   1001 C CD2 . LEU A 1 124 ? 5.128   0.851   -6.689  1.00 12.59  ? 124 LEU A CD2 1 
ATOM   1002 N N   . TRP A 1 125 ? 8.296   -2.691  -7.062  1.00 11.88  ? 125 TRP A N   1 
ATOM   1003 C CA  . TRP A 1 125 ? 9.198   -3.601  -7.761  1.00 12.81  ? 125 TRP A CA  1 
ATOM   1004 C C   . TRP A 1 125 ? 8.408   -4.273  -8.849  1.00 13.89  ? 125 TRP A C   1 
ATOM   1005 O O   . TRP A 1 125 ? 7.175   -4.386  -8.796  1.00 13.01  ? 125 TRP A O   1 
ATOM   1006 C CB  . TRP A 1 125 ? 9.729   -4.678  -6.815  1.00 11.52  ? 125 TRP A CB  1 
ATOM   1007 C CG  . TRP A 1 125 ? 11.007  -5.320  -7.292  1.00 11.76  ? 125 TRP A CG  1 
ATOM   1008 C CD1 . TRP A 1 125 ? 11.144  -6.401  -8.100  1.00 14.51  ? 125 TRP A CD1 1 
ATOM   1009 C CD2 . TRP A 1 125 ? 12.325  -4.837  -7.034  1.00 12.79  ? 125 TRP A CD2 1 
ATOM   1010 N NE1 . TRP A 1 125 ? 12.488  -6.626  -8.360  1.00 14.75  ? 125 TRP A NE1 1 
ATOM   1011 C CE2 . TRP A 1 125 ? 13.220  -5.652  -7.744  1.00 14.29  ? 125 TRP A CE2 1 
ATOM   1012 C CE3 . TRP A 1 125 ? 12.837  -3.816  -6.236  1.00 13.72  ? 125 TRP A CE3 1 
ATOM   1013 C CZ2 . TRP A 1 125 ? 14.603  -5.493  -7.652  1.00 14.89  ? 125 TRP A CZ2 1 
ATOM   1014 C CZ3 . TRP A 1 125 ? 14.234  -3.657  -6.154  1.00 13.70  ? 125 TRP A CZ3 1 
ATOM   1015 C CH2 . TRP A 1 125 ? 15.078  -4.461  -6.894  1.00 15.04  ? 125 TRP A CH2 1 
ATOM   1016 N N   . TRP A 1 126 ? 9.125   -4.655  -9.895  1.00 13.39  ? 126 TRP A N   1 
ATOM   1017 C CA  . TRP A 1 126 ? 8.569   -5.497  -10.951 1.00 13.29  ? 126 TRP A CA  1 
ATOM   1018 C C   . TRP A 1 126 ? 7.807   -6.660  -10.369 1.00 12.39  ? 126 TRP A C   1 
ATOM   1019 O O   . TRP A 1 126 ? 8.280   -7.333  -9.461  1.00 12.28  ? 126 TRP A O   1 
ATOM   1020 C CB  . TRP A 1 126 ? 9.736   -6.029  -11.792 1.00 16.20  ? 126 TRP A CB  1 
ATOM   1021 C CG  . TRP A 1 126 ? 9.341   -6.613  -13.101 1.00 21.26  ? 126 TRP A CG  1 
ATOM   1022 C CD1 . TRP A 1 126 ? 9.035   -7.915  -13.360 1.00 25.30  ? 126 TRP A CD1 1 
ATOM   1023 C CD2 . TRP A 1 126 ? 9.205   -5.910  -14.334 1.00 26.68  ? 126 TRP A CD2 1 
ATOM   1024 N NE1 . TRP A 1 126 ? 8.711   -8.066  -14.695 1.00 29.88  ? 126 TRP A NE1 1 
ATOM   1025 C CE2 . TRP A 1 126 ? 8.764   -6.839  -15.300 1.00 26.93  ? 126 TRP A CE2 1 
ATOM   1026 C CE3 . TRP A 1 126 ? 9.395   -4.576  -14.712 1.00 33.23  ? 126 TRP A CE3 1 
ATOM   1027 C CZ2 . TRP A 1 126 ? 8.539   -6.479  -16.628 1.00 38.14  ? 126 TRP A CZ2 1 
ATOM   1028 C CZ3 . TRP A 1 126 ? 9.111   -4.208  -16.015 1.00 39.75  ? 126 TRP A CZ3 1 
ATOM   1029 C CH2 . TRP A 1 126 ? 8.697   -5.159  -16.960 1.00 40.07  ? 126 TRP A CH2 1 
ATOM   1030 N N   . THR A 1 127 ? 6.655   -6.967  -10.959 1.00 11.47  ? 127 THR A N   1 
ATOM   1031 C CA  . THR A 1 127 ? 5.795   -7.999  -10.446 1.00 11.14  ? 127 THR A CA  1 
ATOM   1032 C C   . THR A 1 127 ? 6.331   -9.395  -10.663 1.00 11.85  ? 127 THR A C   1 
ATOM   1033 O O   . THR A 1 127 ? 6.782   -9.736  -11.746 1.00 14.15  ? 127 THR A O   1 
ATOM   1034 C CB  . THR A 1 127 ? 4.360   -7.809  -10.989 1.00 11.66  ? 127 THR A CB  1 
ATOM   1035 O OG1 . THR A 1 127 ? 3.446   -8.597  -10.221 1.00 13.39  ? 127 THR A OG1 1 
ATOM   1036 C CG2 . THR A 1 127 ? 4.263   -8.204  -12.454 1.00 12.04  ? 127 THR A CG2 1 
ATOM   1037 N N   . TRP A 1 128 ? 6.305   -10.183 -9.603  1.00 11.86  ? 128 TRP A N   1 
ATOM   1038 C CA  . TRP A 1 128 ? 6.618   -11.591 -9.659  1.00 12.46  ? 128 TRP A CA  1 
ATOM   1039 C C   . TRP A 1 128 ? 5.985   -12.286 -8.473  1.00 12.88  ? 128 TRP A C   1 
ATOM   1040 O O   . TRP A 1 128 ? 5.315   -11.636 -7.638  1.00 12.78  ? 128 TRP A O   1 
ATOM   1041 C CB  . TRP A 1 128 ? 8.131   -11.837 -9.737  1.00 12.54  ? 128 TRP A CB  1 
ATOM   1042 C CG  . TRP A 1 128 ? 8.898   -11.457 -8.520  1.00 12.28  ? 128 TRP A CG  1 
ATOM   1043 C CD1 . TRP A 1 128 ? 9.191   -10.209 -8.096  1.00 13.25  ? 128 TRP A CD1 1 
ATOM   1044 C CD2 . TRP A 1 128 ? 9.538   -12.363 -7.600  1.00 12.44  ? 128 TRP A CD2 1 
ATOM   1045 N NE1 . TRP A 1 128 ? 9.938   -10.262 -6.960  1.00 13.90  ? 128 TRP A NE1 1 
ATOM   1046 C CE2 . TRP A 1 128 ? 10.156  -11.571 -6.612  1.00 13.11  ? 128 TRP A CE2 1 
ATOM   1047 C CE3 . TRP A 1 128 ? 9.615   -13.749 -7.492  1.00 13.11  ? 128 TRP A CE3 1 
ATOM   1048 C CZ2 . TRP A 1 128 ? 10.871  -12.110 -5.570  1.00 13.06  ? 128 TRP A CZ2 1 
ATOM   1049 C CZ3 . TRP A 1 128 ? 10.340  -14.292 -6.440  1.00 12.94  ? 128 TRP A CZ3 1 
ATOM   1050 C CH2 . TRP A 1 128 ? 10.927  -13.456 -5.468  1.00 14.17  ? 128 TRP A CH2 1 
ATOM   1051 N N   . GLU A 1 129 ? 6.164   -13.595 -8.386  1.00 13.78  ? 129 GLU A N   1 
ATOM   1052 C CA  . GLU A 1 129 ? 5.379   -14.369 -7.453  1.00 12.94  ? 129 GLU A CA  1 
ATOM   1053 C C   . GLU A 1 129 ? 5.679   -14.170 -5.972  1.00 14.23  ? 129 GLU A C   1 
ATOM   1054 O O   . GLU A 1 129 ? 4.933   -14.651 -5.131  1.00 16.27  ? 129 GLU A O   1 
ATOM   1055 C CB  . GLU A 1 129 ? 5.476   -15.868 -7.796  1.00 17.07  ? 129 GLU A CB  1 
ATOM   1056 C CG  . GLU A 1 129 ? 6.860   -16.446 -7.764  1.00 21.41  ? 129 GLU A CG  1 
ATOM   1057 C CD  . GLU A 1 129 ? 6.950   -17.741 -8.547  1.00 24.60  ? 129 GLU A CD  1 
ATOM   1058 O OE1 . GLU A 1 129 ? 7.252   -18.774 -7.870  1.00 30.46  ? 129 GLU A OE1 1 
ATOM   1059 O OE2 . GLU A 1 129 ? 6.751   -17.715 -9.811  1.00 17.99  ? 129 GLU A OE2 1 
ATOM   1060 N N   . GLY A 1 130 ? 6.780   -13.520 -5.648  1.00 13.04  ? 130 GLY A N   1 
ATOM   1061 C CA  . GLY A 1 130 ? 7.148   -13.354 -4.270  1.00 13.78  ? 130 GLY A CA  1 
ATOM   1062 C C   . GLY A 1 130 ? 6.047   -12.781 -3.416  1.00 13.59  ? 130 GLY A C   1 
ATOM   1063 O O   . GLY A 1 130 ? 5.449   -11.751 -3.747  1.00 12.79  ? 130 GLY A O   1 
ATOM   1064 N N   . LEU A 1 131 ? 5.789   -13.444 -2.300  1.00 15.37  ? 131 LEU A N   1 
ATOM   1065 C CA  . LEU A 1 131 ? 4.576   -13.198 -1.536  1.00 13.47  ? 131 LEU A CA  1 
ATOM   1066 C C   . LEU A 1 131 ? 4.621   -11.880 -0.792  1.00 11.56  ? 131 LEU A C   1 
ATOM   1067 O O   . LEU A 1 131 ? 3.601   -11.383 -0.370  1.00 12.06  ? 131 LEU A O   1 
ATOM   1068 C CB  . LEU A 1 131 ? 4.360   -14.307 -0.489  1.00 17.09  ? 131 LEU A CB  1 
ATOM   1069 C CG  . LEU A 1 131 ? 4.080   -15.671 -1.076  1.00 24.70  ? 131 LEU A CG  1 
ATOM   1070 C CD1 . LEU A 1 131 ? 4.068   -16.672 0.066   1.00 25.72  ? 131 LEU A CD1 1 
ATOM   1071 C CD2 . LEU A 1 131 ? 2.750   -15.643 -1.793  1.00 24.00  ? 131 LEU A CD2 1 
ATOM   1072 N N   . HIS A 1 132 ? 5.794   -11.298 -0.674  1.00 11.28  ? 132 HIS A N   1 
ATOM   1073 C CA  . HIS A 1 132 ? 5.958   -9.983  -0.097  1.00 12.41  ? 132 HIS A CA  1 
ATOM   1074 C C   . HIS A 1 132 ? 5.394   -8.887  -1.015  1.00 12.38  ? 132 HIS A C   1 
ATOM   1075 O O   . HIS A 1 132 ? 5.411   -7.711  -0.637  1.00 11.16  ? 132 HIS A O   1 
ATOM   1076 C CB  . HIS A 1 132 ? 7.420   -9.675  0.225   1.00 12.07  ? 132 HIS A CB  1 
ATOM   1077 C CG  . HIS A 1 132 ? 8.321   -9.792  -0.946  1.00 12.12  ? 132 HIS A CG  1 
ATOM   1078 N ND1 . HIS A 1 132 ? 8.705   -11.013 -1.455  1.00 15.34  ? 132 HIS A ND1 1 
ATOM   1079 C CD2 . HIS A 1 132 ? 8.913   -8.847  -1.711  1.00 12.90  ? 132 HIS A CD2 1 
ATOM   1080 C CE1 . HIS A 1 132 ? 9.494   -10.811 -2.494  1.00 15.03  ? 132 HIS A CE1 1 
ATOM   1081 N NE2 . HIS A 1 132 ? 9.593   -9.511  -2.708  1.00 15.03  ? 132 HIS A NE2 1 
ATOM   1082 N N   . GLN A 1 133 ? 4.957   -9.275  -2.225  1.00 11.60  ? 133 GLN A N   1 
ATOM   1083 C CA  . GLN A 1 133 ? 4.245   -8.337  -3.096  1.00 11.08  ? 133 GLN A CA  1 
ATOM   1084 C C   . GLN A 1 133 ? 2.729   -8.532  -2.998  1.00 10.96  ? 133 GLN A C   1 
ATOM   1085 O O   . GLN A 1 133 ? 2.013   -7.972  -3.827  1.00 11.19  ? 133 GLN A O   1 
ATOM   1086 C CB  . GLN A 1 133 ? 4.701   -8.522  -4.551  1.00 10.53  ? 133 GLN A CB  1 
ATOM   1087 C CG  . GLN A 1 133 ? 6.181   -8.459  -4.728  1.00 11.52  ? 133 GLN A CG  1 
ATOM   1088 C CD  . GLN A 1 133 ? 6.531   -8.249  -6.193  1.00 11.58  ? 133 GLN A CD  1 
ATOM   1089 O OE1 . GLN A 1 133 ? 5.788   -8.668  -7.077  1.00 11.06  ? 133 GLN A OE1 1 
ATOM   1090 N NE2 . GLN A 1 133 ? 7.629   -7.554  -6.437  1.00 12.03  ? 133 GLN A NE2 1 
ATOM   1091 N N   . THR A 1 134 ? 2.237   -9.339  -2.044  1.00 11.23  ? 134 THR A N   1 
ATOM   1092 C CA  . THR A 1 134 ? 0.810   -9.615  -1.989  1.00 9.85   ? 134 THR A CA  1 
ATOM   1093 C C   . THR A 1 134 ? 0.306   -9.180  -0.629  1.00 10.41  ? 134 THR A C   1 
ATOM   1094 O O   . THR A 1 134 ? 1.034   -9.237  0.363   1.00 11.08  ? 134 THR A O   1 
ATOM   1095 C CB  . THR A 1 134 ? 0.449   -11.074 -2.289  1.00 11.99  ? 134 THR A CB  1 
ATOM   1096 O OG1 . THR A 1 134 ? 0.966   -11.947 -1.275  1.00 12.55  ? 134 THR A OG1 1 
ATOM   1097 C CG2 . THR A 1 134 ? 1.061   -11.482 -3.627  1.00 12.16  ? 134 THR A CG2 1 
ATOM   1098 N N   . TRP A 1 135 ? -0.962  -8.760  -0.601  1.00 10.07  ? 135 TRP A N   1 
ATOM   1099 C CA  . TRP A 1 135 ? -1.507  -8.047  0.543   1.00 9.90   ? 135 TRP A CA  1 
ATOM   1100 C C   . TRP A 1 135 ? -2.945  -8.435  0.768   1.00 11.00  ? 135 TRP A C   1 
ATOM   1101 O O   . TRP A 1 135 ? -3.696  -8.522  -0.187  1.00 11.71  ? 135 TRP A O   1 
ATOM   1102 C CB  . TRP A 1 135 ? -1.432  -6.537  0.260   1.00 9.76   ? 135 TRP A CB  1 
ATOM   1103 C CG  . TRP A 1 135 ? -0.132  -6.007  -0.191  1.00 10.15  ? 135 TRP A CG  1 
ATOM   1104 C CD1 . TRP A 1 135 ? 0.337   -6.055  -1.460  1.00 11.01  ? 135 TRP A CD1 1 
ATOM   1105 C CD2 . TRP A 1 135 ? 0.899   -5.460  0.622   1.00 10.48  ? 135 TRP A CD2 1 
ATOM   1106 N NE1 . TRP A 1 135 ? 1.602   -5.545  -1.502  1.00 10.46  ? 135 TRP A NE1 1 
ATOM   1107 C CE2 . TRP A 1 135 ? 1.963   -5.131  -0.247  1.00 10.49  ? 135 TRP A CE2 1 
ATOM   1108 C CE3 . TRP A 1 135 ? 1.020   -5.150  1.992   1.00 10.50  ? 135 TRP A CE3 1 
ATOM   1109 C CZ2 . TRP A 1 135 ? 3.131   -4.521  0.192   1.00 9.71   ? 135 TRP A CZ2 1 
ATOM   1110 C CZ3 . TRP A 1 135 ? 2.164   -4.502  2.411   1.00 11.02  ? 135 TRP A CZ3 1 
ATOM   1111 C CH2 . TRP A 1 135 ? 3.207   -4.203  1.521   1.00 11.37  ? 135 TRP A CH2 1 
ATOM   1112 N N   . THR A 1 136 ? -3.350  -8.527  2.034   1.00 10.32  ? 136 THR A N   1 
ATOM   1113 C CA  . THR A 1 136 ? -4.783  -8.650  2.349   1.00 11.76  ? 136 THR A CA  1 
ATOM   1114 C C   . THR A 1 136 ? -5.320  -7.297  2.718   1.00 13.13  ? 136 THR A C   1 
ATOM   1115 O O   . THR A 1 136 ? -4.567  -6.435  3.186   1.00 14.51  ? 136 THR A O   1 
ATOM   1116 C CB  . THR A 1 136 ? -5.042  -9.673  3.458   1.00 15.00  ? 136 THR A CB  1 
ATOM   1117 O OG1 . THR A 1 136 ? -4.344  -9.291  4.640   1.00 16.41  ? 136 THR A OG1 1 
ATOM   1118 C CG2 . THR A 1 136 ? -4.608  -11.039 3.032   1.00 16.16  ? 136 THR A CG2 1 
ATOM   1119 N N   . ILE A 1 137 ? -6.577  -7.066  2.387   1.00 12.44  ? 137 ILE A N   1 
ATOM   1120 C CA  . ILE A 1 137 ? -7.226  -5.796  2.633   1.00 12.97  ? 137 ILE A CA  1 
ATOM   1121 C C   . ILE A 1 137 ? -8.445  -6.093  3.463   1.00 14.79  ? 137 ILE A C   1 
ATOM   1122 O O   . ILE A 1 137 ? -9.342  -6.781  2.996   1.00 16.92  ? 137 ILE A O   1 
ATOM   1123 C CB  . ILE A 1 137 ? -7.620  -5.120  1.310   1.00 13.21  ? 137 ILE A CB  1 
ATOM   1124 C CG1 . ILE A 1 137 ? -6.384  -4.854  0.460   1.00 14.81  ? 137 ILE A CG1 1 
ATOM   1125 C CG2 . ILE A 1 137 ? -8.304  -3.800  1.581   1.00 14.40  ? 137 ILE A CG2 1 
ATOM   1126 C CD1 . ILE A 1 137 ? -6.681  -4.307  -0.916  1.00 15.64  ? 137 ILE A CD1 1 
ATOM   1127 N N   . ASP A 1 138 ? -8.489  -5.601  4.693   1.00 14.51  ? 138 ASP A N   1 
ATOM   1128 C CA  . ASP A 1 138 ? -9.669  -5.850  5.475   1.00 17.48  ? 138 ASP A CA  1 
ATOM   1129 C C   . ASP A 1 138 ? -9.885  -4.810  6.534   1.00 13.43  ? 138 ASP A C   1 
ATOM   1130 O O   . ASP A 1 138 ? -9.191  -3.796  6.583   1.00 13.40  ? 138 ASP A O   1 
ATOM   1131 C CB  . ASP A 1 138 ? -9.647  -7.244  6.035   1.00 20.78  ? 138 ASP A CB  1 
ATOM   1132 C CG  . ASP A 1 138 ? -8.366  -7.558  6.719   1.00 24.53  ? 138 ASP A CG  1 
ATOM   1133 O OD1 . ASP A 1 138 ? -7.756  -6.623  7.263   1.00 21.65  ? 138 ASP A OD1 1 
ATOM   1134 O OD2 . ASP A 1 138 ? -7.844  -8.673  6.487   1.00 37.28  ? 138 ASP A OD2 1 
ATOM   1135 N N   . ARG A 1 139 ? -10.994 -4.956  7.244   1.00 16.02  ? 139 ARG A N   1 
ATOM   1136 C CA  . ARG A 1 139 ? -11.438 -3.897  8.107   1.00 15.60  ? 139 ARG A CA  1 
ATOM   1137 C C   . ARG A 1 139 ? -10.484 -3.677  9.261   1.00 15.36  ? 139 ARG A C   1 
ATOM   1138 O O   . ARG A 1 139 ? -9.851  -4.611  9.755   1.00 15.06  ? 139 ARG A O   1 
ATOM   1139 C CB  . ARG A 1 139 ? -12.837 -4.195  8.633   1.00 19.89  ? 139 ARG A CB  1 
ATOM   1140 C CG  . ARG A 1 139 ? -13.905 -4.142  7.562   1.00 21.87  ? 139 ARG A CG  1 
ATOM   1141 C CD  . ARG A 1 139 ? -15.266 -4.023  8.208   1.00 26.15  ? 139 ARG A CD  1 
ATOM   1142 N NE  . ARG A 1 139 ? -16.292 -3.604  7.260   1.00 33.92  ? 139 ARG A NE  1 
ATOM   1143 C CZ  . ARG A 1 139 ? -17.141 -4.433  6.678   1.00 44.20  ? 139 ARG A CZ  1 
ATOM   1144 N NH1 . ARG A 1 139 ? -17.065 -5.741  6.925   1.00 46.24  ? 139 ARG A NH1 1 
ATOM   1145 N NH2 . ARG A 1 139 ? -18.084 -3.950  5.868   1.00 40.59  ? 139 ARG A NH2 1 
ATOM   1146 N N   . PRO A 1 140 ? -10.355 -2.414  9.701   1.00 14.24  ? 140 PRO A N   1 
ATOM   1147 C CA  . PRO A 1 140 ? -9.421  -2.065  10.763  1.00 15.28  ? 140 PRO A CA  1 
ATOM   1148 C C   . PRO A 1 140 ? -9.802  -2.593  12.132  1.00 15.40  ? 140 PRO A C   1 
ATOM   1149 O O   . PRO A 1 140 ? -8.905  -2.669  12.976  1.00 16.63  ? 140 PRO A O   1 
ATOM   1150 C CB  . PRO A 1 140 ? -9.438  -0.535  10.792  1.00 17.79  ? 140 PRO A CB  1 
ATOM   1151 C CG  . PRO A 1 140 ? -10.159 -0.092  9.571   1.00 21.43  ? 140 PRO A CG  1 
ATOM   1152 C CD  . PRO A 1 140 ? -11.022 -1.229  9.134   1.00 15.74  ? 140 PRO A CD  1 
ATOM   1153 O OXT . PRO A 1 140 ? -11.003 -2.883  12.362  1.00 17.03  ? 140 PRO A OXT 1 
HETATM 1154 C C1  . MAG B 2 .   ? 6.939   9.563   18.046  1.00 53.66  ? 1   MAG B C1  1 
HETATM 1155 C C2  . MAG B 2 .   ? 7.801   8.555   17.348  1.00 62.96  ? 1   MAG B C2  1 
HETATM 1156 C C3  . MAG B 2 .   ? 6.983   7.966   16.239  1.00 48.80  ? 1   MAG B C3  1 
HETATM 1157 C C4  . MAG B 2 .   ? 5.833   7.218   16.898  1.00 36.47  ? 1   MAG B C4  1 
HETATM 1158 C C5  . MAG B 2 .   ? 5.068   8.077   17.897  1.00 41.32  ? 1   MAG B C5  1 
HETATM 1159 C C6  . MAG B 2 .   ? 4.219   7.220   18.821  1.00 40.10  ? 1   MAG B C6  1 
HETATM 1160 C C7  . MAG B 2 .   ? 9.302   10.097  16.221  1.00 161.15 ? 1   MAG B C7  1 
HETATM 1161 C C8  . MAG B 2 .   ? 10.696  10.350  15.858  1.00 437.06 ? 1   MAG B C8  1 
HETATM 1162 N N2  . MAG B 2 .   ? 9.088   9.043   16.857  1.00 108.68 ? 1   MAG B N2  1 
HETATM 1163 O O1  . MAG B 2 .   ? 7.698   10.383  18.950  1.00 43.39  ? 1   MAG B O1  1 
HETATM 1164 O O3  . MAG B 2 .   ? 7.807   7.079   15.503  1.00 38.16  ? 1   MAG B O3  1 
HETATM 1165 O O4  . MAG B 2 .   ? 4.899   6.793   15.921  1.00 26.12  ? 1   MAG B O4  1 
HETATM 1166 O O5  . MAG B 2 .   ? 5.942   8.840   18.752  1.00 37.49  ? 1   MAG B O5  1 
HETATM 1167 O O6  . MAG B 2 .   ? 5.042   6.279   19.482  1.00 42.49  ? 1   MAG B O6  1 
HETATM 1168 O O7  . MAG B 2 .   ? 8.418   10.865  15.925  1.00 165.38 ? 1   MAG B O7  1 
HETATM 1169 C CM  . MAG B 2 .   ? 6.906   11.341  19.645  1.00 36.62  ? 1   MAG B CM  1 
HETATM 1170 C C1  . GAL B 2 .   ? 5.075   5.493   15.417  1.00 23.89  ? 2   GAL B C1  1 
HETATM 1171 C C2  . GAL B 2 .   ? 3.740   4.978   14.888  1.00 18.18  ? 2   GAL B C2  1 
HETATM 1172 C C3  . GAL B 2 .   ? 3.910   3.633   14.223  1.00 13.30  ? 2   GAL B C3  1 
HETATM 1173 C C4  . GAL B 2 .   ? 4.991   3.750   13.168  1.00 14.64  ? 2   GAL B C4  1 
HETATM 1174 C C5  . GAL B 2 .   ? 6.272   4.237   13.820  1.00 19.32  ? 2   GAL B C5  1 
HETATM 1175 C C6  . GAL B 2 .   ? 7.442   4.411   12.860  1.00 24.01  ? 2   GAL B C6  1 
HETATM 1176 O O2  . GAL B 2 .   ? 2.833   4.870   15.977  1.00 18.03  ? 2   GAL B O2  1 
HETATM 1177 O O3  . GAL B 2 .   ? 2.654   3.198   13.678  1.00 12.70  ? 2   GAL B O3  1 
HETATM 1178 O O4  . GAL B 2 .   ? 4.610   4.681   12.172  1.00 14.76  ? 2   GAL B O4  1 
HETATM 1179 O O5  . GAL B 2 .   ? 6.066   5.503   14.425  1.00 22.59  ? 2   GAL B O5  1 
HETATM 1180 O O6  . GAL B 2 .   ? 8.629   4.839   13.535  1.00 27.50  ? 2   GAL B O6  1 
HETATM 1181 C C1  . BEN C 3 .   ? -11.684 -6.340  -5.887  1.00 16.02  ? 203 BEN A C1  1 
HETATM 1182 C C2  . BEN C 3 .   ? -10.819 -6.084  -6.954  1.00 19.12  ? 203 BEN A C2  1 
HETATM 1183 C C3  . BEN C 3 .   ? -10.086 -4.922  -6.975  1.00 20.76  ? 203 BEN A C3  1 
HETATM 1184 C C4  . BEN C 3 .   ? -10.246 -4.004  -5.971  1.00 16.98  ? 203 BEN A C4  1 
HETATM 1185 C C5  . BEN C 3 .   ? -11.140 -4.230  -4.938  1.00 16.90  ? 203 BEN A C5  1 
HETATM 1186 C C6  . BEN C 3 .   ? -11.883 -5.399  -4.894  1.00 15.93  ? 203 BEN A C6  1 
HETATM 1187 C C   . BEN C 3 .   ? -12.490 -7.591  -5.828  1.00 15.28  ? 203 BEN A C   1 
HETATM 1188 N N1  . BEN C 3 .   ? -13.315 -7.706  -4.814  1.00 15.57  ? 203 BEN A N1  1 
HETATM 1189 N N2  . BEN C 3 .   ? -12.300 -8.561  -6.629  1.00 15.56  ? 203 BEN A N2  1 
HETATM 1190 O O   . HOH D 4 .   ? 4.972   1.234   18.613  1.00 14.14  ? 301 HOH A O   1 
HETATM 1191 O O   . HOH D 4 .   ? 16.151  -8.404  8.929   1.00 35.40  ? 302 HOH A O   1 
HETATM 1192 O O   . HOH D 4 .   ? 14.494  -9.763  10.488  1.00 34.84  ? 303 HOH A O   1 
HETATM 1193 O O   . HOH D 4 .   ? 11.169  -7.965  12.847  1.00 21.88  ? 304 HOH A O   1 
HETATM 1194 O O   . HOH D 4 .   ? 0.384   0.920   20.436  1.00 32.17  ? 305 HOH A O   1 
HETATM 1195 O O   . HOH D 4 .   ? 2.851   3.027   18.382  1.00 27.62  ? 306 HOH A O   1 
HETATM 1196 O O   . HOH D 4 .   ? 13.519  -0.525  10.066  1.00 24.23  ? 307 HOH A O   1 
HETATM 1197 O O   . HOH D 4 .   ? 15.945  -4.680  8.417   1.00 34.25  ? 308 HOH A O   1 
HETATM 1198 O O   . HOH D 4 .   ? 8.070   -6.975  13.280  1.00 25.50  ? 309 HOH A O   1 
HETATM 1199 O O   . HOH D 4 .   ? 1.981   -7.241  17.286  1.00 18.78  ? 310 HOH A O   1 
HETATM 1200 O O   . HOH D 4 .   ? 10.206  -12.602 11.152  1.00 37.34  ? 311 HOH A O   1 
HETATM 1201 O O   . HOH D 4 .   ? 14.013  -2.741  7.755   1.00 27.38  ? 312 HOH A O   1 
HETATM 1202 O O   . HOH D 4 .   ? -2.552  -0.569  20.381  1.00 44.85  ? 313 HOH A O   1 
HETATM 1203 O O   . HOH D 4 .   ? 15.364  -1.800  5.544   1.00 41.24  ? 314 HOH A O   1 
HETATM 1204 O O   . HOH D 4 .   ? 12.308  -10.602 8.513   1.00 25.34  ? 315 HOH A O   1 
HETATM 1205 O O   . HOH D 4 .   ? -2.814  -3.111  19.793  1.00 38.92  ? 316 HOH A O   1 
HETATM 1206 O O   . HOH D 4 .   ? 1.382   6.904   16.373  1.00 34.62  ? 317 HOH A O   1 
HETATM 1207 O O   . HOH D 4 .   ? 14.741  -10.438 6.464   1.00 38.41  ? 318 HOH A O   1 
HETATM 1208 O O   . HOH D 4 .   ? 12.017  3.203   8.088   1.00 31.22  ? 319 HOH A O   1 
HETATM 1209 O O   . HOH D 4 .   ? -0.566  -6.508  16.464  1.00 27.46  ? 320 HOH A O   1 
HETATM 1210 O O   . HOH D 4 .   ? 10.206  6.374   9.056   1.00 44.27  ? 321 HOH A O   1 
HETATM 1211 O O   . HOH D 4 .   ? -2.532  2.971   18.281  1.00 23.66  ? 322 HOH A O   1 
HETATM 1212 O O   . HOH D 4 .   ? 14.214  3.446   5.857   1.00 41.05  ? 323 HOH A O   1 
HETATM 1213 O O   . HOH D 4 .   ? 15.800  -9.131  3.903   1.00 34.32  ? 324 HOH A O   1 
HETATM 1214 O O   . HOH D 4 .   ? -0.608  5.761   15.487  1.00 22.64  ? 325 HOH A O   1 
HETATM 1215 O O   . HOH D 4 .   ? -5.242  -3.160  17.760  1.00 38.18  ? 326 HOH A O   1 
HETATM 1216 O O   . HOH D 4 .   ? 5.988   -15.988 9.479   1.00 24.31  ? 327 HOH A O   1 
HETATM 1217 O O   . HOH D 4 .   ? 1.191   8.526   13.797  1.00 32.65  ? 328 HOH A O   1 
HETATM 1218 O O   . HOH D 4 .   ? 12.936  -11.250 4.312   1.00 24.77  ? 329 HOH A O   1 
HETATM 1219 O O   . HOH D 4 .   ? -5.458  3.204   18.241  1.00 33.97  ? 330 HOH A O   1 
HETATM 1220 O O   . HOH D 4 .   ? 15.242  5.978   3.116   1.00 32.39  ? 331 HOH A O   1 
HETATM 1221 O O   . HOH D 4 .   ? 12.477  7.101   4.882   1.00 36.66  ? 332 HOH A O   1 
HETATM 1222 O O   . HOH D 4 .   ? 14.591  -3.110  3.338   1.00 30.11  ? 333 HOH A O   1 
HETATM 1223 O O   . HOH D 4 .   ? 7.777   -5.019  7.920   1.00 12.19  ? 334 HOH A O   1 
HETATM 1224 O O   . HOH D 4 .   ? 10.061  -12.238 5.388   1.00 28.57  ? 335 HOH A O   1 
HETATM 1225 O O   . HOH D 4 .   ? 12.322  -15.240 3.466   1.00 36.59  ? 336 HOH A O   1 
HETATM 1226 O O   . HOH D 4 .   ? 0.750   -6.739  12.367  1.00 17.14  ? 337 HOH A O   1 
HETATM 1227 O O   . HOH D 4 .   ? 7.170   -14.782 6.956   1.00 35.43  ? 338 HOH A O   1 
HETATM 1228 O O   . HOH D 4 .   ? 16.892  -6.301  0.114   1.00 29.86  ? 339 HOH A O   1 
HETATM 1229 O O   . HOH D 4 .   ? -3.636  6.639   15.632  1.00 20.30  ? 340 HOH A O   1 
HETATM 1230 O O   . HOH D 4 .   ? -6.996  6.013   17.845  1.00 32.61  ? 341 HOH A O   1 
HETATM 1231 O O   . HOH D 4 .   ? 1.976   8.985   11.017  1.00 17.78  ? 342 HOH A O   1 
HETATM 1232 O O   . HOH D 4 .   ? -2.277  8.547   14.166  1.00 42.00  ? 343 HOH A O   1 
HETATM 1233 O O   . HOH D 4 .   ? -0.239  -10.234 11.058  1.00 26.92  ? 344 HOH A O   1 
HETATM 1234 O O   . HOH D 4 .   ? 15.717  -0.773  -0.438  1.00 40.17  ? 345 HOH A O   1 
HETATM 1235 O O   . HOH D 4 .   ? -5.052  14.056  14.447  1.00 37.33  ? 346 HOH A O   1 
HETATM 1236 O O   . HOH D 4 .   ? -0.315  10.496  10.253  1.00 20.85  ? 347 HOH A O   1 
HETATM 1237 O O   . HOH D 4 .   ? 14.344  -4.943  -1.308  1.00 20.95  ? 348 HOH A O   1 
HETATM 1238 O O   . HOH D 4 .   ? -8.512  2.450   15.199  1.00 33.70  ? 349 HOH A O   1 
HETATM 1239 O O   . HOH D 4 .   ? -8.875  -2.376  15.579  1.00 23.38  ? 350 HOH A O   1 
HETATM 1240 O O   . HOH D 4 .   ? -1.576  -11.770 9.540   1.00 24.51  ? 351 HOH A O   1 
HETATM 1241 O O   . HOH D 4 .   ? 10.088  9.975   2.797   1.00 37.71  ? 352 HOH A O   1 
HETATM 1242 O O   . HOH D 4 .   ? 15.135  -2.494  -2.212  1.00 27.71  ? 353 HOH A O   1 
HETATM 1243 O O   . HOH D 4 .   ? -11.168 3.547   17.171  1.00 35.97  ? 354 HOH A O   1 
HETATM 1244 O O   . HOH D 4 .   ? -10.095 -0.013  16.073  1.00 30.61  ? 355 HOH A O   1 
HETATM 1245 O O   A HOH D 4 .   ? 11.193  8.517   0.930   0.50 20.97  ? 356 HOH A O   1 
HETATM 1246 O O   B HOH D 4 .   ? 11.704  7.434   1.003   0.50 19.44  ? 356 HOH A O   1 
HETATM 1247 O O   . HOH D 4 .   ? 17.171  -2.867  -3.907  1.00 37.02  ? 357 HOH A O   1 
HETATM 1248 O O   . HOH D 4 .   ? 8.976   4.274   2.120   1.00 21.06  ? 358 HOH A O   1 
HETATM 1249 O O   . HOH D 4 .   ? -3.326  14.285  11.559  1.00 27.84  ? 359 HOH A O   1 
HETATM 1250 O O   . HOH D 4 .   ? 11.532  13.915  1.090   1.00 32.23  ? 360 HOH A O   1 
HETATM 1251 O O   . HOH D 4 .   ? 0.747   14.931  8.433   1.00 40.82  ? 361 HOH A O   1 
HETATM 1252 O O   . HOH D 4 .   ? 9.388   6.595   1.903   1.00 31.36  ? 362 HOH A O   1 
HETATM 1253 O O   . HOH D 4 .   ? -7.229  13.806  13.265  1.00 33.62  ? 363 HOH A O   1 
HETATM 1254 O O   . HOH D 4 .   ? -3.572  -7.529  9.941   1.00 26.12  ? 364 HOH A O   1 
HETATM 1255 O O   . HOH D 4 .   ? 13.238  1.119   -1.841  1.00 26.40  ? 365 HOH A O   1 
HETATM 1256 O O   . HOH D 4 .   ? 11.844  -6.909  -1.608  1.00 12.96  ? 366 HOH A O   1 
HETATM 1257 O O   . HOH D 4 .   ? -11.931 6.439   16.051  1.00 22.11  ? 367 HOH A O   1 
HETATM 1258 O O   . HOH D 4 .   ? 7.786   -16.919 0.906   1.00 36.17  ? 368 HOH A O   1 
HETATM 1259 O O   . HOH D 4 .   ? -0.648  -11.819 6.895   1.00 26.57  ? 369 HOH A O   1 
HETATM 1260 O O   . HOH D 4 .   ? -12.208 -3.247  14.866  1.00 17.42  ? 370 HOH A O   1 
HETATM 1261 O O   . HOH D 4 .   ? -0.196  -14.264 5.756   1.00 21.37  ? 371 HOH A O   1 
HETATM 1262 O O   . HOH D 4 .   ? 10.066  12.021  -0.991  1.00 30.32  ? 372 HOH A O   1 
HETATM 1263 O O   . HOH D 4 .   ? 17.618  1.843   -6.904  1.00 45.77  ? 373 HOH A O   1 
HETATM 1264 O O   . HOH D 4 .   ? 1.098   12.881  5.695   1.00 28.21  ? 374 HOH A O   1 
HETATM 1265 O O   . HOH D 4 .   ? 7.719   16.473  1.348   1.00 36.69  ? 375 HOH A O   1 
HETATM 1266 O O   . HOH D 4 .   ? -1.422  -15.848 4.721   1.00 41.25  ? 376 HOH A O   1 
HETATM 1267 O O   . HOH D 4 .   ? -2.787  6.180   7.082   1.00 12.72  ? 377 HOH A O   1 
HETATM 1268 O O   . HOH D 4 .   ? -2.611  -0.686  6.715   1.00 11.12  ? 378 HOH A O   1 
HETATM 1269 O O   . HOH D 4 .   ? -11.192 2.842   12.422  1.00 24.96  ? 379 HOH A O   1 
HETATM 1270 O O   . HOH D 4 .   ? -10.216 -6.948  11.136  1.00 30.02  ? 380 HOH A O   1 
HETATM 1271 O O   . HOH D 4 .   ? 14.612  5.376   -5.499  1.00 38.04  ? 381 HOH A O   1 
HETATM 1272 O O   . HOH D 4 .   ? -8.149  11.966  10.870  1.00 16.19  ? 382 HOH A O   1 
HETATM 1273 O O   . HOH D 4 .   ? 9.744   15.722  -2.473  1.00 32.94  ? 383 HOH A O   1 
HETATM 1274 O O   . HOH D 4 .   ? 3.576   14.449  1.997   1.00 25.70  ? 384 HOH A O   1 
HETATM 1275 O O   . HOH D 4 .   ? 12.149  6.511   -4.568  1.00 23.47  ? 385 HOH A O   1 
HETATM 1276 O O   . HOH D 4 .   ? -2.803  -14.044 4.559   1.00 32.96  ? 386 HOH A O   1 
HETATM 1277 O O   . HOH D 4 .   ? 8.676   18.024  -1.509  1.00 39.79  ? 387 HOH A O   1 
HETATM 1278 O O   . HOH D 4 .   ? 5.321   16.243  0.175   1.00 29.44  ? 388 HOH A O   1 
HETATM 1279 O O   . HOH D 4 .   ? -10.774 11.560  11.492  1.00 14.69  ? 389 HOH A O   1 
HETATM 1280 O O   . HOH D 4 .   ? 14.952  2.954   -7.529  1.00 33.08  ? 390 HOH A O   1 
HETATM 1281 O O   . HOH D 4 .   ? -1.609  15.758  5.163   1.00 31.59  ? 391 HOH A O   1 
HETATM 1282 O O   . HOH D 4 .   ? -5.358  -6.490  6.116   1.00 17.09  ? 392 HOH A O   1 
HETATM 1283 O O   . HOH D 4 .   ? 1.168   15.238  1.763   1.00 38.46  ? 393 HOH A O   1 
HETATM 1284 O O   . HOH D 4 .   ? -5.361  16.644  5.751   1.00 27.40  ? 394 HOH A O   1 
HETATM 1285 O O   . HOH D 4 .   ? 15.850  0.738   -10.524 1.00 39.87  ? 395 HOH A O   1 
HETATM 1286 O O   . HOH D 4 .   ? -8.439  11.222  6.110   1.00 16.28  ? 396 HOH A O   1 
HETATM 1287 O O   . HOH D 4 .   ? -0.473  -14.306 -1.643  1.00 18.39  ? 397 HOH A O   1 
HETATM 1288 O O   . HOH D 4 .   ? -12.631 -7.301  7.545   1.00 29.41  ? 398 HOH A O   1 
HETATM 1289 O O   . HOH D 4 .   ? -10.265 9.097   6.062   1.00 17.68  ? 399 HOH A O   1 
HETATM 1290 O O   . HOH D 4 .   ? -3.785  15.691  0.962   1.00 28.61  ? 400 HOH A O   1 
HETATM 1291 O O   . HOH D 4 .   ? -13.968 -0.750  6.944   1.00 28.88  ? 401 HOH A O   1 
HETATM 1292 O O   . HOH D 4 .   ? 2.656   -15.784 -5.560  1.00 22.16  ? 402 HOH A O   1 
HETATM 1293 O O   . HOH D 4 .   ? 0.341   -15.655 -3.955  1.00 20.17  ? 403 HOH A O   1 
HETATM 1294 O O   . HOH D 4 .   ? 13.745  -0.243  -12.593 1.00 27.85  ? 404 HOH A O   1 
HETATM 1295 O O   . HOH D 4 .   ? 1.510   -5.429  -4.751  1.00 11.59  ? 405 HOH A O   1 
HETATM 1296 O O   . HOH D 4 .   ? -7.884  -9.589  1.540   1.00 17.77  ? 406 HOH A O   1 
HETATM 1297 O O   . HOH D 4 .   ? 4.015   12.906  -6.354  1.00 40.40  ? 407 HOH A O   1 
HETATM 1298 O O   . HOH D 4 .   ? -14.464 4.746   5.828   1.00 16.01  ? 408 HOH A O   1 
HETATM 1299 O O   . HOH D 4 .   ? 0.936   15.612  -4.735  1.00 20.20  ? 409 HOH A O   1 
HETATM 1300 O O   . HOH D 4 .   ? 12.406  2.300   -14.370 1.00 32.00  ? 410 HOH A O   1 
HETATM 1301 O O   . HOH D 4 .   ? 1.282   -14.560 -7.765  1.00 25.53  ? 411 HOH A O   1 
HETATM 1302 O O   . HOH D 4 .   ? -10.719 -8.897  1.774   1.00 37.88  ? 412 HOH A O   1 
HETATM 1303 O O   . HOH D 4 .   ? 1.462   13.882  -6.578  1.00 26.48  ? 413 HOH A O   1 
HETATM 1304 O O   . HOH D 4 .   ? 5.729   9.467   -10.087 1.00 33.09  ? 414 HOH A O   1 
HETATM 1305 O O   . HOH D 4 .   ? -3.603  7.273   -3.374  1.00 12.36  ? 415 HOH A O   1 
HETATM 1306 O O   . HOH D 4 .   ? 3.981   10.956  -8.807  1.00 35.01  ? 416 HOH A O   1 
HETATM 1307 O O   . HOH D 4 .   ? -8.157  15.672  -0.110  1.00 42.20  ? 417 HOH A O   1 
HETATM 1308 O O   . HOH D 4 .   ? 3.243   -13.232 -10.213 1.00 34.60  ? 418 HOH A O   1 
HETATM 1309 O O   . HOH D 4 .   ? -5.404  16.868  -2.325  1.00 29.63  ? 419 HOH A O   1 
HETATM 1310 O O   . HOH D 4 .   ? -0.380  12.206  -6.449  1.00 21.15  ? 420 HOH A O   1 
HETATM 1311 O O   . HOH D 4 .   ? -9.016  7.968   -1.222  1.00 13.65  ? 421 HOH A O   1 
HETATM 1312 O O   . HOH D 4 .   ? -10.928 9.814   -0.506  1.00 24.51  ? 422 HOH A O   1 
HETATM 1313 O O   . HOH D 4 .   ? -14.999 8.368   2.813   1.00 29.64  ? 423 HOH A O   1 
HETATM 1314 O O   . HOH D 4 .   ? 0.254   15.723  -8.484  1.00 46.31  ? 424 HOH A O   1 
HETATM 1315 O O   . HOH D 4 .   ? 12.104  -2.242  -17.672 1.00 35.43  ? 425 HOH A O   1 
HETATM 1316 O O   . HOH D 4 .   ? -7.966  15.415  -2.226  1.00 39.33  ? 426 HOH A O   1 
HETATM 1317 O O   . HOH D 4 .   ? -16.803 7.146   3.468   1.00 34.92  ? 427 HOH A O   1 
HETATM 1318 O O   . HOH D 4 .   ? 1.567   11.543  -10.363 1.00 33.68  ? 428 HOH A O   1 
HETATM 1319 O O   . HOH D 4 .   ? -13.541 8.788   0.439   1.00 27.75  ? 429 HOH A O   1 
HETATM 1320 O O   . HOH D 4 .   ? 8.870   4.503   -15.028 1.00 26.59  ? 430 HOH A O   1 
HETATM 1321 O O   . HOH D 4 .   ? -1.118  -11.879 -9.917  1.00 26.16  ? 431 HOH A O   1 
HETATM 1322 O O   . HOH D 4 .   ? 3.762   6.987   -12.421 1.00 31.26  ? 432 HOH A O   1 
HETATM 1323 O O   . HOH D 4 .   ? -10.166 11.843  -2.633  1.00 24.44  ? 433 HOH A O   1 
HETATM 1324 O O   . HOH D 4 .   ? -12.888 -7.407  -1.973  1.00 27.47  ? 434 HOH A O   1 
HETATM 1325 O O   . HOH D 4 .   ? -0.944  11.596  -9.235  1.00 22.11  ? 435 HOH A O   1 
HETATM 1326 O O   . HOH D 4 .   ? 6.484   3.290   -15.371 1.00 28.64  ? 436 HOH A O   1 
HETATM 1327 O O   . HOH D 4 .   ? -2.655  -9.520  -9.837  1.00 19.97  ? 437 HOH A O   1 
HETATM 1328 O O   . HOH D 4 .   ? -7.175  -18.383 -7.603  1.00 43.82  ? 438 HOH A O   1 
HETATM 1329 O O   . HOH D 4 .   ? -4.124  13.831  -8.442  1.00 23.76  ? 439 HOH A O   1 
HETATM 1330 O O   . HOH D 4 .   ? 4.747   5.741   -15.102 1.00 31.56  ? 440 HOH A O   1 
HETATM 1331 O O   . HOH D 4 .   ? 0.991   6.844   -12.465 1.00 25.72  ? 441 HOH A O   1 
HETATM 1332 O O   . HOH D 4 .   ? 9.832   -2.369  -19.137 1.00 39.16  ? 442 HOH A O   1 
HETATM 1333 O O   . HOH D 4 .   ? -9.649  10.288  -4.813  1.00 16.01  ? 443 HOH A O   1 
HETATM 1334 O O   . HOH D 4 .   ? -18.731 3.288   1.223   1.00 38.48  ? 444 HOH A O   1 
HETATM 1335 O O   . HOH D 4 .   ? -6.987  -15.369 -8.163  1.00 34.57  ? 445 HOH A O   1 
HETATM 1336 O O   . HOH D 4 .   ? -2.248  9.334   -10.178 1.00 18.50  ? 446 HOH A O   1 
HETATM 1337 O O   . HOH D 4 .   ? -1.315  6.949   -11.017 1.00 16.21  ? 447 HOH A O   1 
HETATM 1338 O O   . HOH D 4 .   ? 5.845   -1.279  -16.925 1.00 19.03  ? 448 HOH A O   1 
HETATM 1339 O O   . HOH D 4 .   ? -15.039 7.794   -1.497  1.00 32.63  ? 449 HOH A O   1 
HETATM 1340 O O   . HOH D 4 .   ? -12.342 12.842  -3.863  1.00 31.34  ? 450 HOH A O   1 
HETATM 1341 O O   . HOH D 4 .   ? 1.242   -7.468  -14.641 1.00 38.27  ? 451 HOH A O   1 
HETATM 1342 O O   . HOH D 4 .   ? -2.704  -8.561  -12.323 1.00 31.35  ? 452 HOH A O   1 
HETATM 1343 O O   . HOH D 4 .   ? 5.241   1.953   -17.607 1.00 28.80  ? 453 HOH A O   1 
HETATM 1344 O O   . HOH D 4 .   ? -5.181  10.877  -9.453  1.00 27.04  ? 454 HOH A O   1 
HETATM 1345 O O   . HOH D 4 .   ? 8.422   -4.323  -20.376 1.00 35.96  ? 455 HOH A O   1 
HETATM 1346 O O   . HOH D 4 .   ? 2.715   5.806   -16.512 1.00 33.88  ? 456 HOH A O   1 
HETATM 1347 O O   . HOH D 4 .   ? 0.437   5.341   -14.668 1.00 23.25  ? 457 HOH A O   1 
HETATM 1348 O O   . HOH D 4 .   ? -9.342  11.645  -7.169  1.00 18.49  ? 458 HOH A O   1 
HETATM 1349 O O   . HOH D 4 .   ? -6.560  -11.934 -10.748 1.00 27.92  ? 459 HOH A O   1 
HETATM 1350 O O   . HOH D 4 .   ? -7.511  11.439  -9.062  1.00 32.08  ? 460 HOH A O   1 
HETATM 1351 O O   . HOH D 4 .   ? -1.300  -3.793  -14.485 1.00 40.33  ? 461 HOH A O   1 
HETATM 1352 O O   . HOH D 4 .   ? -4.650  11.811  -11.891 1.00 40.71  ? 462 HOH A O   1 
HETATM 1353 O O   . HOH D 4 .   ? -3.911  9.743   -12.298 1.00 30.39  ? 463 HOH A O   1 
HETATM 1354 O O   . HOH D 4 .   ? -2.292  6.604   -13.544 1.00 23.54  ? 464 HOH A O   1 
HETATM 1355 O O   . HOH D 4 .   ? -3.191  -2.843  -14.207 1.00 25.02  ? 465 HOH A O   1 
HETATM 1356 O O   . HOH D 4 .   ? 5.570   -4.854  -20.962 1.00 47.03  ? 466 HOH A O   1 
HETATM 1357 O O   . HOH D 4 .   ? -16.130 8.831   -4.951  1.00 34.16  ? 467 HOH A O   1 
HETATM 1358 O O   . HOH D 4 .   ? -17.180 6.508   -3.003  1.00 38.58  ? 468 HOH A O   1 
HETATM 1359 O O   . HOH D 4 .   ? -13.712 10.759  -6.829  1.00 31.13  ? 469 HOH A O   1 
HETATM 1360 O O   . HOH D 4 .   ? -5.036  6.016   -13.980 1.00 24.54  ? 470 HOH A O   1 
HETATM 1361 O O   . HOH D 4 .   ? -2.418  -1.501  -16.086 1.00 32.50  ? 471 HOH A O   1 
HETATM 1362 O O   . HOH D 4 .   ? -6.814  3.895   -14.638 1.00 24.08  ? 472 HOH A O   1 
HETATM 1363 O O   . HOH D 4 .   ? -10.449 1.562   -15.032 1.00 24.59  ? 473 HOH A O   1 
HETATM 1364 O O   . HOH D 4 .   ? -7.702  4.560   -17.303 1.00 31.92  ? 474 HOH A O   1 
HETATM 1365 O O   . HOH D 4 .   ? -11.216 2.836   -17.319 1.00 35.12  ? 475 HOH A O   1 
HETATM 1366 O O   . HOH D 4 .   ? -8.243  -1.701  -10.066 1.00 24.55  ? 476 HOH A O   1 
HETATM 1367 O O   . HOH D 4 .   ? -9.729  -2.707  -9.112  1.00 28.09  ? 477 HOH A O   1 
HETATM 1368 O O   A HOH D 4 .   ? 7.403   -15.917 -1.577  0.50 18.17  ? 478 HOH A O   1 
HETATM 1369 O O   B HOH D 4 .   ? 8.609   -15.470 -2.163  0.50 19.79  ? 478 HOH A O   1 
HETATM 1370 O O   . HOH D 4 .   ? 2.145   -10.889 -10.788 1.00 27.27  ? 479 HOH A O   1 
HETATM 1371 O O   . HOH D 4 .   ? 7.135   12.314  -10.425 1.00 35.10  ? 480 HOH A O   1 
HETATM 1372 O O   . HOH D 4 .   ? 4.967   14.415  -3.841  0.50 23.29  ? 481 HOH A O   1 
HETATM 1373 O O   . HOH D 4 .   ? -15.823 -3.823  3.176   1.00 44.76  ? 482 HOH A O   1 
HETATM 1374 O O   . HOH D 4 .   ? 19.270  -9.242  -1.968  1.00 33.13  ? 483 HOH A O   1 
HETATM 1375 O O   . HOH D 4 .   ? -0.877  -16.675 -0.438  0.50 17.89  ? 484 HOH A O   1 
HETATM 1376 O O   . HOH D 4 .   ? -3.864  20.804  -2.075  1.00 31.38  ? 485 HOH A O   1 
HETATM 1377 O O   . HOH D 4 .   ? 8.443   12.813  -2.221  0.50 29.42  ? 486 HOH A O   1 
# 
loop_
_pdbx_poly_seq_scheme.asym_id 
_pdbx_poly_seq_scheme.entity_id 
_pdbx_poly_seq_scheme.seq_id 
_pdbx_poly_seq_scheme.mon_id 
_pdbx_poly_seq_scheme.ndb_seq_num 
_pdbx_poly_seq_scheme.pdb_seq_num 
_pdbx_poly_seq_scheme.auth_seq_num 
_pdbx_poly_seq_scheme.pdb_mon_id 
_pdbx_poly_seq_scheme.auth_mon_id 
_pdbx_poly_seq_scheme.pdb_strand_id 
_pdbx_poly_seq_scheme.pdb_ins_code 
_pdbx_poly_seq_scheme.hetero 
A 1 1   SER 1   1   ?   ?   ?   A . n 
A 1 2   THR 2   2   2   THR THR A . n 
A 1 3   GLN 3   3   3   GLN GLN A . n 
A 1 4   VAL 4   4   4   VAL VAL A . n 
A 1 5   SER 5   5   5   SER SER A . n 
A 1 6   SER 6   6   6   SER SER A . n 
A 1 7   GLY 7   7   7   GLY GLY A . n 
A 1 8   GLN 8   8   8   GLN GLN A . n 
A 1 9   THR 9   9   9   THR THR A . n 
A 1 10  TYR 10  10  10  TYR TYR A . n 
A 1 11  LYS 11  11  11  LYS LYS A . n 
A 1 12  ILE 12  12  12  ILE ILE A . n 
A 1 13  THR 13  13  13  THR THR A . n 
A 1 14  ASN 14  14  14  ASN ASN A . n 
A 1 15  VAL 15  15  15  VAL VAL A . n 
A 1 16  LYS 16  16  16  LYS LYS A . n 
A 1 17  ALA 17  17  17  ALA ALA A . n 
A 1 18  GLY 18  18  18  GLY GLY A . n 
A 1 19  THR 19  19  19  THR THR A . n 
A 1 20  VAL 20  20  20  VAL VAL A . n 
A 1 21  ILE 21  21  21  ILE ILE A . n 
A 1 22  ASP 22  22  22  ASP ASP A . n 
A 1 23  LEU 23  23  23  LEU LEU A . n 
A 1 24  SER 24  24  24  SER SER A . n 
A 1 25  GLY 25  25  25  GLY GLY A . n 
A 1 26  GLU 26  26  26  GLU GLU A . n 
A 1 27  ASP 27  27  27  ASP ASP A . n 
A 1 28  ASN 28  28  28  ASN ASN A . n 
A 1 29  LYS 29  29  29  LYS LYS A . n 
A 1 30  SER 30  30  30  SER SER A . n 
A 1 31  ILE 31  31  31  ILE ILE A . n 
A 1 32  ILE 32  32  32  ILE ILE A . n 
A 1 33  GLY 33  33  33  GLY GLY A . n 
A 1 34  TYR 34  34  34  TYR TYR A . n 
A 1 35  PRO 35  35  35  PRO PRO A . n 
A 1 36  TYR 36  36  36  TYR TYR A . n 
A 1 37  HIS 37  37  37  HIS HIS A . n 
A 1 38  SER 38  38  38  SER SER A . n 
A 1 39  GLY 39  39  39  GLY GLY A . n 
A 1 40  LYS 40  40  40  LYS LYS A . n 
A 1 41  ASN 41  41  41  ASN ASN A . n 
A 1 42  GLN 42  42  42  GLN GLN A . n 
A 1 43  GLN 43  43  43  GLN GLN A . n 
A 1 44  TRP 44  44  44  TRP TRP A . n 
A 1 45  THR 45  45  45  THR THR A . n 
A 1 46  PHE 46  46  46  PHE PHE A . n 
A 1 47  ASN 47  47  47  ASN ASN A . n 
A 1 48  TRP 48  48  48  TRP TRP A . n 
A 1 49  THR 49  49  49  THR THR A . n 
A 1 50  GLY 50  50  50  GLY GLY A . n 
A 1 51  LYS 51  51  51  LYS LYS A . n 
A 1 52  ALA 52  52  52  ALA ALA A . n 
A 1 53  TRP 53  53  53  TRP TRP A . n 
A 1 54  THR 54  54  54  THR THR A . n 
A 1 55  LEU 55  55  55  LEU LEU A . n 
A 1 56  ARG 56  56  56  ARG ARG A . n 
A 1 57  SER 57  57  57  SER SER A . n 
A 1 58  ALA 58  58  58  ALA ALA A . n 
A 1 59  SER 59  59  59  SER SER A . n 
A 1 60  SER 60  60  60  SER SER A . n 
A 1 61  GLY 61  61  61  GLY GLY A . n 
A 1 62  SER 62  62  62  SER SER A . n 
A 1 63  TYR 63  63  63  TYR TYR A . n 
A 1 64  LEU 64  64  64  LEU LEU A . n 
A 1 65  GLY 65  65  65  GLY GLY A . n 
A 1 66  ILE 66  66  66  ILE ILE A . n 
A 1 67  GLU 67  67  67  GLU GLU A . n 
A 1 68  GLY 68  68  68  GLY GLY A . n 
A 1 69  THR 69  69  69  THR THR A . n 
A 1 70  PRO 70  70  70  PRO PRO A . n 
A 1 71  ALA 71  71  71  ALA ALA A . n 
A 1 72  ASP 72  72  72  ASP ASP A . n 
A 1 73  GLY 73  73  73  GLY GLY A . n 
A 1 74  THR 74  74  74  THR THR A . n 
A 1 75  ARG 75  75  75  ARG ARG A . n 
A 1 76  LEU 76  76  76  LEU LEU A . n 
A 1 77  VAL 77  77  77  VAL VAL A . n 
A 1 78  ALA 78  78  78  ALA ALA A . n 
A 1 79  VAL 79  79  79  VAL VAL A . n 
A 1 80  ASN 80  80  80  ASN ASN A . n 
A 1 81  ASP 81  81  81  ASP ASP A . n 
A 1 82  PRO 82  82  82  PRO PRO A . n 
A 1 83  PHE 83  83  83  PHE PHE A . n 
A 1 84  GLU 84  84  84  GLU GLU A . n 
A 1 85  TRP 85  85  85  TRP TRP A . n 
A 1 86  HIS 86  86  86  HIS HIS A . n 
A 1 87  ILE 87  87  87  ILE ILE A . n 
A 1 88  TRP 88  88  88  TRP TRP A . n 
A 1 89  ARG 89  89  89  ARG ARG A . n 
A 1 90  ASP 90  90  90  ASP ASP A . n 
A 1 91  GLU 91  91  91  GLU GLU A . n 
A 1 92  ALA 92  92  92  ALA ALA A . n 
A 1 93  ASN 93  93  93  ASN ASN A . n 
A 1 94  GLU 94  94  94  GLU GLU A . n 
A 1 95  ASN 95  95  95  ASN ASN A . n 
A 1 96  ALA 96  96  96  ALA ALA A . n 
A 1 97  PHE 97  97  97  PHE PHE A . n 
A 1 98  ARG 98  98  98  ARG ARG A . n 
A 1 99  ILE 99  99  99  ILE ILE A . n 
A 1 100 PHE 100 100 100 PHE PHE A . n 
A 1 101 VAL 101 101 101 VAL VAL A . n 
A 1 102 PRO 102 102 102 PRO PRO A . n 
A 1 103 PHE 103 103 103 PHE PHE A . n 
A 1 104 THR 104 104 104 THR THR A . n 
A 1 105 ASN 105 105 105 ASN ASN A . n 
A 1 106 TYR 106 106 106 TYR TYR A . n 
A 1 107 ASN 107 107 107 ASN ASN A . n 
A 1 108 LEU 108 108 108 LEU LEU A . n 
A 1 109 ASP 109 109 109 ASP ASP A . n 
A 1 110 LEU 110 110 110 LEU LEU A . n 
A 1 111 SER 111 111 111 SER SER A . n 
A 1 112 GLY 112 112 112 GLY GLY A . n 
A 1 113 TYR 113 113 113 TYR TYR A . n 
A 1 114 GLY 114 114 114 GLY GLY A . n 
A 1 115 ASP 115 115 115 ASP ASP A . n 
A 1 116 THR 116 116 116 THR THR A . n 
A 1 117 THR 117 117 117 THR THR A . n 
A 1 118 PRO 118 118 118 PRO PRO A . n 
A 1 119 GLY 119 119 119 GLY GLY A . n 
A 1 120 THR 120 120 120 THR THR A . n 
A 1 121 PRO 121 121 121 PRO PRO A . n 
A 1 122 VAL 122 122 122 VAL VAL A . n 
A 1 123 GLN 123 123 123 GLN GLN A . n 
A 1 124 LEU 124 124 124 LEU LEU A . n 
A 1 125 TRP 125 125 125 TRP TRP A . n 
A 1 126 TRP 126 126 126 TRP TRP A . n 
A 1 127 THR 127 127 127 THR THR A . n 
A 1 128 TRP 128 128 128 TRP TRP A . n 
A 1 129 GLU 129 129 129 GLU GLU A . n 
A 1 130 GLY 130 130 130 GLY GLY A . n 
A 1 131 LEU 131 131 131 LEU LEU A . n 
A 1 132 HIS 132 132 132 HIS HIS A . n 
A 1 133 GLN 133 133 133 GLN GLN A . n 
A 1 134 THR 134 134 134 THR THR A . n 
A 1 135 TRP 135 135 135 TRP TRP A . n 
A 1 136 THR 136 136 136 THR THR A . n 
A 1 137 ILE 137 137 137 ILE ILE A . n 
A 1 138 ASP 138 138 138 ASP ASP A . n 
A 1 139 ARG 139 139 139 ARG ARG A . n 
A 1 140 PRO 140 140 140 PRO PRO A . n 
# 
loop_
_pdbx_nonpoly_scheme.asym_id 
_pdbx_nonpoly_scheme.entity_id 
_pdbx_nonpoly_scheme.mon_id 
_pdbx_nonpoly_scheme.ndb_seq_num 
_pdbx_nonpoly_scheme.pdb_seq_num 
_pdbx_nonpoly_scheme.auth_seq_num 
_pdbx_nonpoly_scheme.pdb_mon_id 
_pdbx_nonpoly_scheme.auth_mon_id 
_pdbx_nonpoly_scheme.pdb_strand_id 
_pdbx_nonpoly_scheme.pdb_ins_code 
C 3 BEN 1   203 1   BEN UNL A . 
D 4 HOH 1   301 11  HOH HOH A . 
D 4 HOH 2   302 17  HOH HOH A . 
D 4 HOH 3   303 18  HOH HOH A . 
D 4 HOH 4   304 19  HOH HOH A . 
D 4 HOH 5   305 22  HOH HOH A . 
D 4 HOH 6   306 24  HOH HOH A . 
D 4 HOH 7   307 26  HOH HOH A . 
D 4 HOH 8   308 27  HOH HOH A . 
D 4 HOH 9   309 31  HOH HOH A . 
D 4 HOH 10  310 32  HOH HOH A . 
D 4 HOH 11  311 36  HOH HOH A . 
D 4 HOH 12  312 39  HOH HOH A . 
D 4 HOH 13  313 40  HOH HOH A . 
D 4 HOH 14  314 41  HOH HOH A . 
D 4 HOH 15  315 43  HOH HOH A . 
D 4 HOH 16  316 44  HOH HOH A . 
D 4 HOH 17  317 45  HOH HOH A . 
D 4 HOH 18  318 47  HOH HOH A . 
D 4 HOH 19  319 49  HOH HOH A . 
D 4 HOH 20  320 52  HOH HOH A . 
D 4 HOH 21  321 55  HOH HOH A . 
D 4 HOH 22  322 57  HOH HOH A . 
D 4 HOH 23  323 60  HOH HOH A . 
D 4 HOH 24  324 61  HOH HOH A . 
D 4 HOH 25  325 65  HOH HOH A . 
D 4 HOH 26  326 67  HOH HOH A . 
D 4 HOH 27  327 68  HOH HOH A . 
D 4 HOH 28  328 70  HOH HOH A . 
D 4 HOH 29  329 71  HOH HOH A . 
D 4 HOH 30  330 72  HOH HOH A . 
D 4 HOH 31  331 73  HOH HOH A . 
D 4 HOH 32  332 74  HOH HOH A . 
D 4 HOH 33  333 75  HOH HOH A . 
D 4 HOH 34  334 76  HOH HOH A . 
D 4 HOH 35  335 77  HOH HOH A . 
D 4 HOH 36  336 78  HOH HOH A . 
D 4 HOH 37  337 79  HOH HOH A . 
D 4 HOH 38  338 81  HOH HOH A . 
D 4 HOH 39  339 82  HOH HOH A . 
D 4 HOH 40  340 83  HOH HOH A . 
D 4 HOH 41  341 84  HOH HOH A . 
D 4 HOH 42  342 88  HOH HOH A . 
D 4 HOH 43  343 90  HOH HOH A . 
D 4 HOH 44  344 91  HOH HOH A . 
D 4 HOH 45  345 98  HOH HOH A . 
D 4 HOH 46  346 99  HOH HOH A . 
D 4 HOH 47  347 100 HOH HOH A . 
D 4 HOH 48  348 101 HOH HOH A . 
D 4 HOH 49  349 102 HOH HOH A . 
D 4 HOH 50  350 103 HOH HOH A . 
D 4 HOH 51  351 104 HOH HOH A . 
D 4 HOH 52  352 105 HOH HOH A . 
D 4 HOH 53  353 106 HOH HOH A . 
D 4 HOH 54  354 108 HOH HOH A . 
D 4 HOH 55  355 109 HOH HOH A . 
D 4 HOH 56  356 111 HOH HOH A . 
D 4 HOH 57  357 112 HOH HOH A . 
D 4 HOH 58  358 113 HOH HOH A . 
D 4 HOH 59  359 114 HOH HOH A . 
D 4 HOH 60  360 115 HOH HOH A . 
D 4 HOH 61  361 116 HOH HOH A . 
D 4 HOH 62  362 117 HOH HOH A . 
D 4 HOH 63  363 118 HOH HOH A . 
D 4 HOH 64  364 119 HOH HOH A . 
D 4 HOH 65  365 120 HOH HOH A . 
D 4 HOH 66  366 122 HOH HOH A . 
D 4 HOH 67  367 123 HOH HOH A . 
D 4 HOH 68  368 124 HOH HOH A . 
D 4 HOH 69  369 125 HOH HOH A . 
D 4 HOH 70  370 127 HOH HOH A . 
D 4 HOH 71  371 129 HOH HOH A . 
D 4 HOH 72  372 131 HOH HOH A . 
D 4 HOH 73  373 132 HOH HOH A . 
D 4 HOH 74  374 133 HOH HOH A . 
D 4 HOH 75  375 134 HOH HOH A . 
D 4 HOH 76  376 138 HOH HOH A . 
D 4 HOH 77  377 139 HOH HOH A . 
D 4 HOH 78  378 140 HOH HOH A . 
D 4 HOH 79  379 141 HOH HOH A . 
D 4 HOH 80  380 143 HOH HOH A . 
D 4 HOH 81  381 144 HOH HOH A . 
D 4 HOH 82  382 145 HOH HOH A . 
D 4 HOH 83  383 148 HOH HOH A . 
D 4 HOH 84  384 151 HOH HOH A . 
D 4 HOH 85  385 152 HOH HOH A . 
D 4 HOH 86  386 153 HOH HOH A . 
D 4 HOH 87  387 155 HOH HOH A . 
D 4 HOH 88  388 156 HOH HOH A . 
D 4 HOH 89  389 157 HOH HOH A . 
D 4 HOH 90  390 159 HOH HOH A . 
D 4 HOH 91  391 160 HOH HOH A . 
D 4 HOH 92  392 161 HOH HOH A . 
D 4 HOH 93  393 162 HOH HOH A . 
D 4 HOH 94  394 163 HOH HOH A . 
D 4 HOH 95  395 164 HOH HOH A . 
D 4 HOH 96  396 165 HOH HOH A . 
D 4 HOH 97  397 168 HOH HOH A . 
D 4 HOH 98  398 170 HOH HOH A . 
D 4 HOH 99  399 171 HOH HOH A . 
D 4 HOH 100 400 173 HOH HOH A . 
D 4 HOH 101 401 174 HOH HOH A . 
D 4 HOH 102 402 175 HOH HOH A . 
D 4 HOH 103 403 176 HOH HOH A . 
D 4 HOH 104 404 177 HOH HOH A . 
D 4 HOH 105 405 178 HOH HOH A . 
D 4 HOH 106 406 179 HOH HOH A . 
D 4 HOH 107 407 180 HOH HOH A . 
D 4 HOH 108 408 181 HOH HOH A . 
D 4 HOH 109 409 183 HOH HOH A . 
D 4 HOH 110 410 185 HOH HOH A . 
D 4 HOH 111 411 186 HOH HOH A . 
D 4 HOH 112 412 188 HOH HOH A . 
D 4 HOH 113 413 190 HOH HOH A . 
D 4 HOH 114 414 191 HOH HOH A . 
D 4 HOH 115 415 192 HOH HOH A . 
D 4 HOH 116 416 193 HOH HOH A . 
D 4 HOH 117 417 195 HOH HOH A . 
D 4 HOH 118 418 196 HOH HOH A . 
D 4 HOH 119 419 199 HOH HOH A . 
D 4 HOH 120 420 200 HOH HOH A . 
D 4 HOH 121 421 201 HOH HOH A . 
D 4 HOH 122 422 204 HOH HOH A . 
D 4 HOH 123 423 205 HOH HOH A . 
D 4 HOH 124 424 207 HOH HOH A . 
D 4 HOH 125 425 209 HOH HOH A . 
D 4 HOH 126 426 210 HOH HOH A . 
D 4 HOH 127 427 211 HOH HOH A . 
D 4 HOH 128 428 213 HOH HOH A . 
D 4 HOH 129 429 214 HOH HOH A . 
D 4 HOH 130 430 218 HOH HOH A . 
D 4 HOH 131 431 219 HOH HOH A . 
D 4 HOH 132 432 220 HOH HOH A . 
D 4 HOH 133 433 221 HOH HOH A . 
D 4 HOH 134 434 222 HOH HOH A . 
D 4 HOH 135 435 224 HOH HOH A . 
D 4 HOH 136 436 225 HOH HOH A . 
D 4 HOH 137 437 227 HOH HOH A . 
D 4 HOH 138 438 228 HOH HOH A . 
D 4 HOH 139 439 230 HOH HOH A . 
D 4 HOH 140 440 231 HOH HOH A . 
D 4 HOH 141 441 232 HOH HOH A . 
D 4 HOH 142 442 233 HOH HOH A . 
D 4 HOH 143 443 234 HOH HOH A . 
D 4 HOH 144 444 235 HOH HOH A . 
D 4 HOH 145 445 236 HOH HOH A . 
D 4 HOH 146 446 237 HOH HOH A . 
D 4 HOH 147 447 238 HOH HOH A . 
D 4 HOH 148 448 239 HOH HOH A . 
D 4 HOH 149 449 240 HOH HOH A . 
D 4 HOH 150 450 242 HOH HOH A . 
D 4 HOH 151 451 245 HOH HOH A . 
D 4 HOH 152 452 248 HOH HOH A . 
D 4 HOH 153 453 251 HOH HOH A . 
D 4 HOH 154 454 252 HOH HOH A . 
D 4 HOH 155 455 253 HOH HOH A . 
D 4 HOH 156 456 254 HOH HOH A . 
D 4 HOH 157 457 255 HOH HOH A . 
D 4 HOH 158 458 256 HOH HOH A . 
D 4 HOH 159 459 257 HOH HOH A . 
D 4 HOH 160 460 259 HOH HOH A . 
D 4 HOH 161 461 260 HOH HOH A . 
D 4 HOH 162 462 262 HOH HOH A . 
D 4 HOH 163 463 263 HOH HOH A . 
D 4 HOH 164 464 264 HOH HOH A . 
D 4 HOH 165 465 266 HOH HOH A . 
D 4 HOH 166 466 267 HOH HOH A . 
D 4 HOH 167 467 271 HOH HOH A . 
D 4 HOH 168 468 272 HOH HOH A . 
D 4 HOH 169 469 274 HOH HOH A . 
D 4 HOH 170 470 275 HOH HOH A . 
D 4 HOH 171 471 276 HOH HOH A . 
D 4 HOH 172 472 278 HOH HOH A . 
D 4 HOH 173 473 279 HOH HOH A . 
D 4 HOH 174 474 280 HOH HOH A . 
D 4 HOH 175 475 281 HOH HOH A . 
D 4 HOH 176 476 1   HOH HOH A . 
D 4 HOH 177 477 2   HOH HOH A . 
D 4 HOH 178 478 4   HOH HOH A . 
D 4 HOH 179 479 5   HOH HOH A . 
D 4 HOH 180 480 7   HOH HOH A . 
D 4 HOH 181 481 11  HOH HOH A . 
D 4 HOH 182 482 12  HOH HOH A . 
D 4 HOH 183 483 15  HOH HOH A . 
D 4 HOH 184 484 16  HOH HOH A . 
D 4 HOH 185 485 17  HOH HOH A . 
D 4 HOH 186 486 18  HOH HOH A . 
# 
_pdbx_struct_assembly.id                   1 
_pdbx_struct_assembly.details              author_and_software_defined_assembly 
_pdbx_struct_assembly.method_details       PISA 
_pdbx_struct_assembly.oligomeric_details   monomeric 
_pdbx_struct_assembly.oligomeric_count     1 
# 
_pdbx_struct_assembly_gen.assembly_id       1 
_pdbx_struct_assembly_gen.oper_expression   1 
_pdbx_struct_assembly_gen.asym_id_list      A,B,C,D 
# 
_pdbx_struct_oper_list.id                   1 
_pdbx_struct_oper_list.type                 'identity operation' 
_pdbx_struct_oper_list.name                 1_555 
_pdbx_struct_oper_list.symmetry_operation   x,y,z 
_pdbx_struct_oper_list.matrix[1][1]         1.0000000000 
_pdbx_struct_oper_list.matrix[1][2]         0.0000000000 
_pdbx_struct_oper_list.matrix[1][3]         0.0000000000 
_pdbx_struct_oper_list.vector[1]            0.0000000000 
_pdbx_struct_oper_list.matrix[2][1]         0.0000000000 
_pdbx_struct_oper_list.matrix[2][2]         1.0000000000 
_pdbx_struct_oper_list.matrix[2][3]         0.0000000000 
_pdbx_struct_oper_list.vector[2]            0.0000000000 
_pdbx_struct_oper_list.matrix[3][1]         0.0000000000 
_pdbx_struct_oper_list.matrix[3][2]         0.0000000000 
_pdbx_struct_oper_list.matrix[3][3]         1.0000000000 
_pdbx_struct_oper_list.vector[3]            0.0000000000 
# 
loop_
_pdbx_audit_revision_history.ordinal 
_pdbx_audit_revision_history.data_content_type 
_pdbx_audit_revision_history.major_revision 
_pdbx_audit_revision_history.minor_revision 
_pdbx_audit_revision_history.revision_date 
1 'Structure model' 1 0 2013-11-20 
2 'Structure model' 2 0 2020-07-29 
3 'Structure model' 3 0 2021-08-04 
4 'Structure model' 3 1 2023-09-20 
# 
loop_
_pdbx_audit_revision_details.ordinal 
_pdbx_audit_revision_details.revision_ordinal 
_pdbx_audit_revision_details.data_content_type 
_pdbx_audit_revision_details.provider 
_pdbx_audit_revision_details.type 
_pdbx_audit_revision_details.description 
_pdbx_audit_revision_details.details 
1 1 'Structure model' repository 'Initial release' ?                          ? 
2 2 'Structure model' repository Remediation       'Carbohydrate remediation' ? 
# 
loop_
_pdbx_audit_revision_group.ordinal 
_pdbx_audit_revision_group.revision_ordinal 
_pdbx_audit_revision_group.data_content_type 
_pdbx_audit_revision_group.group 
1  2 'Structure model' 'Atomic model'            
2  2 'Structure model' 'Data collection'         
3  2 'Structure model' 'Derived calculations'    
4  2 'Structure model' 'Structure summary'       
5  3 'Structure model' 'Atomic model'            
6  3 'Structure model' 'Data collection'         
7  3 'Structure model' 'Derived calculations'    
8  3 'Structure model' 'Non-polymer description' 
9  3 'Structure model' 'Structure summary'       
10 4 'Structure model' 'Data collection'         
11 4 'Structure model' 'Database references'     
12 4 'Structure model' 'Refinement description'  
# 
loop_
_pdbx_audit_revision_category.ordinal 
_pdbx_audit_revision_category.revision_ordinal 
_pdbx_audit_revision_category.data_content_type 
_pdbx_audit_revision_category.category 
1  2 'Structure model' atom_site                     
2  2 'Structure model' chem_comp                     
3  2 'Structure model' entity                        
4  2 'Structure model' pdbx_branch_scheme            
5  2 'Structure model' pdbx_chem_comp_identifier     
6  2 'Structure model' pdbx_entity_branch            
7  2 'Structure model' pdbx_entity_branch_descriptor 
8  2 'Structure model' pdbx_entity_branch_link       
9  2 'Structure model' pdbx_entity_branch_list       
10 2 'Structure model' pdbx_entity_nonpoly           
11 2 'Structure model' pdbx_nonpoly_scheme           
12 2 'Structure model' pdbx_struct_assembly_gen      
13 2 'Structure model' struct_asym                   
14 2 'Structure model' struct_conn                   
15 2 'Structure model' struct_site                   
16 2 'Structure model' struct_site_gen               
17 3 'Structure model' atom_site                     
18 3 'Structure model' chem_comp                     
19 3 'Structure model' entity                        
20 3 'Structure model' pdbx_entity_nonpoly           
21 3 'Structure model' pdbx_nonpoly_scheme           
22 4 'Structure model' chem_comp_atom                
23 4 'Structure model' chem_comp_bond                
24 4 'Structure model' database_2                    
25 4 'Structure model' pdbx_initial_refinement_model 
# 
loop_
_pdbx_audit_revision_item.ordinal 
_pdbx_audit_revision_item.revision_ordinal 
_pdbx_audit_revision_item.data_content_type 
_pdbx_audit_revision_item.item 
1  2 'Structure model' '_atom_site.auth_asym_id'                
2  2 'Structure model' '_atom_site.auth_seq_id'                 
3  2 'Structure model' '_atom_site.label_asym_id'               
4  2 'Structure model' '_atom_site.label_entity_id'             
5  2 'Structure model' '_chem_comp.mon_nstd_flag'               
6  2 'Structure model' '_chem_comp.name'                        
7  2 'Structure model' '_chem_comp.type'                        
8  2 'Structure model' '_pdbx_struct_assembly_gen.asym_id_list' 
9  2 'Structure model' '_struct_conn.pdbx_leaving_atom_flag'    
10 2 'Structure model' '_struct_conn.ptnr1_auth_asym_id'        
11 2 'Structure model' '_struct_conn.ptnr1_auth_seq_id'         
12 2 'Structure model' '_struct_conn.ptnr2_auth_asym_id'        
13 2 'Structure model' '_struct_conn.ptnr2_auth_seq_id'         
14 2 'Structure model' '_struct_conn.ptnr2_label_asym_id'       
15 3 'Structure model' '_atom_site.B_iso_or_equiv'              
16 3 'Structure model' '_atom_site.Cartn_x'                     
17 3 'Structure model' '_atom_site.Cartn_y'                     
18 3 'Structure model' '_atom_site.Cartn_z'                     
19 3 'Structure model' '_atom_site.auth_comp_id'                
20 3 'Structure model' '_atom_site.label_comp_id'               
21 3 'Structure model' '_chem_comp.formula'                     
22 3 'Structure model' '_chem_comp.formula_weight'              
23 3 'Structure model' '_chem_comp.id'                          
24 3 'Structure model' '_chem_comp.pdbx_synonyms'               
25 3 'Structure model' '_entity.formula_weight'                 
26 3 'Structure model' '_pdbx_entity_nonpoly.comp_id'           
27 3 'Structure model' '_pdbx_nonpoly_scheme.mon_id'            
28 3 'Structure model' '_pdbx_nonpoly_scheme.pdb_mon_id'        
29 4 'Structure model' '_database_2.pdbx_DOI'                   
30 4 'Structure model' '_database_2.pdbx_database_accession'    
# 
_diffrn_reflns.diffrn_id                   1 
_diffrn_reflns.pdbx_d_res_high             1.400 
_diffrn_reflns.pdbx_d_res_low              20.000 
_diffrn_reflns.pdbx_number_obs             22820 
_diffrn_reflns.pdbx_Rmerge_I_obs           0.061 
_diffrn_reflns.pdbx_Rsym_value             ? 
_diffrn_reflns.pdbx_chi_squared            0.87 
_diffrn_reflns.av_sigmaI_over_netI         37.58 
_diffrn_reflns.pdbx_redundancy             10.50 
_diffrn_reflns.pdbx_percent_possible_obs   95.60 
_diffrn_reflns.number                      238736 
_diffrn_reflns.pdbx_observed_criterion     ? 
_diffrn_reflns.limit_h_max                 ? 
_diffrn_reflns.limit_h_min                 ? 
_diffrn_reflns.limit_k_max                 ? 
_diffrn_reflns.limit_k_min                 ? 
_diffrn_reflns.limit_l_max                 ? 
_diffrn_reflns.limit_l_min                 ? 
# 
loop_
_pdbx_diffrn_reflns_shell.diffrn_id 
_pdbx_diffrn_reflns_shell.d_res_high 
_pdbx_diffrn_reflns_shell.d_res_low 
_pdbx_diffrn_reflns_shell.number_obs 
_pdbx_diffrn_reflns_shell.rejects 
_pdbx_diffrn_reflns_shell.Rmerge_I_obs 
_pdbx_diffrn_reflns_shell.Rsym_value 
_pdbx_diffrn_reflns_shell.chi_squared 
_pdbx_diffrn_reflns_shell.redundancy 
_pdbx_diffrn_reflns_shell.percent_possible_obs 
1 3.79 20.00 ? ? 0.030 ? 1.135 10.00 99.90 
1 3.01 3.79  ? ? 0.036 ? 1.186 10.60 99.60 
1 2.63 3.01  ? ? 0.047 ? 1.146 10.80 99.70 
1 2.39 2.63  ? ? 0.065 ? 1.370 10.90 98.80 
1 2.22 2.39  ? ? 0.071 ? 1.273 10.90 99.00 
1 2.09 2.22  ? ? 0.075 ? 1.160 11.00 98.70 
1 1.99 2.09  ? ? 0.081 ? 1.072 10.90 99.70 
1 1.90 1.99  ? ? 0.093 ? 0.952 10.90 98.10 
1 1.83 1.90  ? ? 0.117 ? 0.822 11.00 97.60 
1 1.76 1.83  ? ? 0.139 ? 0.759 11.00 98.50 
1 1.71 1.76  ? ? 0.161 ? 0.710 10.90 98.00 
1 1.66 1.71  ? ? 0.203 ? 0.699 10.60 96.60 
1 1.62 1.66  ? ? 0.238 ? 0.668 10.60 99.00 
1 1.58 1.62  ? ? 0.275 ? 0.604 10.90 95.60 
1 1.54 1.58  ? ? 0.317 ? 0.575 10.50 98.50 
1 1.51 1.54  ? ? 0.328 ? 0.572 10.10 94.50 
1 1.48 1.51  ? ? 0.366 ? 0.564 9.50  92.50 
1 1.45 1.48  ? ? 0.430 ? 0.547 9.10  88.80 
1 1.42 1.45  ? ? 0.423 ? 0.550 9.30  79.80 
1 1.40 1.42  ? ? 0.473 ? 0.515 8.80  76.80 
# 
loop_
_software.pdbx_ordinal 
_software.name 
_software.version 
_software.date 
_software.type 
_software.contact_author 
_software.contact_author_email 
_software.classification 
_software.location 
_software.language 
_software.citation_id 
1 DENZO       .    ?                program 'Zbyszek Otwinowski' hkl@hkl-xray.com         'data reduction'  
http://www.hkl-xray.com/                     ?          ? 
2 SCALEPACK   .    ?                program 'Zbyszek Otwinowski' hkl@hkl-xray.com         'data scaling'    
http://www.hkl-xray.com/                     ?          ? 
3 REFMAC      .    ?                program 'Garib N. Murshudov' garib@ysbl.york.ac.uk    refinement        
http://www.ccp4.ac.uk/dist/html/refmac5.html Fortran_77 ? 
4 PDB_EXTRACT 3.11 'April 22, 2011' package PDB                  deposit@deposit.rcsb.org 'data extraction' 
http://sw-tools.pdb.org/apps/PDB_EXTRACT/    C++        ? 
5 HKL-2000    .    ?                ?       ?                    ?                        'data collection' ? ?          ? 
6 HKL-2000    .    ?                ?       ?                    ?                        'data reduction'  ? ?          ? 
7 HKL-2000    .    ?                ?       ?                    ?                        'data scaling'    ? ?          ? 
8 PHASER      .    ?                ?       ?                    ?                        phasing           ? ?          ? 
9 MAIN        .    ?                ?       ?                    ?                        refinement        ? ?          ? 
# 
_pdbx_entry_details.entry_id                 4J2S 
_pdbx_entry_details.nonpolymer_details       
;THE LIGAND DENOTED AS BAM IS LIKELY TO BE BENZAMIDINE, BENZOIC ACID OR BENZAMIDE BASED ON THE SHAPE OF THE ELECTRON DENSITY.   
   
THE LIGANDS DENOTED AS MAG AND GAL ARE PART OF THE TETRASACCHARIDE DI-LACNAC, IUPAC CODE GAL B1-4 GLCNAC B1-3 GAL B1-4 GLCNAC. THE ELECTRON DENSITY WAS OBSERVED ONLY FOR THE FIRST TWO SUGAR RINGS, THEREFORE ONLY MAG AND GAL WERE MODELED.
;
_pdbx_entry_details.sequence_details         ? 
_pdbx_entry_details.compound_details         ? 
_pdbx_entry_details.source_details           ? 
_pdbx_entry_details.has_ligand_of_interest   ? 
# 
loop_
_pdbx_validate_close_contact.id 
_pdbx_validate_close_contact.PDB_model_num 
_pdbx_validate_close_contact.auth_atom_id_1 
_pdbx_validate_close_contact.auth_asym_id_1 
_pdbx_validate_close_contact.auth_comp_id_1 
_pdbx_validate_close_contact.auth_seq_id_1 
_pdbx_validate_close_contact.PDB_ins_code_1 
_pdbx_validate_close_contact.label_alt_id_1 
_pdbx_validate_close_contact.auth_atom_id_2 
_pdbx_validate_close_contact.auth_asym_id_2 
_pdbx_validate_close_contact.auth_comp_id_2 
_pdbx_validate_close_contact.auth_seq_id_2 
_pdbx_validate_close_contact.PDB_ins_code_2 
_pdbx_validate_close_contact.label_alt_id_2 
_pdbx_validate_close_contact.dist 
1 1 O A HOH 476 ? ? O A HOH 477 ? ? 2.03 
2 1 O A HOH 461 ? ? O A HOH 465 ? ? 2.13 
3 1 O A HOH 417 ? ? O A HOH 426 ? ? 2.14 
# 
_pdbx_validate_symm_contact.id                1 
_pdbx_validate_symm_contact.PDB_model_num     1 
_pdbx_validate_symm_contact.auth_atom_id_1    O 
_pdbx_validate_symm_contact.auth_asym_id_1    A 
_pdbx_validate_symm_contact.auth_comp_id_1    HOH 
_pdbx_validate_symm_contact.auth_seq_id_1     339 
_pdbx_validate_symm_contact.PDB_ins_code_1    ? 
_pdbx_validate_symm_contact.label_alt_id_1    ? 
_pdbx_validate_symm_contact.site_symmetry_1   1_555 
_pdbx_validate_symm_contact.auth_atom_id_2    O 
_pdbx_validate_symm_contact.auth_asym_id_2    A 
_pdbx_validate_symm_contact.auth_comp_id_2    HOH 
_pdbx_validate_symm_contact.auth_seq_id_2     346 
_pdbx_validate_symm_contact.PDB_ins_code_2    ? 
_pdbx_validate_symm_contact.label_alt_id_2    ? 
_pdbx_validate_symm_contact.site_symmetry_2   1_655 
_pdbx_validate_symm_contact.dist              2.17 
# 
_pdbx_validate_torsion.id              1 
_pdbx_validate_torsion.PDB_model_num   1 
_pdbx_validate_torsion.auth_comp_id    LYS 
_pdbx_validate_torsion.auth_asym_id    A 
_pdbx_validate_torsion.auth_seq_id     29 
_pdbx_validate_torsion.PDB_ins_code    ? 
_pdbx_validate_torsion.label_alt_id    ? 
_pdbx_validate_torsion.phi             -141.84 
_pdbx_validate_torsion.psi             -46.52 
# 
_pdbx_unobs_or_zero_occ_residues.id               1 
_pdbx_unobs_or_zero_occ_residues.PDB_model_num    1 
_pdbx_unobs_or_zero_occ_residues.polymer_flag     Y 
_pdbx_unobs_or_zero_occ_residues.occupancy_flag   1 
_pdbx_unobs_or_zero_occ_residues.auth_asym_id     A 
_pdbx_unobs_or_zero_occ_residues.auth_comp_id     SER 
_pdbx_unobs_or_zero_occ_residues.auth_seq_id      1 
_pdbx_unobs_or_zero_occ_residues.PDB_ins_code     ? 
_pdbx_unobs_or_zero_occ_residues.label_asym_id    A 
_pdbx_unobs_or_zero_occ_residues.label_comp_id    SER 
_pdbx_unobs_or_zero_occ_residues.label_seq_id     1 
# 
loop_
_chem_comp_atom.comp_id 
_chem_comp_atom.atom_id 
_chem_comp_atom.type_symbol 
_chem_comp_atom.pdbx_aromatic_flag 
_chem_comp_atom.pdbx_stereo_config 
_chem_comp_atom.pdbx_ordinal 
ALA N    N N N 1   
ALA CA   C N S 2   
ALA C    C N N 3   
ALA O    O N N 4   
ALA CB   C N N 5   
ALA OXT  O N N 6   
ALA H    H N N 7   
ALA H2   H N N 8   
ALA HA   H N N 9   
ALA HB1  H N N 10  
ALA HB2  H N N 11  
ALA HB3  H N N 12  
ALA HXT  H N N 13  
ARG N    N N N 14  
ARG CA   C N S 15  
ARG C    C N N 16  
ARG O    O N N 17  
ARG CB   C N N 18  
ARG CG   C N N 19  
ARG CD   C N N 20  
ARG NE   N N N 21  
ARG CZ   C N N 22  
ARG NH1  N N N 23  
ARG NH2  N N N 24  
ARG OXT  O N N 25  
ARG H    H N N 26  
ARG H2   H N N 27  
ARG HA   H N N 28  
ARG HB2  H N N 29  
ARG HB3  H N N 30  
ARG HG2  H N N 31  
ARG HG3  H N N 32  
ARG HD2  H N N 33  
ARG HD3  H N N 34  
ARG HE   H N N 35  
ARG HH11 H N N 36  
ARG HH12 H N N 37  
ARG HH21 H N N 38  
ARG HH22 H N N 39  
ARG HXT  H N N 40  
ASN N    N N N 41  
ASN CA   C N S 42  
ASN C    C N N 43  
ASN O    O N N 44  
ASN CB   C N N 45  
ASN CG   C N N 46  
ASN OD1  O N N 47  
ASN ND2  N N N 48  
ASN OXT  O N N 49  
ASN H    H N N 50  
ASN H2   H N N 51  
ASN HA   H N N 52  
ASN HB2  H N N 53  
ASN HB3  H N N 54  
ASN HD21 H N N 55  
ASN HD22 H N N 56  
ASN HXT  H N N 57  
ASP N    N N N 58  
ASP CA   C N S 59  
ASP C    C N N 60  
ASP O    O N N 61  
ASP CB   C N N 62  
ASP CG   C N N 63  
ASP OD1  O N N 64  
ASP OD2  O N N 65  
ASP OXT  O N N 66  
ASP H    H N N 67  
ASP H2   H N N 68  
ASP HA   H N N 69  
ASP HB2  H N N 70  
ASP HB3  H N N 71  
ASP HD2  H N N 72  
ASP HXT  H N N 73  
BEN C1   C Y N 74  
BEN C2   C Y N 75  
BEN C3   C Y N 76  
BEN C4   C Y N 77  
BEN C5   C Y N 78  
BEN C6   C Y N 79  
BEN C    C N N 80  
BEN N1   N N N 81  
BEN N2   N N N 82  
BEN H2   H N N 83  
BEN H3   H N N 84  
BEN H4   H N N 85  
BEN H5   H N N 86  
BEN H6   H N N 87  
BEN HN1  H N N 88  
BEN HN21 H N N 89  
BEN HN22 H N N 90  
GAL C1   C N R 91  
GAL C2   C N R 92  
GAL C3   C N S 93  
GAL C4   C N R 94  
GAL C5   C N R 95  
GAL C6   C N N 96  
GAL O1   O N N 97  
GAL O2   O N N 98  
GAL O3   O N N 99  
GAL O4   O N N 100 
GAL O5   O N N 101 
GAL O6   O N N 102 
GAL H1   H N N 103 
GAL H2   H N N 104 
GAL H3   H N N 105 
GAL H4   H N N 106 
GAL H5   H N N 107 
GAL H61  H N N 108 
GAL H62  H N N 109 
GAL HO1  H N N 110 
GAL HO2  H N N 111 
GAL HO3  H N N 112 
GAL HO4  H N N 113 
GAL HO6  H N N 114 
GLN N    N N N 115 
GLN CA   C N S 116 
GLN C    C N N 117 
GLN O    O N N 118 
GLN CB   C N N 119 
GLN CG   C N N 120 
GLN CD   C N N 121 
GLN OE1  O N N 122 
GLN NE2  N N N 123 
GLN OXT  O N N 124 
GLN H    H N N 125 
GLN H2   H N N 126 
GLN HA   H N N 127 
GLN HB2  H N N 128 
GLN HB3  H N N 129 
GLN HG2  H N N 130 
GLN HG3  H N N 131 
GLN HE21 H N N 132 
GLN HE22 H N N 133 
GLN HXT  H N N 134 
GLU N    N N N 135 
GLU CA   C N S 136 
GLU C    C N N 137 
GLU O    O N N 138 
GLU CB   C N N 139 
GLU CG   C N N 140 
GLU CD   C N N 141 
GLU OE1  O N N 142 
GLU OE2  O N N 143 
GLU OXT  O N N 144 
GLU H    H N N 145 
GLU H2   H N N 146 
GLU HA   H N N 147 
GLU HB2  H N N 148 
GLU HB3  H N N 149 
GLU HG2  H N N 150 
GLU HG3  H N N 151 
GLU HE2  H N N 152 
GLU HXT  H N N 153 
GLY N    N N N 154 
GLY CA   C N N 155 
GLY C    C N N 156 
GLY O    O N N 157 
GLY OXT  O N N 158 
GLY H    H N N 159 
GLY H2   H N N 160 
GLY HA2  H N N 161 
GLY HA3  H N N 162 
GLY HXT  H N N 163 
HIS N    N N N 164 
HIS CA   C N S 165 
HIS C    C N N 166 
HIS O    O N N 167 
HIS CB   C N N 168 
HIS CG   C Y N 169 
HIS ND1  N Y N 170 
HIS CD2  C Y N 171 
HIS CE1  C Y N 172 
HIS NE2  N Y N 173 
HIS OXT  O N N 174 
HIS H    H N N 175 
HIS H2   H N N 176 
HIS HA   H N N 177 
HIS HB2  H N N 178 
HIS HB3  H N N 179 
HIS HD1  H N N 180 
HIS HD2  H N N 181 
HIS HE1  H N N 182 
HIS HE2  H N N 183 
HIS HXT  H N N 184 
HOH O    O N N 185 
HOH H1   H N N 186 
HOH H2   H N N 187 
ILE N    N N N 188 
ILE CA   C N S 189 
ILE C    C N N 190 
ILE O    O N N 191 
ILE CB   C N S 192 
ILE CG1  C N N 193 
ILE CG2  C N N 194 
ILE CD1  C N N 195 
ILE OXT  O N N 196 
ILE H    H N N 197 
ILE H2   H N N 198 
ILE HA   H N N 199 
ILE HB   H N N 200 
ILE HG12 H N N 201 
ILE HG13 H N N 202 
ILE HG21 H N N 203 
ILE HG22 H N N 204 
ILE HG23 H N N 205 
ILE HD11 H N N 206 
ILE HD12 H N N 207 
ILE HD13 H N N 208 
ILE HXT  H N N 209 
LEU N    N N N 210 
LEU CA   C N S 211 
LEU C    C N N 212 
LEU O    O N N 213 
LEU CB   C N N 214 
LEU CG   C N N 215 
LEU CD1  C N N 216 
LEU CD2  C N N 217 
LEU OXT  O N N 218 
LEU H    H N N 219 
LEU H2   H N N 220 
LEU HA   H N N 221 
LEU HB2  H N N 222 
LEU HB3  H N N 223 
LEU HG   H N N 224 
LEU HD11 H N N 225 
LEU HD12 H N N 226 
LEU HD13 H N N 227 
LEU HD21 H N N 228 
LEU HD22 H N N 229 
LEU HD23 H N N 230 
LEU HXT  H N N 231 
LYS N    N N N 232 
LYS CA   C N S 233 
LYS C    C N N 234 
LYS O    O N N 235 
LYS CB   C N N 236 
LYS CG   C N N 237 
LYS CD   C N N 238 
LYS CE   C N N 239 
LYS NZ   N N N 240 
LYS OXT  O N N 241 
LYS H    H N N 242 
LYS H2   H N N 243 
LYS HA   H N N 244 
LYS HB2  H N N 245 
LYS HB3  H N N 246 
LYS HG2  H N N 247 
LYS HG3  H N N 248 
LYS HD2  H N N 249 
LYS HD3  H N N 250 
LYS HE2  H N N 251 
LYS HE3  H N N 252 
LYS HZ1  H N N 253 
LYS HZ2  H N N 254 
LYS HZ3  H N N 255 
LYS HXT  H N N 256 
MAG C1   C N R 257 
MAG C2   C N R 258 
MAG C3   C N R 259 
MAG C4   C N S 260 
MAG C5   C N R 261 
MAG C6   C N N 262 
MAG C7   C N N 263 
MAG C8   C N N 264 
MAG N2   N N N 265 
MAG O1   O N N 266 
MAG O3   O N N 267 
MAG O4   O N N 268 
MAG O5   O N N 269 
MAG O6   O N N 270 
MAG O7   O N N 271 
MAG CM   C N N 272 
MAG H1   H N N 273 
MAG H2   H N N 274 
MAG H3   H N N 275 
MAG H4   H N N 276 
MAG H5   H N N 277 
MAG H61  H N N 278 
MAG H62  H N N 279 
MAG H81  H N N 280 
MAG H82  H N N 281 
MAG H83  H N N 282 
MAG HN2  H N N 283 
MAG HO3  H N N 284 
MAG HO4  H N N 285 
MAG HO6  H N N 286 
MAG HM1  H N N 287 
MAG HM2  H N N 288 
MAG HM3  H N N 289 
PHE N    N N N 290 
PHE CA   C N S 291 
PHE C    C N N 292 
PHE O    O N N 293 
PHE CB   C N N 294 
PHE CG   C Y N 295 
PHE CD1  C Y N 296 
PHE CD2  C Y N 297 
PHE CE1  C Y N 298 
PHE CE2  C Y N 299 
PHE CZ   C Y N 300 
PHE OXT  O N N 301 
PHE H    H N N 302 
PHE H2   H N N 303 
PHE HA   H N N 304 
PHE HB2  H N N 305 
PHE HB3  H N N 306 
PHE HD1  H N N 307 
PHE HD2  H N N 308 
PHE HE1  H N N 309 
PHE HE2  H N N 310 
PHE HZ   H N N 311 
PHE HXT  H N N 312 
PRO N    N N N 313 
PRO CA   C N S 314 
PRO C    C N N 315 
PRO O    O N N 316 
PRO CB   C N N 317 
PRO CG   C N N 318 
PRO CD   C N N 319 
PRO OXT  O N N 320 
PRO H    H N N 321 
PRO HA   H N N 322 
PRO HB2  H N N 323 
PRO HB3  H N N 324 
PRO HG2  H N N 325 
PRO HG3  H N N 326 
PRO HD2  H N N 327 
PRO HD3  H N N 328 
PRO HXT  H N N 329 
SER N    N N N 330 
SER CA   C N S 331 
SER C    C N N 332 
SER O    O N N 333 
SER CB   C N N 334 
SER OG   O N N 335 
SER OXT  O N N 336 
SER H    H N N 337 
SER H2   H N N 338 
SER HA   H N N 339 
SER HB2  H N N 340 
SER HB3  H N N 341 
SER HG   H N N 342 
SER HXT  H N N 343 
THR N    N N N 344 
THR CA   C N S 345 
THR C    C N N 346 
THR O    O N N 347 
THR CB   C N R 348 
THR OG1  O N N 349 
THR CG2  C N N 350 
THR OXT  O N N 351 
THR H    H N N 352 
THR H2   H N N 353 
THR HA   H N N 354 
THR HB   H N N 355 
THR HG1  H N N 356 
THR HG21 H N N 357 
THR HG22 H N N 358 
THR HG23 H N N 359 
THR HXT  H N N 360 
TRP N    N N N 361 
TRP CA   C N S 362 
TRP C    C N N 363 
TRP O    O N N 364 
TRP CB   C N N 365 
TRP CG   C Y N 366 
TRP CD1  C Y N 367 
TRP CD2  C Y N 368 
TRP NE1  N Y N 369 
TRP CE2  C Y N 370 
TRP CE3  C Y N 371 
TRP CZ2  C Y N 372 
TRP CZ3  C Y N 373 
TRP CH2  C Y N 374 
TRP OXT  O N N 375 
TRP H    H N N 376 
TRP H2   H N N 377 
TRP HA   H N N 378 
TRP HB2  H N N 379 
TRP HB3  H N N 380 
TRP HD1  H N N 381 
TRP HE1  H N N 382 
TRP HE3  H N N 383 
TRP HZ2  H N N 384 
TRP HZ3  H N N 385 
TRP HH2  H N N 386 
TRP HXT  H N N 387 
TYR N    N N N 388 
TYR CA   C N S 389 
TYR C    C N N 390 
TYR O    O N N 391 
TYR CB   C N N 392 
TYR CG   C Y N 393 
TYR CD1  C Y N 394 
TYR CD2  C Y N 395 
TYR CE1  C Y N 396 
TYR CE2  C Y N 397 
TYR CZ   C Y N 398 
TYR OH   O N N 399 
TYR OXT  O N N 400 
TYR H    H N N 401 
TYR H2   H N N 402 
TYR HA   H N N 403 
TYR HB2  H N N 404 
TYR HB3  H N N 405 
TYR HD1  H N N 406 
TYR HD2  H N N 407 
TYR HE1  H N N 408 
TYR HE2  H N N 409 
TYR HH   H N N 410 
TYR HXT  H N N 411 
VAL N    N N N 412 
VAL CA   C N S 413 
VAL C    C N N 414 
VAL O    O N N 415 
VAL CB   C N N 416 
VAL CG1  C N N 417 
VAL CG2  C N N 418 
VAL OXT  O N N 419 
VAL H    H N N 420 
VAL H2   H N N 421 
VAL HA   H N N 422 
VAL HB   H N N 423 
VAL HG11 H N N 424 
VAL HG12 H N N 425 
VAL HG13 H N N 426 
VAL HG21 H N N 427 
VAL HG22 H N N 428 
VAL HG23 H N N 429 
VAL HXT  H N N 430 
# 
loop_
_chem_comp_bond.comp_id 
_chem_comp_bond.atom_id_1 
_chem_comp_bond.atom_id_2 
_chem_comp_bond.value_order 
_chem_comp_bond.pdbx_aromatic_flag 
_chem_comp_bond.pdbx_stereo_config 
_chem_comp_bond.pdbx_ordinal 
ALA N   CA   sing N N 1   
ALA N   H    sing N N 2   
ALA N   H2   sing N N 3   
ALA CA  C    sing N N 4   
ALA CA  CB   sing N N 5   
ALA CA  HA   sing N N 6   
ALA C   O    doub N N 7   
ALA C   OXT  sing N N 8   
ALA CB  HB1  sing N N 9   
ALA CB  HB2  sing N N 10  
ALA CB  HB3  sing N N 11  
ALA OXT HXT  sing N N 12  
ARG N   CA   sing N N 13  
ARG N   H    sing N N 14  
ARG N   H2   sing N N 15  
ARG CA  C    sing N N 16  
ARG CA  CB   sing N N 17  
ARG CA  HA   sing N N 18  
ARG C   O    doub N N 19  
ARG C   OXT  sing N N 20  
ARG CB  CG   sing N N 21  
ARG CB  HB2  sing N N 22  
ARG CB  HB3  sing N N 23  
ARG CG  CD   sing N N 24  
ARG CG  HG2  sing N N 25  
ARG CG  HG3  sing N N 26  
ARG CD  NE   sing N N 27  
ARG CD  HD2  sing N N 28  
ARG CD  HD3  sing N N 29  
ARG NE  CZ   sing N N 30  
ARG NE  HE   sing N N 31  
ARG CZ  NH1  sing N N 32  
ARG CZ  NH2  doub N N 33  
ARG NH1 HH11 sing N N 34  
ARG NH1 HH12 sing N N 35  
ARG NH2 HH21 sing N N 36  
ARG NH2 HH22 sing N N 37  
ARG OXT HXT  sing N N 38  
ASN N   CA   sing N N 39  
ASN N   H    sing N N 40  
ASN N   H2   sing N N 41  
ASN CA  C    sing N N 42  
ASN CA  CB   sing N N 43  
ASN CA  HA   sing N N 44  
ASN C   O    doub N N 45  
ASN C   OXT  sing N N 46  
ASN CB  CG   sing N N 47  
ASN CB  HB2  sing N N 48  
ASN CB  HB3  sing N N 49  
ASN CG  OD1  doub N N 50  
ASN CG  ND2  sing N N 51  
ASN ND2 HD21 sing N N 52  
ASN ND2 HD22 sing N N 53  
ASN OXT HXT  sing N N 54  
ASP N   CA   sing N N 55  
ASP N   H    sing N N 56  
ASP N   H2   sing N N 57  
ASP CA  C    sing N N 58  
ASP CA  CB   sing N N 59  
ASP CA  HA   sing N N 60  
ASP C   O    doub N N 61  
ASP C   OXT  sing N N 62  
ASP CB  CG   sing N N 63  
ASP CB  HB2  sing N N 64  
ASP CB  HB3  sing N N 65  
ASP CG  OD1  doub N N 66  
ASP CG  OD2  sing N N 67  
ASP OD2 HD2  sing N N 68  
ASP OXT HXT  sing N N 69  
BEN C1  C2   doub Y N 70  
BEN C1  C6   sing Y N 71  
BEN C1  C    sing N N 72  
BEN C2  C3   sing Y N 73  
BEN C2  H2   sing N N 74  
BEN C3  C4   doub Y N 75  
BEN C3  H3   sing N N 76  
BEN C4  C5   sing Y N 77  
BEN C4  H4   sing N N 78  
BEN C5  C6   doub Y N 79  
BEN C5  H5   sing N N 80  
BEN C6  H6   sing N N 81  
BEN C   N1   doub N E 82  
BEN C   N2   sing N N 83  
BEN N1  HN1  sing N N 84  
BEN N2  HN21 sing N N 85  
BEN N2  HN22 sing N N 86  
GAL C1  C2   sing N N 87  
GAL C1  O1   sing N N 88  
GAL C1  O5   sing N N 89  
GAL C1  H1   sing N N 90  
GAL C2  C3   sing N N 91  
GAL C2  O2   sing N N 92  
GAL C2  H2   sing N N 93  
GAL C3  C4   sing N N 94  
GAL C3  O3   sing N N 95  
GAL C3  H3   sing N N 96  
GAL C4  C5   sing N N 97  
GAL C4  O4   sing N N 98  
GAL C4  H4   sing N N 99  
GAL C5  C6   sing N N 100 
GAL C5  O5   sing N N 101 
GAL C5  H5   sing N N 102 
GAL C6  O6   sing N N 103 
GAL C6  H61  sing N N 104 
GAL C6  H62  sing N N 105 
GAL O1  HO1  sing N N 106 
GAL O2  HO2  sing N N 107 
GAL O3  HO3  sing N N 108 
GAL O4  HO4  sing N N 109 
GAL O6  HO6  sing N N 110 
GLN N   CA   sing N N 111 
GLN N   H    sing N N 112 
GLN N   H2   sing N N 113 
GLN CA  C    sing N N 114 
GLN CA  CB   sing N N 115 
GLN CA  HA   sing N N 116 
GLN C   O    doub N N 117 
GLN C   OXT  sing N N 118 
GLN CB  CG   sing N N 119 
GLN CB  HB2  sing N N 120 
GLN CB  HB3  sing N N 121 
GLN CG  CD   sing N N 122 
GLN CG  HG2  sing N N 123 
GLN CG  HG3  sing N N 124 
GLN CD  OE1  doub N N 125 
GLN CD  NE2  sing N N 126 
GLN NE2 HE21 sing N N 127 
GLN NE2 HE22 sing N N 128 
GLN OXT HXT  sing N N 129 
GLU N   CA   sing N N 130 
GLU N   H    sing N N 131 
GLU N   H2   sing N N 132 
GLU CA  C    sing N N 133 
GLU CA  CB   sing N N 134 
GLU CA  HA   sing N N 135 
GLU C   O    doub N N 136 
GLU C   OXT  sing N N 137 
GLU CB  CG   sing N N 138 
GLU CB  HB2  sing N N 139 
GLU CB  HB3  sing N N 140 
GLU CG  CD   sing N N 141 
GLU CG  HG2  sing N N 142 
GLU CG  HG3  sing N N 143 
GLU CD  OE1  doub N N 144 
GLU CD  OE2  sing N N 145 
GLU OE2 HE2  sing N N 146 
GLU OXT HXT  sing N N 147 
GLY N   CA   sing N N 148 
GLY N   H    sing N N 149 
GLY N   H2   sing N N 150 
GLY CA  C    sing N N 151 
GLY CA  HA2  sing N N 152 
GLY CA  HA3  sing N N 153 
GLY C   O    doub N N 154 
GLY C   OXT  sing N N 155 
GLY OXT HXT  sing N N 156 
HIS N   CA   sing N N 157 
HIS N   H    sing N N 158 
HIS N   H2   sing N N 159 
HIS CA  C    sing N N 160 
HIS CA  CB   sing N N 161 
HIS CA  HA   sing N N 162 
HIS C   O    doub N N 163 
HIS C   OXT  sing N N 164 
HIS CB  CG   sing N N 165 
HIS CB  HB2  sing N N 166 
HIS CB  HB3  sing N N 167 
HIS CG  ND1  sing Y N 168 
HIS CG  CD2  doub Y N 169 
HIS ND1 CE1  doub Y N 170 
HIS ND1 HD1  sing N N 171 
HIS CD2 NE2  sing Y N 172 
HIS CD2 HD2  sing N N 173 
HIS CE1 NE2  sing Y N 174 
HIS CE1 HE1  sing N N 175 
HIS NE2 HE2  sing N N 176 
HIS OXT HXT  sing N N 177 
HOH O   H1   sing N N 178 
HOH O   H2   sing N N 179 
ILE N   CA   sing N N 180 
ILE N   H    sing N N 181 
ILE N   H2   sing N N 182 
ILE CA  C    sing N N 183 
ILE CA  CB   sing N N 184 
ILE CA  HA   sing N N 185 
ILE C   O    doub N N 186 
ILE C   OXT  sing N N 187 
ILE CB  CG1  sing N N 188 
ILE CB  CG2  sing N N 189 
ILE CB  HB   sing N N 190 
ILE CG1 CD1  sing N N 191 
ILE CG1 HG12 sing N N 192 
ILE CG1 HG13 sing N N 193 
ILE CG2 HG21 sing N N 194 
ILE CG2 HG22 sing N N 195 
ILE CG2 HG23 sing N N 196 
ILE CD1 HD11 sing N N 197 
ILE CD1 HD12 sing N N 198 
ILE CD1 HD13 sing N N 199 
ILE OXT HXT  sing N N 200 
LEU N   CA   sing N N 201 
LEU N   H    sing N N 202 
LEU N   H2   sing N N 203 
LEU CA  C    sing N N 204 
LEU CA  CB   sing N N 205 
LEU CA  HA   sing N N 206 
LEU C   O    doub N N 207 
LEU C   OXT  sing N N 208 
LEU CB  CG   sing N N 209 
LEU CB  HB2  sing N N 210 
LEU CB  HB3  sing N N 211 
LEU CG  CD1  sing N N 212 
LEU CG  CD2  sing N N 213 
LEU CG  HG   sing N N 214 
LEU CD1 HD11 sing N N 215 
LEU CD1 HD12 sing N N 216 
LEU CD1 HD13 sing N N 217 
LEU CD2 HD21 sing N N 218 
LEU CD2 HD22 sing N N 219 
LEU CD2 HD23 sing N N 220 
LEU OXT HXT  sing N N 221 
LYS N   CA   sing N N 222 
LYS N   H    sing N N 223 
LYS N   H2   sing N N 224 
LYS CA  C    sing N N 225 
LYS CA  CB   sing N N 226 
LYS CA  HA   sing N N 227 
LYS C   O    doub N N 228 
LYS C   OXT  sing N N 229 
LYS CB  CG   sing N N 230 
LYS CB  HB2  sing N N 231 
LYS CB  HB3  sing N N 232 
LYS CG  CD   sing N N 233 
LYS CG  HG2  sing N N 234 
LYS CG  HG3  sing N N 235 
LYS CD  CE   sing N N 236 
LYS CD  HD2  sing N N 237 
LYS CD  HD3  sing N N 238 
LYS CE  NZ   sing N N 239 
LYS CE  HE2  sing N N 240 
LYS CE  HE3  sing N N 241 
LYS NZ  HZ1  sing N N 242 
LYS NZ  HZ2  sing N N 243 
LYS NZ  HZ3  sing N N 244 
LYS OXT HXT  sing N N 245 
MAG C1  C2   sing N N 246 
MAG C1  O1   sing N N 247 
MAG C1  O5   sing N N 248 
MAG C1  H1   sing N N 249 
MAG C2  C3   sing N N 250 
MAG C2  N2   sing N N 251 
MAG C2  H2   sing N N 252 
MAG C3  C4   sing N N 253 
MAG C3  O3   sing N N 254 
MAG C3  H3   sing N N 255 
MAG C4  C5   sing N N 256 
MAG C4  O4   sing N N 257 
MAG C4  H4   sing N N 258 
MAG C5  C6   sing N N 259 
MAG C5  O5   sing N N 260 
MAG C5  H5   sing N N 261 
MAG C6  O6   sing N N 262 
MAG C6  H61  sing N N 263 
MAG C6  H62  sing N N 264 
MAG C7  C8   sing N N 265 
MAG C7  N2   sing N N 266 
MAG C7  O7   doub N N 267 
MAG C8  H81  sing N N 268 
MAG C8  H82  sing N N 269 
MAG C8  H83  sing N N 270 
MAG N2  HN2  sing N N 271 
MAG O1  CM   sing N N 272 
MAG O3  HO3  sing N N 273 
MAG O4  HO4  sing N N 274 
MAG O6  HO6  sing N N 275 
MAG CM  HM1  sing N N 276 
MAG CM  HM2  sing N N 277 
MAG CM  HM3  sing N N 278 
PHE N   CA   sing N N 279 
PHE N   H    sing N N 280 
PHE N   H2   sing N N 281 
PHE CA  C    sing N N 282 
PHE CA  CB   sing N N 283 
PHE CA  HA   sing N N 284 
PHE C   O    doub N N 285 
PHE C   OXT  sing N N 286 
PHE CB  CG   sing N N 287 
PHE CB  HB2  sing N N 288 
PHE CB  HB3  sing N N 289 
PHE CG  CD1  doub Y N 290 
PHE CG  CD2  sing Y N 291 
PHE CD1 CE1  sing Y N 292 
PHE CD1 HD1  sing N N 293 
PHE CD2 CE2  doub Y N 294 
PHE CD2 HD2  sing N N 295 
PHE CE1 CZ   doub Y N 296 
PHE CE1 HE1  sing N N 297 
PHE CE2 CZ   sing Y N 298 
PHE CE2 HE2  sing N N 299 
PHE CZ  HZ   sing N N 300 
PHE OXT HXT  sing N N 301 
PRO N   CA   sing N N 302 
PRO N   CD   sing N N 303 
PRO N   H    sing N N 304 
PRO CA  C    sing N N 305 
PRO CA  CB   sing N N 306 
PRO CA  HA   sing N N 307 
PRO C   O    doub N N 308 
PRO C   OXT  sing N N 309 
PRO CB  CG   sing N N 310 
PRO CB  HB2  sing N N 311 
PRO CB  HB3  sing N N 312 
PRO CG  CD   sing N N 313 
PRO CG  HG2  sing N N 314 
PRO CG  HG3  sing N N 315 
PRO CD  HD2  sing N N 316 
PRO CD  HD3  sing N N 317 
PRO OXT HXT  sing N N 318 
SER N   CA   sing N N 319 
SER N   H    sing N N 320 
SER N   H2   sing N N 321 
SER CA  C    sing N N 322 
SER CA  CB   sing N N 323 
SER CA  HA   sing N N 324 
SER C   O    doub N N 325 
SER C   OXT  sing N N 326 
SER CB  OG   sing N N 327 
SER CB  HB2  sing N N 328 
SER CB  HB3  sing N N 329 
SER OG  HG   sing N N 330 
SER OXT HXT  sing N N 331 
THR N   CA   sing N N 332 
THR N   H    sing N N 333 
THR N   H2   sing N N 334 
THR CA  C    sing N N 335 
THR CA  CB   sing N N 336 
THR CA  HA   sing N N 337 
THR C   O    doub N N 338 
THR C   OXT  sing N N 339 
THR CB  OG1  sing N N 340 
THR CB  CG2  sing N N 341 
THR CB  HB   sing N N 342 
THR OG1 HG1  sing N N 343 
THR CG2 HG21 sing N N 344 
THR CG2 HG22 sing N N 345 
THR CG2 HG23 sing N N 346 
THR OXT HXT  sing N N 347 
TRP N   CA   sing N N 348 
TRP N   H    sing N N 349 
TRP N   H2   sing N N 350 
TRP CA  C    sing N N 351 
TRP CA  CB   sing N N 352 
TRP CA  HA   sing N N 353 
TRP C   O    doub N N 354 
TRP C   OXT  sing N N 355 
TRP CB  CG   sing N N 356 
TRP CB  HB2  sing N N 357 
TRP CB  HB3  sing N N 358 
TRP CG  CD1  doub Y N 359 
TRP CG  CD2  sing Y N 360 
TRP CD1 NE1  sing Y N 361 
TRP CD1 HD1  sing N N 362 
TRP CD2 CE2  doub Y N 363 
TRP CD2 CE3  sing Y N 364 
TRP NE1 CE2  sing Y N 365 
TRP NE1 HE1  sing N N 366 
TRP CE2 CZ2  sing Y N 367 
TRP CE3 CZ3  doub Y N 368 
TRP CE3 HE3  sing N N 369 
TRP CZ2 CH2  doub Y N 370 
TRP CZ2 HZ2  sing N N 371 
TRP CZ3 CH2  sing Y N 372 
TRP CZ3 HZ3  sing N N 373 
TRP CH2 HH2  sing N N 374 
TRP OXT HXT  sing N N 375 
TYR N   CA   sing N N 376 
TYR N   H    sing N N 377 
TYR N   H2   sing N N 378 
TYR CA  C    sing N N 379 
TYR CA  CB   sing N N 380 
TYR CA  HA   sing N N 381 
TYR C   O    doub N N 382 
TYR C   OXT  sing N N 383 
TYR CB  CG   sing N N 384 
TYR CB  HB2  sing N N 385 
TYR CB  HB3  sing N N 386 
TYR CG  CD1  doub Y N 387 
TYR CG  CD2  sing Y N 388 
TYR CD1 CE1  sing Y N 389 
TYR CD1 HD1  sing N N 390 
TYR CD2 CE2  doub Y N 391 
TYR CD2 HD2  sing N N 392 
TYR CE1 CZ   doub Y N 393 
TYR CE1 HE1  sing N N 394 
TYR CE2 CZ   sing Y N 395 
TYR CE2 HE2  sing N N 396 
TYR CZ  OH   sing N N 397 
TYR OH  HH   sing N N 398 
TYR OXT HXT  sing N N 399 
VAL N   CA   sing N N 400 
VAL N   H    sing N N 401 
VAL N   H2   sing N N 402 
VAL CA  C    sing N N 403 
VAL CA  CB   sing N N 404 
VAL CA  HA   sing N N 405 
VAL C   O    doub N N 406 
VAL C   OXT  sing N N 407 
VAL CB  CG1  sing N N 408 
VAL CB  CG2  sing N N 409 
VAL CB  HB   sing N N 410 
VAL CG1 HG11 sing N N 411 
VAL CG1 HG12 sing N N 412 
VAL CG1 HG13 sing N N 413 
VAL CG2 HG21 sing N N 414 
VAL CG2 HG22 sing N N 415 
VAL CG2 HG23 sing N N 416 
VAL OXT HXT  sing N N 417 
# 
loop_
_pdbx_branch_scheme.asym_id 
_pdbx_branch_scheme.entity_id 
_pdbx_branch_scheme.mon_id 
_pdbx_branch_scheme.num 
_pdbx_branch_scheme.pdb_asym_id 
_pdbx_branch_scheme.pdb_mon_id 
_pdbx_branch_scheme.pdb_seq_num 
_pdbx_branch_scheme.auth_asym_id 
_pdbx_branch_scheme.auth_mon_id 
_pdbx_branch_scheme.auth_seq_num 
_pdbx_branch_scheme.hetero 
B 2 MAG 1 B MAG 1 ? C2 282 n 
B 2 GAL 2 B GAL 2 ? C1 282 n 
# 
loop_
_pdbx_chem_comp_identifier.comp_id 
_pdbx_chem_comp_identifier.type 
_pdbx_chem_comp_identifier.program 
_pdbx_chem_comp_identifier.program_version 
_pdbx_chem_comp_identifier.identifier 
GAL 'CONDENSED IUPAC CARBOHYDRATE SYMBOL' GMML     1.0 DGalpb                              
GAL 'COMMON NAME'                         GMML     1.0 b-D-galactopyranose                 
GAL 'IUPAC CARBOHYDRATE SYMBOL'           PDB-CARE 1.0 b-D-Galp                            
GAL 'SNFG CARBOHYDRATE SYMBOL'            GMML     1.0 Gal                                 
MAG 'CONDENSED IUPAC CARBOHYDRATE SYMBOL' GMML     1.0 'DGlcpNAc[1Me]b'                    
MAG 'COMMON NAME'                         GMML     1.0 1-methyl-N-acetyl-b-D-glucopyranose 
MAG 'IUPAC CARBOHYDRATE SYMBOL'           PDB-CARE 1.0 a-methyl-N-acetyl-D-glucosamine     
# 
_pdbx_entity_branch.entity_id   2 
_pdbx_entity_branch.type        oligosaccharide 
# 
loop_
_pdbx_entity_branch_descriptor.ordinal 
_pdbx_entity_branch_descriptor.entity_id 
_pdbx_entity_branch_descriptor.descriptor 
_pdbx_entity_branch_descriptor.type 
_pdbx_entity_branch_descriptor.program 
_pdbx_entity_branch_descriptor.program_version 
1 2 'DGalpb1-4DGlcpNAc[1Me]b1-OME'                                            'Glycam Condensed Sequence' GMML       1.0   
2 2 'WURCS=2.0/2,2,1/[a2122h-1b_1-5_1*OC_2*NCC/3=O][a2112h-1b_1-5]/1-2/a4-b1' WURCS                       PDB2Glycan 1.1.0 
3 2 '[][methyl]{[(1+1)][b-D-GlcpNAc]{[(4+1)][b-D-Galp]{}}}'                   LINUCS                      PDB-CARE   ?     
# 
_pdbx_entity_branch_link.link_id                    1 
_pdbx_entity_branch_link.entity_id                  2 
_pdbx_entity_branch_link.entity_branch_list_num_1   2 
_pdbx_entity_branch_link.comp_id_1                  GAL 
_pdbx_entity_branch_link.atom_id_1                  C1 
_pdbx_entity_branch_link.leaving_atom_id_1          O1 
_pdbx_entity_branch_link.entity_branch_list_num_2   1 
_pdbx_entity_branch_link.comp_id_2                  MAG 
_pdbx_entity_branch_link.atom_id_2                  O4 
_pdbx_entity_branch_link.leaving_atom_id_2          HO4 
_pdbx_entity_branch_link.value_order                sing 
_pdbx_entity_branch_link.details                    ? 
# 
loop_
_pdbx_entity_branch_list.entity_id 
_pdbx_entity_branch_list.comp_id 
_pdbx_entity_branch_list.num 
_pdbx_entity_branch_list.hetero 
2 MAG 1 n 
2 GAL 2 n 
# 
loop_
_pdbx_entity_nonpoly.entity_id 
_pdbx_entity_nonpoly.name 
_pdbx_entity_nonpoly.comp_id 
3 BENZAMIDINE BEN 
4 water       HOH 
# 
_pdbx_initial_refinement_model.id               1 
_pdbx_initial_refinement_model.entity_id_list   ? 
_pdbx_initial_refinement_model.type             'experimental model' 
_pdbx_initial_refinement_model.source_name      PDB 
_pdbx_initial_refinement_model.accession_code   4ION 
_pdbx_initial_refinement_model.details          ? 
# 
